data_2Q78
#
_entry.id   2Q78
#
_cell.length_a   60.347
_cell.length_b   90.706
_cell.length_c   230.420
_cell.angle_alpha   90.000
_cell.angle_beta   90.000
_cell.angle_gamma   90.000
#
_symmetry.space_group_name_H-M   'P 21 21 21'
#
loop_
_entity.id
_entity.type
_entity.pdbx_description
1 polymer 'Uncharacterized protein'
2 non-polymer 'MALONYL-COENZYME A'
3 non-polymer 'CHLORIDE ION'
4 water water
#
_entity_poly.entity_id   1
_entity_poly.type   'polypeptide(L)'
_entity_poly.pdbx_seq_one_letter_code
;(MSE)GSDKIHHHHHH(MSE)(MSE)DFDFLEGKRLTEDVALDET(MSE)VWNEDIE(MSE)LDLHLVATSALIGVVHRV
SYELLSRYLPNDYTAVVVETLARHVKAVPTGTRVAVGVRVVGVVGNRVKFRGIV(MSE)SGDEKILEAEFVRAIVPREKL
RRLALEKAEKTSRLFGI
;
_entity_poly.pdbx_strand_id   A,B,C,D,E,F,G,H
#
loop_
_chem_comp.id
_chem_comp.type
_chem_comp.name
_chem_comp.formula
CL non-polymer 'CHLORIDE ION' 'Cl -1'
MLC non-polymer 'MALONYL-COENZYME A' 'C24 H38 N7 O19 P3 S'
#
# COMPACT_ATOMS: atom_id res chain seq x y z
N HIS A 8 20.92 -33.91 29.80
CA HIS A 8 20.26 -35.23 30.03
C HIS A 8 18.74 -35.06 30.11
N HIS A 9 18.27 -33.83 30.34
CA HIS A 9 16.87 -33.48 30.09
C HIS A 9 16.75 -32.89 28.68
N HIS A 10 17.25 -33.76 27.81
CA HIS A 10 17.46 -33.55 26.41
C HIS A 10 17.09 -34.93 25.92
N HIS A 11 15.79 -35.12 25.98
CA HIS A 11 15.17 -36.32 25.59
C HIS A 11 13.81 -35.93 25.08
N HIS A 12 13.76 -35.03 24.10
CA HIS A 12 12.51 -34.71 23.44
C HIS A 12 12.69 -34.79 21.93
N MSE A 13 12.19 -35.86 21.33
CA MSE A 13 12.31 -36.15 19.91
C MSE A 13 11.12 -37.02 19.49
O MSE A 13 11.19 -38.25 19.50
CB MSE A 13 13.59 -36.91 19.65
CG MSE A 13 13.93 -37.02 18.20
SE MSE A 13 14.52 -35.24 17.54
CE MSE A 13 16.26 -35.13 18.66
N MSE A 14 10.05 -36.34 19.11
CA MSE A 14 8.80 -36.91 18.71
C MSE A 14 8.50 -36.57 17.26
O MSE A 14 8.99 -35.58 16.72
CB MSE A 14 7.69 -36.26 19.53
CG MSE A 14 7.85 -36.45 21.00
SE MSE A 14 6.60 -37.78 21.56
CE MSE A 14 7.21 -38.24 23.57
N ASP A 15 7.62 -37.36 16.65
CA ASP A 15 6.98 -36.99 15.41
C ASP A 15 5.53 -36.72 15.81
N PHE A 16 5.13 -35.46 15.73
CA PHE A 16 3.76 -35.09 16.12
C PHE A 16 2.74 -35.24 15.00
N ASP A 17 3.14 -35.85 13.88
CA ASP A 17 2.23 -35.98 12.75
C ASP A 17 0.96 -36.76 13.09
N PHE A 18 0.96 -37.54 14.17
CA PHE A 18 -0.25 -38.19 14.64
C PHE A 18 -1.42 -37.21 14.87
N LEU A 19 -1.12 -35.92 14.96
CA LEU A 19 -2.14 -34.88 15.13
C LEU A 19 -2.86 -34.46 13.83
N GLU A 20 -2.30 -34.82 12.70
CA GLU A 20 -2.84 -34.34 11.44
C GLU A 20 -4.25 -34.86 11.24
N GLY A 21 -5.17 -33.97 10.89
CA GLY A 21 -6.54 -34.38 10.58
C GLY A 21 -7.48 -34.33 11.77
N LYS A 22 -6.96 -34.15 12.97
CA LYS A 22 -7.83 -34.03 14.14
C LYS A 22 -8.65 -32.75 14.03
N ARG A 23 -9.89 -32.80 14.51
CA ARG A 23 -10.78 -31.64 14.47
C ARG A 23 -11.64 -31.58 15.70
N LEU A 24 -12.19 -30.38 15.96
CA LEU A 24 -13.10 -30.19 17.08
C LEU A 24 -13.96 -29.00 16.80
N THR A 25 -15.24 -29.14 17.09
CA THR A 25 -16.20 -28.06 17.02
C THR A 25 -16.85 -27.90 18.38
N GLU A 26 -16.98 -26.67 18.85
CA GLU A 26 -17.66 -26.38 20.09
C GLU A 26 -18.59 -25.20 19.94
N ASP A 27 -19.64 -25.17 20.75
CA ASP A 27 -20.46 -23.97 20.89
C ASP A 27 -19.84 -23.12 21.99
N VAL A 28 -19.65 -21.85 21.71
CA VAL A 28 -18.98 -20.96 22.65
C VAL A 28 -19.83 -19.71 22.86
N ALA A 29 -19.99 -19.33 24.11
CA ALA A 29 -20.73 -18.14 24.48
C ALA A 29 -19.82 -16.92 24.29
N LEU A 30 -20.34 -15.87 23.63
CA LEU A 30 -19.59 -14.61 23.55
C LEU A 30 -20.12 -13.71 24.68
N ASP A 31 -19.31 -13.51 25.72
CA ASP A 31 -19.74 -12.82 26.94
C ASP A 31 -19.23 -11.38 27.00
N GLU A 32 -19.60 -10.68 28.06
CA GLU A 32 -19.39 -9.24 28.11
C GLU A 32 -17.92 -8.86 28.23
N THR A 33 -17.09 -9.78 28.71
CA THR A 33 -15.65 -9.53 28.75
C THR A 33 -15.09 -9.45 27.31
N MSE A 34 -15.86 -9.88 26.31
CA MSE A 34 -15.37 -9.89 24.92
C MSE A 34 -15.80 -8.71 24.05
O MSE A 34 -15.59 -8.71 22.84
CB MSE A 34 -15.81 -11.19 24.26
CG MSE A 34 -15.25 -12.38 24.98
SE MSE A 34 -15.85 -13.98 24.08
CE MSE A 34 -14.92 -15.32 25.25
N VAL A 35 -16.37 -7.69 24.67
CA VAL A 35 -16.96 -6.59 23.93
C VAL A 35 -15.91 -5.65 23.33
N TRP A 36 -16.19 -5.14 22.14
CA TRP A 36 -15.37 -4.10 21.55
C TRP A 36 -15.68 -2.79 22.25
N ASN A 37 -14.73 -2.26 23.01
CA ASN A 37 -14.99 -1.04 23.78
C ASN A 37 -14.08 0.14 23.47
N GLU A 38 -13.36 0.08 22.35
CA GLU A 38 -12.46 1.18 21.95
C GLU A 38 -13.22 2.45 21.66
N ASP A 39 -14.42 2.33 21.10
CA ASP A 39 -15.21 3.46 20.66
C ASP A 39 -16.45 3.60 21.55
N ILE A 40 -16.48 4.67 22.36
CA ILE A 40 -17.55 4.91 23.33
C ILE A 40 -18.91 5.01 22.66
N GLU A 41 -18.96 5.65 21.49
CA GLU A 41 -20.21 5.79 20.77
C GLU A 41 -20.75 4.47 20.19
N MSE A 42 -19.90 3.45 20.10
CA MSE A 42 -20.35 2.13 19.56
C MSE A 42 -20.68 1.11 20.68
O MSE A 42 -21.02 -0.04 20.39
CB MSE A 42 -19.29 1.55 18.64
CG MSE A 42 -18.99 2.41 17.40
SE MSE A 42 -20.40 2.20 16.03
CE MSE A 42 -21.71 3.27 16.73
N LEU A 43 -20.63 1.53 21.93
CA LEU A 43 -20.76 0.59 23.03
C LEU A 43 -22.07 -0.16 23.09
N ASP A 44 -23.16 0.48 22.69
CA ASP A 44 -24.51 -0.12 22.79
C ASP A 44 -24.79 -1.21 21.77
N LEU A 45 -23.96 -1.30 20.74
CA LEU A 45 -24.00 -2.39 19.80
C LEU A 45 -23.42 -3.68 20.42
N HIS A 46 -22.63 -3.50 21.48
CA HIS A 46 -21.72 -4.51 22.04
C HIS A 46 -21.25 -5.59 21.04
N LEU A 47 -20.58 -5.14 20.01
CA LEU A 47 -19.97 -6.04 19.02
C LEU A 47 -18.87 -6.80 19.71
N VAL A 48 -18.63 -8.04 19.30
CA VAL A 48 -17.46 -8.79 19.83
C VAL A 48 -16.15 -8.28 19.24
N ALA A 49 -15.11 -8.20 20.06
CA ALA A 49 -13.78 -7.76 19.60
C ALA A 49 -13.08 -8.85 18.81
N THR A 50 -12.33 -8.44 17.78
CA THR A 50 -11.53 -9.35 16.99
C THR A 50 -10.60 -10.21 17.84
N SER A 51 -9.83 -9.54 18.70
CA SER A 51 -8.92 -10.25 19.62
C SER A 51 -9.64 -11.27 20.49
N ALA A 52 -10.85 -10.95 20.94
CA ALA A 52 -11.62 -11.88 21.75
C ALA A 52 -12.02 -13.14 20.96
N LEU A 53 -12.43 -12.96 19.71
CA LEU A 53 -12.74 -14.08 18.85
C LEU A 53 -11.51 -14.94 18.55
N ILE A 54 -10.37 -14.31 18.39
CA ILE A 54 -9.11 -15.02 18.21
C ILE A 54 -8.85 -15.84 19.46
N GLY A 55 -9.08 -15.24 20.63
CA GLY A 55 -8.91 -15.98 21.90
C GLY A 55 -9.75 -17.23 21.92
N VAL A 56 -11.01 -17.07 21.55
CA VAL A 56 -11.96 -18.17 21.50
C VAL A 56 -11.50 -19.31 20.59
N VAL A 57 -11.05 -18.96 19.38
CA VAL A 57 -10.62 -20.00 18.44
C VAL A 57 -9.36 -20.71 18.96
N HIS A 58 -8.39 -19.94 19.42
CA HIS A 58 -7.21 -20.54 20.04
C HIS A 58 -7.60 -21.53 21.12
N ARG A 59 -8.47 -21.15 22.05
CA ARG A 59 -8.80 -22.04 23.17
C ARG A 59 -9.40 -23.37 22.77
N VAL A 60 -10.16 -23.40 21.68
CA VAL A 60 -10.69 -24.65 21.19
C VAL A 60 -9.52 -25.54 20.70
N SER A 61 -8.51 -24.94 20.07
CA SER A 61 -7.35 -25.73 19.63
C SER A 61 -6.65 -26.38 20.86
N TYR A 62 -6.59 -25.69 21.99
CA TYR A 62 -5.99 -26.31 23.18
C TYR A 62 -6.83 -27.47 23.66
N GLU A 63 -8.15 -27.30 23.67
CA GLU A 63 -9.04 -28.38 24.10
C GLU A 63 -8.84 -29.61 23.22
N LEU A 64 -8.70 -29.39 21.92
CA LEU A 64 -8.42 -30.46 20.97
C LEU A 64 -7.09 -31.14 21.26
N LEU A 65 -6.01 -30.39 21.43
CA LEU A 65 -4.69 -30.99 21.61
C LEU A 65 -4.56 -31.75 22.92
N SER A 66 -5.20 -31.25 23.97
CA SER A 66 -4.93 -31.74 25.31
C SER A 66 -5.26 -33.21 25.43
N ARG A 67 -6.23 -33.68 24.67
CA ARG A 67 -6.54 -35.11 24.64
C ARG A 67 -5.39 -35.94 24.08
N TYR A 68 -4.48 -35.35 23.31
CA TYR A 68 -3.51 -36.11 22.54
C TYR A 68 -2.06 -35.81 22.84
N LEU A 69 -1.77 -34.74 23.57
CA LEU A 69 -0.38 -34.40 23.87
C LEU A 69 0.20 -35.38 24.86
N PRO A 70 1.44 -35.85 24.62
CA PRO A 70 2.10 -36.63 25.68
C PRO A 70 2.23 -35.81 26.98
N ASN A 71 2.34 -36.53 28.09
CA ASN A 71 2.06 -35.96 29.44
C ASN A 71 2.92 -34.77 29.88
N ASP A 72 4.14 -34.70 29.41
CA ASP A 72 5.06 -33.65 29.84
C ASP A 72 5.04 -32.40 28.94
N TYR A 73 4.20 -32.43 27.91
CA TYR A 73 4.20 -31.39 26.86
C TYR A 73 2.92 -30.53 26.94
N THR A 74 3.09 -29.22 26.74
CA THR A 74 1.97 -28.31 26.52
C THR A 74 2.08 -27.77 25.07
N ALA A 75 1.21 -26.83 24.74
CA ALA A 75 1.14 -26.26 23.38
C ALA A 75 0.73 -24.81 23.49
N VAL A 76 1.55 -23.92 22.91
CA VAL A 76 1.37 -22.50 22.98
C VAL A 76 1.37 -21.88 21.61
N VAL A 77 0.52 -20.85 21.43
CA VAL A 77 0.38 -20.19 20.18
C VAL A 77 1.62 -19.37 19.93
N VAL A 78 2.21 -19.51 18.75
CA VAL A 78 3.37 -18.70 18.36
C VAL A 78 3.07 -17.85 17.14
N GLU A 79 1.99 -18.17 16.43
CA GLU A 79 1.62 -17.42 15.24
C GLU A 79 0.13 -17.50 14.97
N THR A 80 -0.47 -16.41 14.49
CA THR A 80 -1.89 -16.40 14.21
C THR A 80 -2.24 -15.38 13.13
N LEU A 81 -3.24 -15.75 12.33
CA LEU A 81 -3.76 -14.91 11.26
C LEU A 81 -5.26 -15.02 11.33
N ALA A 82 -5.93 -13.88 11.26
CA ALA A 82 -7.38 -13.92 11.20
C ALA A 82 -7.99 -12.84 10.34
N ARG A 83 -9.11 -13.18 9.72
CA ARG A 83 -9.95 -12.25 9.03
C ARG A 83 -11.31 -12.22 9.72
N HIS A 84 -11.71 -11.02 10.14
CA HIS A 84 -12.96 -10.77 10.84
C HIS A 84 -13.88 -10.14 9.82
N VAL A 85 -14.76 -10.95 9.25
CA VAL A 85 -15.52 -10.52 8.06
C VAL A 85 -16.95 -10.06 8.36
N LYS A 86 -17.47 -10.36 9.55
CA LYS A 86 -18.81 -9.89 9.93
C LYS A 86 -18.86 -9.56 11.41
N ALA A 87 -19.53 -8.46 11.73
CA ALA A 87 -19.67 -8.04 13.11
C ALA A 87 -20.75 -8.91 13.75
N VAL A 88 -20.51 -9.34 14.98
CA VAL A 88 -21.50 -10.10 15.71
C VAL A 88 -21.58 -9.55 17.14
N PRO A 89 -22.80 -9.42 17.71
CA PRO A 89 -22.91 -8.89 19.07
C PRO A 89 -22.59 -9.93 20.13
N THR A 90 -22.19 -9.45 21.31
CA THR A 90 -22.01 -10.31 22.45
C THR A 90 -23.36 -10.78 22.94
N GLY A 91 -23.34 -11.72 23.87
CA GLY A 91 -24.54 -12.29 24.42
C GLY A 91 -25.04 -13.40 23.54
N THR A 92 -24.22 -13.80 22.58
CA THR A 92 -24.59 -14.74 21.52
C THR A 92 -23.71 -15.97 21.69
N ARG A 93 -24.21 -17.10 21.23
CA ARG A 93 -23.44 -18.32 21.17
C ARG A 93 -23.00 -18.51 19.72
N VAL A 94 -21.77 -18.94 19.50
CA VAL A 94 -21.32 -19.23 18.14
C VAL A 94 -20.73 -20.63 18.05
N ALA A 95 -20.75 -21.18 16.85
CA ALA A 95 -20.12 -22.45 16.56
C ALA A 95 -18.67 -22.19 16.15
N VAL A 96 -17.75 -22.84 16.83
CA VAL A 96 -16.35 -22.66 16.60
C VAL A 96 -15.70 -23.99 16.23
N GLY A 97 -15.16 -24.09 15.02
CA GLY A 97 -14.48 -25.31 14.58
C GLY A 97 -13.00 -25.09 14.36
N VAL A 98 -12.17 -26.05 14.79
CA VAL A 98 -10.74 -26.03 14.46
C VAL A 98 -10.33 -27.34 13.88
N ARG A 99 -9.38 -27.32 12.94
CA ARG A 99 -8.81 -28.58 12.45
C ARG A 99 -7.32 -28.49 12.20
N VAL A 100 -6.61 -29.58 12.46
CA VAL A 100 -5.18 -29.59 12.27
C VAL A 100 -5.00 -29.82 10.80
N VAL A 101 -4.41 -28.84 10.12
CA VAL A 101 -4.12 -28.92 8.67
C VAL A 101 -2.66 -29.25 8.36
N GLY A 102 -1.75 -29.19 9.35
CA GLY A 102 -0.36 -29.60 9.13
C GLY A 102 0.51 -29.58 10.38
N VAL A 103 1.56 -30.39 10.35
CA VAL A 103 2.55 -30.50 11.41
C VAL A 103 3.94 -30.45 10.80
N VAL A 104 4.76 -29.54 11.29
CA VAL A 104 6.10 -29.36 10.82
C VAL A 104 6.96 -29.25 12.09
N GLY A 105 7.79 -30.27 12.34
CA GLY A 105 8.51 -30.39 13.60
C GLY A 105 7.52 -30.36 14.75
N ASN A 106 7.78 -29.47 15.71
CA ASN A 106 6.85 -29.26 16.81
C ASN A 106 5.84 -28.11 16.57
N ARG A 107 5.63 -27.73 15.31
CA ARG A 107 4.68 -26.70 14.94
C ARG A 107 3.43 -27.33 14.36
N VAL A 108 2.29 -27.05 14.99
CA VAL A 108 1.02 -27.62 14.59
C VAL A 108 0.21 -26.46 14.06
N LYS A 109 -0.20 -26.58 12.81
CA LYS A 109 -0.99 -25.57 12.15
C LYS A 109 -2.47 -25.96 12.08
N PHE A 110 -3.30 -24.98 12.47
CA PHE A 110 -4.74 -25.09 12.54
C PHE A 110 -5.42 -24.10 11.59
N ARG A 111 -6.58 -24.53 11.10
CA ARG A 111 -7.56 -23.62 10.55
C ARG A 111 -8.73 -23.57 11.54
N GLY A 112 -9.29 -22.37 11.71
CA GLY A 112 -10.39 -22.10 12.60
C GLY A 112 -11.47 -21.30 11.92
N ILE A 113 -12.72 -21.56 12.31
CA ILE A 113 -13.85 -20.80 11.76
C ILE A 113 -14.81 -20.48 12.91
N VAL A 114 -15.35 -19.27 12.91
CA VAL A 114 -16.41 -18.90 13.85
C VAL A 114 -17.66 -18.62 13.01
N MSE A 115 -18.69 -19.44 13.19
CA MSE A 115 -20.00 -19.27 12.52
C MSE A 115 -21.07 -18.74 13.49
O MSE A 115 -21.15 -19.17 14.64
CB MSE A 115 -20.56 -20.60 12.00
CG MSE A 115 -19.67 -21.35 11.07
SE MSE A 115 -19.39 -20.46 9.38
CE MSE A 115 -21.26 -20.40 8.74
N SER A 116 -21.90 -17.83 13.02
CA SER A 116 -23.03 -17.39 13.80
C SER A 116 -24.27 -17.76 13.01
N GLY A 117 -24.95 -18.79 13.50
CA GLY A 117 -25.93 -19.48 12.68
C GLY A 117 -25.18 -19.94 11.46
N ASP A 118 -25.56 -19.40 10.30
CA ASP A 118 -25.00 -19.77 9.01
C ASP A 118 -24.11 -18.66 8.42
N GLU A 119 -23.88 -17.57 9.17
CA GLU A 119 -22.97 -16.50 8.76
C GLU A 119 -21.56 -16.79 9.28
N LYS A 120 -20.56 -16.66 8.40
CA LYS A 120 -19.18 -16.74 8.81
C LYS A 120 -18.79 -15.41 9.45
N ILE A 121 -18.29 -15.48 10.67
CA ILE A 121 -17.90 -14.28 11.42
C ILE A 121 -16.39 -14.03 11.28
N LEU A 122 -15.62 -15.09 11.50
CA LEU A 122 -14.17 -15.02 11.48
C LEU A 122 -13.59 -16.31 10.93
N GLU A 123 -12.51 -16.18 10.16
CA GLU A 123 -11.66 -17.32 9.87
C GLU A 123 -10.24 -17.07 10.24
N ALA A 124 -9.54 -18.12 10.64
CA ALA A 124 -8.23 -17.99 11.20
C ALA A 124 -7.36 -19.15 10.75
N GLU A 125 -6.07 -18.89 10.78
CA GLU A 125 -5.07 -19.92 10.59
C GLU A 125 -4.01 -19.58 11.62
N PHE A 126 -3.57 -20.58 12.39
CA PHE A 126 -2.68 -20.30 13.49
C PHE A 126 -1.86 -21.52 13.85
N VAL A 127 -0.81 -21.28 14.65
CA VAL A 127 0.24 -22.23 14.91
C VAL A 127 0.50 -22.38 16.43
N ARG A 128 0.41 -23.60 16.91
CA ARG A 128 0.90 -23.91 18.24
C ARG A 128 2.28 -24.63 18.15
N ALA A 129 3.17 -24.20 19.04
CA ALA A 129 4.42 -24.90 19.30
C ALA A 129 4.17 -25.88 20.45
N ILE A 130 4.52 -27.14 20.24
CA ILE A 130 4.41 -28.18 21.25
C ILE A 130 5.75 -28.27 21.96
N VAL A 131 5.71 -27.95 23.25
CA VAL A 131 6.92 -27.75 24.07
C VAL A 131 6.77 -28.45 25.42
N PRO A 132 7.84 -29.11 25.91
CA PRO A 132 7.79 -29.63 27.27
C PRO A 132 7.54 -28.49 28.23
N ARG A 133 6.70 -28.73 29.23
CA ARG A 133 6.41 -27.73 30.26
C ARG A 133 7.69 -27.27 30.96
N GLU A 134 8.60 -28.20 31.25
CA GLU A 134 9.90 -27.89 31.85
C GLU A 134 10.66 -26.84 31.05
N LYS A 135 10.68 -26.99 29.73
CA LYS A 135 11.43 -26.08 28.90
C LYS A 135 10.78 -24.69 28.88
N LEU A 136 9.46 -24.65 28.71
CA LEU A 136 8.75 -23.37 28.72
C LEU A 136 8.88 -22.63 30.06
N ARG A 137 8.77 -23.38 31.14
CA ARG A 137 8.94 -22.82 32.48
C ARG A 137 10.37 -22.21 32.64
N ARG A 138 11.41 -22.93 32.23
CA ARG A 138 12.78 -22.40 32.29
C ARG A 138 12.93 -21.14 31.45
N LEU A 139 12.40 -21.15 30.23
CA LEU A 139 12.48 -19.96 29.37
C LEU A 139 11.72 -18.76 29.98
N ALA A 140 10.52 -18.99 30.48
CA ALA A 140 9.72 -17.94 31.11
C ALA A 140 10.40 -17.33 32.32
N LEU A 141 11.13 -18.15 33.06
CA LEU A 141 11.76 -17.71 34.29
C LEU A 141 13.18 -17.15 34.14
N GLU A 142 13.78 -17.22 32.96
CA GLU A 142 15.21 -16.88 32.85
C GLU A 142 15.47 -15.38 32.73
N HIS B 12 -19.64 9.59 1.04
CA HIS B 12 -18.51 9.05 1.85
C HIS B 12 -17.31 8.73 0.97
N MSE B 13 -16.61 9.78 0.54
CA MSE B 13 -15.46 9.63 -0.36
C MSE B 13 -14.28 10.47 0.12
O MSE B 13 -14.21 11.68 -0.10
CB MSE B 13 -15.85 10.04 -1.76
CG MSE B 13 -15.26 9.14 -2.82
SE MSE B 13 -16.51 9.05 -4.28
CE MSE B 13 -16.70 10.82 -4.58
N MSE B 14 -13.36 9.80 0.81
CA MSE B 14 -12.23 10.47 1.41
C MSE B 14 -10.95 9.78 1.14
O MSE B 14 -10.90 8.58 0.95
CB MSE B 14 -12.40 10.56 2.89
CG MSE B 14 -13.43 11.53 3.26
SE MSE B 14 -13.54 11.57 5.14
CE MSE B 14 -15.05 13.01 5.26
N ASP B 15 -9.91 10.57 1.12
CA ASP B 15 -8.57 10.07 1.00
C ASP B 15 -7.97 9.97 2.40
N PHE B 16 -7.45 8.78 2.75
CA PHE B 16 -6.83 8.58 4.05
C PHE B 16 -5.32 8.36 3.92
N ASP B 17 -4.79 8.65 2.74
CA ASP B 17 -3.39 8.41 2.42
C ASP B 17 -2.51 9.17 3.38
N PHE B 18 -3.05 10.25 3.93
CA PHE B 18 -2.32 11.11 4.86
C PHE B 18 -1.94 10.41 6.16
N LEU B 19 -2.59 9.28 6.45
CA LEU B 19 -2.26 8.51 7.65
C LEU B 19 -0.92 7.80 7.54
N GLU B 20 -0.41 7.66 6.32
CA GLU B 20 0.78 6.86 6.08
C GLU B 20 1.92 7.44 6.87
N GLY B 21 2.65 6.59 7.60
CA GLY B 21 3.78 7.04 8.41
C GLY B 21 3.43 7.54 9.82
N LYS B 22 2.16 7.65 10.16
CA LYS B 22 1.82 8.05 11.52
C LYS B 22 2.14 6.93 12.49
N ARG B 23 2.62 7.30 13.68
CA ARG B 23 3.09 6.37 14.72
C ARG B 23 2.53 6.71 16.09
N LEU B 24 2.48 5.71 16.94
CA LEU B 24 2.17 5.92 18.35
C LEU B 24 2.78 4.81 19.16
N THR B 25 3.37 5.17 20.30
CA THR B 25 3.92 4.18 21.21
C THR B 25 3.31 4.41 22.56
N GLU B 26 3.07 3.34 23.31
CA GLU B 26 2.47 3.46 24.63
C GLU B 26 3.07 2.44 25.59
N ASP B 27 3.23 2.87 26.83
CA ASP B 27 3.67 2.01 27.91
C ASP B 27 2.41 1.40 28.50
N VAL B 28 2.27 0.08 28.39
CA VAL B 28 1.03 -0.60 28.75
C VAL B 28 1.31 -1.67 29.82
N ALA B 29 0.53 -1.69 30.89
CA ALA B 29 0.56 -2.77 31.89
C ALA B 29 -0.17 -4.03 31.39
N LEU B 30 0.46 -5.18 31.54
CA LEU B 30 -0.24 -6.44 31.28
C LEU B 30 -0.87 -6.91 32.59
N ASP B 31 -2.19 -6.96 32.62
CA ASP B 31 -2.89 -7.16 33.88
C ASP B 31 -3.45 -8.56 33.97
N GLU B 32 -4.11 -8.83 35.09
CA GLU B 32 -4.69 -10.13 35.40
C GLU B 32 -5.73 -10.65 34.41
N THR B 33 -6.44 -9.74 33.75
CA THR B 33 -7.44 -10.14 32.77
C THR B 33 -6.86 -10.68 31.46
N MSE B 34 -5.53 -10.72 31.35
CA MSE B 34 -4.85 -11.07 30.09
C MSE B 34 -4.05 -12.36 30.23
O MSE B 34 -3.23 -12.70 29.36
CB MSE B 34 -3.89 -9.96 29.73
CG MSE B 34 -4.51 -8.61 29.57
SE MSE B 34 -3.16 -7.29 28.98
CE MSE B 34 -4.33 -5.74 28.75
N VAL B 35 -4.28 -13.07 31.33
CA VAL B 35 -3.46 -14.22 31.69
CA VAL B 35 -3.46 -14.23 31.68
C VAL B 35 -3.79 -15.45 30.82
N TRP B 36 -2.78 -16.24 30.53
CA TRP B 36 -2.95 -17.49 29.80
C TRP B 36 -3.31 -18.56 30.80
N ASN B 37 -4.50 -19.13 30.67
CA ASN B 37 -4.99 -20.13 31.62
C ASN B 37 -5.51 -21.43 31.06
N GLU B 38 -5.21 -21.73 29.80
CA GLU B 38 -5.61 -23.00 29.21
C GLU B 38 -5.03 -24.20 29.93
N ASP B 39 -3.80 -24.06 30.43
CA ASP B 39 -3.04 -25.19 30.97
C ASP B 39 -2.89 -25.02 32.49
N ILE B 40 -3.64 -25.81 33.24
CA ILE B 40 -3.70 -25.72 34.69
CA ILE B 40 -3.70 -25.65 34.69
C ILE B 40 -2.33 -25.88 35.35
N GLU B 41 -1.45 -26.63 34.71
CA GLU B 41 -0.09 -26.79 35.25
C GLU B 41 0.85 -25.59 35.02
N MSE B 42 0.41 -24.56 34.28
CA MSE B 42 1.25 -23.40 33.96
CA MSE B 42 1.25 -23.40 33.98
C MSE B 42 0.64 -22.12 34.51
O MSE B 42 1.11 -21.02 34.22
CB MSE B 42 1.40 -23.24 32.42
CB MSE B 42 1.49 -23.27 32.46
CG MSE B 42 1.93 -24.44 31.65
CG MSE B 42 2.11 -24.49 31.80
SE MSE B 42 3.86 -24.68 31.81
SE MSE B 42 3.90 -24.92 32.51
CE MSE B 42 3.89 -25.72 33.33
CE MSE B 42 5.04 -23.94 31.23
N LEU B 43 -0.44 -22.24 35.29
CA LEU B 43 -1.10 -21.04 35.80
C LEU B 43 -0.18 -20.25 36.72
N ASP B 44 0.69 -20.93 37.47
CA ASP B 44 1.58 -20.22 38.42
C ASP B 44 2.53 -19.19 37.69
N LEU B 45 2.81 -19.41 36.40
CA LEU B 45 3.69 -18.53 35.62
C LEU B 45 2.99 -17.27 35.17
N HIS B 46 1.66 -17.29 35.20
CA HIS B 46 0.82 -16.18 34.75
C HIS B 46 1.39 -15.47 33.50
N LEU B 47 1.58 -16.27 32.45
CA LEU B 47 1.98 -15.77 31.13
C LEU B 47 0.83 -14.98 30.48
N VAL B 48 1.17 -13.91 29.76
CA VAL B 48 0.20 -13.16 28.97
C VAL B 48 -0.23 -14.00 27.77
N ALA B 49 -1.53 -13.99 27.51
CA ALA B 49 -2.11 -14.71 26.36
C ALA B 49 -1.84 -13.95 25.07
N THR B 50 -1.76 -14.70 23.97
CA THR B 50 -1.51 -14.13 22.66
C THR B 50 -2.62 -13.19 22.25
N SER B 51 -3.87 -13.65 22.39
CA SER B 51 -5.02 -12.88 21.98
C SER B 51 -5.10 -11.59 22.77
N ALA B 52 -4.71 -11.61 24.02
CA ALA B 52 -4.70 -10.40 24.87
C ALA B 52 -3.70 -9.38 24.32
N LEU B 53 -2.51 -9.85 23.99
CA LEU B 53 -1.50 -8.98 23.41
C LEU B 53 -1.91 -8.37 22.07
N ILE B 54 -2.57 -9.15 21.22
CA ILE B 54 -3.13 -8.64 19.98
C ILE B 54 -4.13 -7.51 20.32
N GLY B 55 -4.99 -7.77 21.28
CA GLY B 55 -5.94 -6.72 21.76
C GLY B 55 -5.23 -5.43 22.14
N VAL B 56 -4.12 -5.57 22.85
CA VAL B 56 -3.33 -4.42 23.31
C VAL B 56 -2.77 -3.65 22.10
N VAL B 57 -2.24 -4.37 21.12
CA VAL B 57 -1.75 -3.75 19.90
C VAL B 57 -2.88 -3.10 19.09
N HIS B 58 -3.97 -3.82 18.89
CA HIS B 58 -5.13 -3.21 18.22
C HIS B 58 -5.57 -1.91 18.88
N ARG B 59 -5.70 -1.93 20.20
N ARG B 59 -5.70 -1.94 20.21
CA ARG B 59 -6.21 -0.75 20.92
CA ARG B 59 -6.17 -0.75 20.95
C ARG B 59 -5.34 0.51 20.71
C ARG B 59 -5.35 0.50 20.64
N VAL B 60 -4.03 0.34 20.54
CA VAL B 60 -3.12 1.49 20.37
C VAL B 60 -3.37 2.06 18.98
N SER B 61 -3.55 1.20 17.98
CA SER B 61 -3.90 1.66 16.64
C SER B 61 -5.22 2.47 16.62
N TYR B 62 -6.17 2.12 17.50
CA TYR B 62 -7.43 2.88 17.52
C TYR B 62 -7.22 4.27 18.12
N GLU B 63 -6.40 4.34 19.16
CA GLU B 63 -6.06 5.64 19.75
CA GLU B 63 -6.08 5.63 19.75
C GLU B 63 -5.39 6.52 18.71
N LEU B 64 -4.46 5.96 17.95
CA LEU B 64 -3.79 6.71 16.86
C LEU B 64 -4.81 7.19 15.83
N LEU B 65 -5.62 6.28 15.29
CA LEU B 65 -6.60 6.68 14.27
C LEU B 65 -7.63 7.67 14.77
N SER B 66 -8.15 7.46 15.97
CA SER B 66 -9.23 8.29 16.50
C SER B 66 -8.86 9.74 16.54
N ARG B 67 -7.57 10.03 16.75
CA ARG B 67 -7.06 11.41 16.71
C ARG B 67 -7.14 12.09 15.34
N TYR B 68 -7.23 11.31 14.27
CA TYR B 68 -7.15 11.85 12.90
C TYR B 68 -8.38 11.64 12.06
N LEU B 69 -9.35 10.89 12.54
CA LEU B 69 -10.56 10.58 11.77
C LEU B 69 -11.62 11.64 11.99
N PRO B 70 -12.52 11.81 11.00
CA PRO B 70 -13.63 12.73 11.19
C PRO B 70 -14.57 12.19 12.26
N ASN B 71 -15.37 13.08 12.83
CA ASN B 71 -16.13 12.77 14.04
C ASN B 71 -17.26 11.75 13.88
N ASP B 72 -17.71 11.53 12.64
CA ASP B 72 -18.74 10.52 12.35
C ASP B 72 -18.18 9.15 11.89
N TYR B 73 -16.87 8.98 11.91
CA TYR B 73 -16.24 7.76 11.40
C TYR B 73 -15.60 6.93 12.51
N THR B 74 -15.73 5.60 12.42
CA THR B 74 -14.97 4.72 13.27
C THR B 74 -14.01 3.90 12.40
N ALA B 75 -13.28 2.98 13.02
CA ALA B 75 -12.36 2.07 12.33
C ALA B 75 -12.36 0.72 13.03
N VAL B 76 -12.59 -0.37 12.27
CA VAL B 76 -12.62 -1.70 12.88
C VAL B 76 -11.58 -2.60 12.25
N VAL B 77 -11.09 -3.54 13.03
CA VAL B 77 -10.14 -4.51 12.53
C VAL B 77 -10.80 -5.55 11.62
N VAL B 78 -10.24 -5.70 10.41
CA VAL B 78 -10.71 -6.68 9.43
C VAL B 78 -9.73 -7.83 9.23
N GLU B 79 -8.45 -7.59 9.48
CA GLU B 79 -7.46 -8.64 9.34
C GLU B 79 -6.34 -8.39 10.30
N THR B 80 -5.76 -9.46 10.84
CA THR B 80 -4.62 -9.36 11.77
C THR B 80 -3.70 -10.59 11.68
N LEU B 81 -2.39 -10.34 11.78
CA LEU B 81 -1.36 -11.36 11.72
C LEU B 81 -0.38 -11.09 12.84
N ALA B 82 0.05 -12.11 13.58
CA ALA B 82 0.96 -11.85 14.68
C ALA B 82 1.89 -13.02 14.93
N ARG B 83 3.16 -12.71 15.23
CA ARG B 83 4.10 -13.72 15.74
C ARG B 83 4.32 -13.43 17.20
N HIS B 84 4.10 -14.45 18.04
CA HIS B 84 4.34 -14.34 19.47
C HIS B 84 5.60 -15.14 19.80
N VAL B 85 6.72 -14.42 19.93
CA VAL B 85 8.06 -15.00 19.88
C VAL B 85 8.66 -15.24 21.27
N LYS B 86 8.16 -14.58 22.31
CA LYS B 86 8.69 -14.76 23.65
C LYS B 86 7.60 -14.65 24.69
N ALA B 87 7.59 -15.59 25.62
CA ALA B 87 6.63 -15.58 26.72
C ALA B 87 6.99 -14.49 27.70
N VAL B 88 5.98 -13.83 28.24
CA VAL B 88 6.15 -12.72 29.19
C VAL B 88 5.02 -12.81 30.23
N PRO B 89 5.35 -12.63 31.50
CA PRO B 89 4.32 -12.69 32.51
C PRO B 89 3.50 -11.42 32.67
N THR B 90 2.26 -11.57 33.07
CA THR B 90 1.46 -10.43 33.50
C THR B 90 2.09 -9.79 34.72
N GLY B 91 1.63 -8.59 35.06
CA GLY B 91 2.20 -7.78 36.14
C GLY B 91 3.44 -7.03 35.70
N THR B 92 3.63 -6.95 34.39
CA THR B 92 4.80 -6.41 33.72
C THR B 92 4.27 -5.30 32.84
N ARG B 93 5.10 -4.28 32.62
CA ARG B 93 4.76 -3.22 31.66
C ARG B 93 5.54 -3.45 30.38
N VAL B 94 4.88 -3.22 29.25
CA VAL B 94 5.51 -3.40 27.93
C VAL B 94 5.37 -2.10 27.12
N ALA B 95 6.34 -1.87 26.22
CA ALA B 95 6.27 -0.79 25.23
C ALA B 95 5.59 -1.33 23.99
N VAL B 96 4.51 -0.66 23.61
CA VAL B 96 3.70 -1.03 22.46
C VAL B 96 3.78 0.07 21.42
N GLY B 97 4.33 -0.24 20.25
CA GLY B 97 4.42 0.69 19.15
C GLY B 97 3.62 0.24 17.94
N VAL B 98 2.89 1.16 17.33
CA VAL B 98 2.24 0.91 16.05
C VAL B 98 2.60 2.01 15.06
N ARG B 99 2.57 1.66 13.78
CA ARG B 99 2.93 2.54 12.67
C ARG B 99 2.04 2.21 11.50
N VAL B 100 1.54 3.24 10.82
CA VAL B 100 0.80 3.04 9.57
C VAL B 100 1.82 2.85 8.45
N VAL B 101 1.77 1.69 7.80
CA VAL B 101 2.72 1.35 6.76
C VAL B 101 2.09 1.39 5.37
N GLY B 102 0.77 1.60 5.31
CA GLY B 102 0.06 1.53 4.04
C GLY B 102 -1.41 1.83 4.11
N VAL B 103 -1.90 2.54 3.10
CA VAL B 103 -3.32 2.89 2.96
C VAL B 103 -3.77 2.58 1.56
N VAL B 104 -4.86 1.80 1.43
CA VAL B 104 -5.52 1.56 0.15
C VAL B 104 -7.04 1.74 0.34
N GLY B 105 -7.57 2.86 -0.17
CA GLY B 105 -8.97 3.19 0.06
C GLY B 105 -9.21 3.43 1.54
N ASN B 106 -10.23 2.75 2.11
CA ASN B 106 -10.52 2.88 3.56
C ASN B 106 -9.78 1.86 4.42
N ARG B 107 -8.82 1.15 3.83
CA ARG B 107 -8.01 0.13 4.49
C ARG B 107 -6.65 0.67 4.92
N VAL B 108 -6.41 0.61 6.22
CA VAL B 108 -5.21 1.13 6.84
C VAL B 108 -4.43 0.01 7.49
N LYS B 109 -3.24 -0.27 6.96
CA LYS B 109 -2.37 -1.32 7.42
C LYS B 109 -1.37 -0.76 8.43
N PHE B 110 -1.23 -1.46 9.55
CA PHE B 110 -0.31 -1.14 10.62
C PHE B 110 0.71 -2.24 10.81
N ARG B 111 1.89 -1.86 11.29
CA ARG B 111 2.78 -2.79 11.94
C ARG B 111 2.79 -2.42 13.42
N GLY B 112 2.84 -3.44 14.27
CA GLY B 112 2.85 -3.28 15.71
C GLY B 112 3.95 -4.11 16.35
N ILE B 113 4.47 -3.62 17.46
CA ILE B 113 5.48 -4.36 18.18
C ILE B 113 5.25 -4.19 19.69
N VAL B 114 5.44 -5.29 20.41
CA VAL B 114 5.46 -5.28 21.84
C VAL B 114 6.88 -5.63 22.29
N MSE B 115 7.47 -4.74 23.08
CA MSE B 115 8.81 -4.94 23.66
C MSE B 115 8.73 -4.98 25.17
O MSE B 115 8.02 -4.17 25.78
CB MSE B 115 9.68 -3.76 23.28
CG MSE B 115 9.74 -3.48 21.79
SE MSE B 115 10.96 -4.70 20.92
CE MSE B 115 12.64 -4.08 21.69
N SER B 116 9.49 -5.88 25.78
CA SER B 116 9.67 -5.93 27.24
C SER B 116 11.12 -5.63 27.48
N GLY B 117 11.42 -4.36 27.74
CA GLY B 117 12.80 -3.91 27.77
C GLY B 117 13.36 -3.91 26.37
N ASP B 118 14.43 -4.67 26.15
CA ASP B 118 15.05 -4.80 24.84
C ASP B 118 14.68 -6.10 24.13
N GLU B 119 13.73 -6.85 24.69
CA GLU B 119 13.29 -8.11 24.13
C GLU B 119 11.97 -7.91 23.39
N LYS B 120 11.96 -8.35 22.14
CA LYS B 120 10.73 -8.44 21.40
C LYS B 120 9.84 -9.59 21.97
N ILE B 121 8.59 -9.27 22.26
CA ILE B 121 7.61 -10.23 22.71
C ILE B 121 6.71 -10.63 21.53
N LEU B 122 6.21 -9.62 20.80
CA LEU B 122 5.27 -9.88 19.75
C LEU B 122 5.43 -8.88 18.63
N GLU B 123 5.32 -9.35 17.38
CA GLU B 123 5.14 -8.46 16.24
C GLU B 123 3.84 -8.74 15.51
N ALA B 124 3.23 -7.70 14.98
CA ALA B 124 1.94 -7.81 14.34
C ALA B 124 1.85 -6.99 13.05
N GLU B 125 0.92 -7.37 12.21
CA GLU B 125 0.61 -6.61 11.03
C GLU B 125 -0.87 -6.76 10.91
N PHE B 126 -1.58 -5.65 10.76
CA PHE B 126 -3.04 -5.75 10.77
C PHE B 126 -3.65 -4.56 10.05
N VAL B 127 -4.92 -4.71 9.71
CA VAL B 127 -5.67 -3.80 8.86
C VAL B 127 -6.95 -3.35 9.57
N ARG B 128 -7.15 -2.04 9.64
CA ARG B 128 -8.42 -1.46 9.98
C ARG B 128 -9.12 -0.92 8.74
N ALA B 129 -10.44 -1.09 8.73
CA ALA B 129 -11.29 -0.48 7.73
C ALA B 129 -11.95 0.75 8.36
N ILE B 130 -11.83 1.91 7.68
CA ILE B 130 -12.45 3.14 8.15
C ILE B 130 -13.85 3.20 7.59
N VAL B 131 -14.82 3.28 8.51
CA VAL B 131 -16.25 3.19 8.19
CA VAL B 131 -16.24 3.22 8.16
C VAL B 131 -17.06 4.22 8.98
N PRO B 132 -18.10 4.82 8.36
CA PRO B 132 -19.06 5.60 9.16
C PRO B 132 -19.73 4.77 10.25
N ARG B 133 -19.83 5.32 11.45
CA ARG B 133 -20.54 4.63 12.54
C ARG B 133 -21.92 4.19 12.12
N GLU B 134 -22.61 5.04 11.34
CA GLU B 134 -23.97 4.75 10.89
C GLU B 134 -24.04 3.50 10.03
N LYS B 135 -23.03 3.31 9.17
CA LYS B 135 -22.92 2.12 8.33
C LYS B 135 -22.89 0.88 9.18
N LEU B 136 -22.00 0.87 10.16
CA LEU B 136 -21.85 -0.25 11.07
C LEU B 136 -23.15 -0.45 11.82
N ARG B 137 -23.67 0.65 12.34
CA ARG B 137 -24.90 0.63 13.10
C ARG B 137 -26.04 0.09 12.23
N ARG B 138 -26.06 0.46 10.96
CA ARG B 138 -27.02 -0.11 9.99
C ARG B 138 -26.80 -1.60 9.76
N LEU B 139 -25.57 -2.01 9.46
CA LEU B 139 -25.26 -3.42 9.23
C LEU B 139 -25.64 -4.29 10.40
N ALA B 140 -25.14 -3.92 11.58
CA ALA B 140 -25.24 -4.79 12.75
C ALA B 140 -26.65 -4.79 13.34
N LEU B 141 -27.49 -3.84 12.92
CA LEU B 141 -28.88 -3.81 13.34
C LEU B 141 -29.81 -4.13 12.15
N GLU B 142 -29.45 -5.18 11.41
CA GLU B 142 -30.18 -5.60 10.20
C GLU B 142 -30.70 -7.03 10.34
N HIS C 12 9.84 -7.54 7.32
CA HIS C 12 8.62 -7.96 6.58
C HIS C 12 8.25 -9.38 6.98
N MSE C 13 6.96 -9.60 7.28
CA MSE C 13 6.43 -10.95 7.53
C MSE C 13 5.90 -11.50 6.21
O MSE C 13 5.12 -10.83 5.53
CB MSE C 13 5.31 -10.93 8.60
CG MSE C 13 5.79 -11.04 10.04
SE MSE C 13 4.34 -10.88 11.40
CE MSE C 13 3.93 -9.10 11.13
N MSE C 14 6.31 -12.71 5.86
CA MSE C 14 6.06 -13.27 4.54
C MSE C 14 5.39 -14.63 4.59
O MSE C 14 5.50 -15.37 5.55
CB MSE C 14 7.38 -13.40 3.80
CG MSE C 14 8.08 -12.08 3.61
SE MSE C 14 9.86 -12.26 2.80
CE MSE C 14 10.33 -10.31 2.61
N ASP C 15 4.68 -14.95 3.52
CA ASP C 15 3.93 -16.19 3.40
C ASP C 15 4.72 -17.06 2.44
N PHE C 16 5.09 -18.27 2.86
CA PHE C 16 5.88 -19.17 2.02
C PHE C 16 5.05 -20.39 1.60
N ASP C 17 3.73 -20.31 1.80
CA ASP C 17 2.85 -21.45 1.56
C ASP C 17 2.88 -21.89 0.10
N PHE C 18 3.26 -20.97 -0.78
CA PHE C 18 3.38 -21.27 -2.22
C PHE C 18 4.41 -22.36 -2.54
N LEU C 19 5.28 -22.71 -1.61
CA LEU C 19 6.27 -23.77 -1.82
C LEU C 19 5.68 -25.16 -1.78
N GLU C 20 4.49 -25.30 -1.18
CA GLU C 20 3.91 -26.62 -0.98
C GLU C 20 3.70 -27.29 -2.33
N GLY C 21 4.19 -28.52 -2.46
CA GLY C 21 3.96 -29.35 -3.63
C GLY C 21 5.15 -29.39 -4.58
N LYS C 22 6.06 -28.44 -4.41
CA LYS C 22 7.24 -28.36 -5.22
C LYS C 22 8.14 -29.57 -4.99
N ARG C 23 8.76 -30.05 -6.08
CA ARG C 23 9.53 -31.30 -6.14
C ARG C 23 10.84 -31.04 -6.86
N LEU C 24 11.85 -31.85 -6.57
CA LEU C 24 13.07 -31.85 -7.36
C LEU C 24 13.76 -33.19 -7.15
N THR C 25 14.25 -33.77 -8.25
CA THR C 25 14.99 -35.01 -8.20
C THR C 25 16.30 -34.83 -8.93
N GLU C 26 17.36 -35.38 -8.35
CA GLU C 26 18.70 -35.27 -8.92
C GLU C 26 19.39 -36.61 -8.89
N ASP C 27 20.10 -36.92 -9.96
CA ASP C 27 20.98 -38.07 -9.95
C ASP C 27 22.30 -37.66 -9.29
N VAL C 28 22.73 -38.47 -8.32
CA VAL C 28 23.92 -38.16 -7.51
C VAL C 28 24.84 -39.36 -7.51
N ALA C 29 26.12 -39.13 -7.80
CA ALA C 29 27.13 -40.19 -7.72
C ALA C 29 27.61 -40.24 -6.28
N LEU C 30 27.56 -41.42 -5.68
CA LEU C 30 27.93 -41.57 -4.26
C LEU C 30 29.44 -41.80 -4.23
N ASP C 31 30.20 -40.76 -3.92
CA ASP C 31 31.66 -40.79 -4.08
C ASP C 31 32.34 -41.33 -2.82
N GLU C 32 33.66 -41.39 -2.86
CA GLU C 32 34.45 -41.97 -1.78
C GLU C 32 34.54 -41.08 -0.53
N THR C 33 34.23 -39.80 -0.66
CA THR C 33 34.18 -38.91 0.50
C THR C 33 33.01 -39.29 1.43
N MSE C 34 32.08 -40.10 0.93
CA MSE C 34 30.87 -40.48 1.64
C MSE C 34 30.90 -41.87 2.31
O MSE C 34 29.88 -42.34 2.82
CB MSE C 34 29.73 -40.46 0.64
CG MSE C 34 29.48 -39.08 0.10
SE MSE C 34 28.06 -39.10 -1.23
CE MSE C 34 28.17 -37.15 -1.80
N VAL C 35 32.06 -42.51 2.30
CA VAL C 35 32.18 -43.89 2.76
C VAL C 35 32.02 -44.02 4.29
N TRP C 36 31.40 -45.11 4.71
CA TRP C 36 31.30 -45.46 6.11
C TRP C 36 32.64 -46.01 6.59
N ASN C 37 33.24 -45.31 7.55
CA ASN C 37 34.61 -45.58 7.96
C ASN C 37 34.82 -45.75 9.46
N GLU C 38 33.73 -45.82 10.23
CA GLU C 38 33.80 -46.12 11.67
C GLU C 38 34.56 -47.42 11.97
N ASP C 39 34.29 -48.43 11.15
CA ASP C 39 34.84 -49.75 11.31
C ASP C 39 35.97 -49.97 10.32
N ILE C 40 37.20 -50.16 10.84
CA ILE C 40 38.39 -50.37 9.97
C ILE C 40 38.29 -51.67 9.16
N GLU C 41 37.74 -52.72 9.78
CA GLU C 41 37.52 -54.02 9.12
C GLU C 41 36.40 -54.03 8.08
N MSE C 42 35.57 -52.98 8.02
CA MSE C 42 34.44 -52.95 7.08
C MSE C 42 34.69 -52.03 5.91
O MSE C 42 33.87 -51.96 4.98
CB MSE C 42 33.16 -52.53 7.80
CG MSE C 42 32.72 -53.52 8.87
SE MSE C 42 31.85 -55.07 8.10
CE MSE C 42 33.39 -56.24 7.93
N LEU C 43 35.82 -51.32 5.93
CA LEU C 43 36.16 -50.34 4.90
C LEU C 43 36.11 -50.89 3.49
N ASP C 44 36.44 -52.18 3.31
CA ASP C 44 36.51 -52.78 1.99
C ASP C 44 35.13 -52.98 1.35
N LEU C 45 34.06 -52.96 2.15
CA LEU C 45 32.71 -52.99 1.61
C LEU C 45 32.35 -51.66 0.93
N HIS C 46 33.09 -50.59 1.27
CA HIS C 46 32.82 -49.23 0.77
C HIS C 46 31.34 -48.83 0.89
N LEU C 47 30.73 -49.12 2.02
CA LEU C 47 29.35 -48.80 2.23
C LEU C 47 29.18 -47.28 2.34
N VAL C 48 28.06 -46.75 1.82
CA VAL C 48 27.83 -45.31 1.94
C VAL C 48 27.28 -45.01 3.33
N ALA C 49 27.84 -43.95 3.94
CA ALA C 49 27.51 -43.58 5.32
C ALA C 49 26.15 -42.89 5.42
N THR C 50 25.48 -43.12 6.54
CA THR C 50 24.13 -42.62 6.75
C THR C 50 24.14 -41.10 6.73
N SER C 51 25.08 -40.55 7.48
CA SER C 51 25.20 -39.09 7.60
C SER C 51 25.49 -38.47 6.24
N ALA C 52 26.26 -39.16 5.39
CA ALA C 52 26.53 -38.67 4.05
C ALA C 52 25.26 -38.60 3.20
N LEU C 53 24.45 -39.65 3.24
CA LEU C 53 23.21 -39.65 2.49
C LEU C 53 22.28 -38.52 2.97
N ILE C 54 22.22 -38.30 4.28
CA ILE C 54 21.39 -37.22 4.81
C ILE C 54 21.84 -35.90 4.19
N GLY C 55 23.16 -35.71 4.14
CA GLY C 55 23.74 -34.54 3.54
C GLY C 55 23.29 -34.33 2.12
N VAL C 56 23.34 -35.40 1.35
CA VAL C 56 22.97 -35.36 -0.06
C VAL C 56 21.49 -34.99 -0.24
N VAL C 57 20.64 -35.62 0.54
CA VAL C 57 19.22 -35.32 0.59
C VAL C 57 18.97 -33.85 0.99
N HIS C 58 19.66 -33.38 2.01
CA HIS C 58 19.52 -31.99 2.38
C HIS C 58 19.92 -31.06 1.27
N ARG C 59 21.03 -31.34 0.59
CA ARG C 59 21.53 -30.40 -0.40
CA ARG C 59 21.56 -30.43 -0.44
C ARG C 59 20.59 -30.24 -1.59
N VAL C 60 19.84 -31.30 -1.91
CA VAL C 60 18.83 -31.23 -2.99
C VAL C 60 17.64 -30.34 -2.60
N SER C 61 17.27 -30.32 -1.33
CA SER C 61 16.22 -29.41 -0.84
C SER C 61 16.64 -27.93 -0.92
N TYR C 62 17.92 -27.66 -0.66
CA TYR C 62 18.43 -26.31 -0.81
C TYR C 62 18.40 -25.89 -2.28
N GLU C 63 18.89 -26.73 -3.17
CA GLU C 63 18.82 -26.42 -4.58
C GLU C 63 17.38 -26.15 -5.04
N LEU C 64 16.40 -26.87 -4.52
CA LEU C 64 14.98 -26.56 -4.81
C LEU C 64 14.55 -25.19 -4.29
N LEU C 65 14.92 -24.88 -3.06
CA LEU C 65 14.43 -23.65 -2.41
C LEU C 65 15.06 -22.36 -2.90
N SER C 66 16.35 -22.41 -3.22
CA SER C 66 17.17 -21.23 -3.39
C SER C 66 16.59 -20.29 -4.41
N ARG C 67 16.08 -20.87 -5.47
CA ARG C 67 15.32 -20.18 -6.52
C ARG C 67 14.24 -19.25 -5.95
N TYR C 68 13.54 -19.69 -4.91
CA TYR C 68 12.39 -18.97 -4.37
C TYR C 68 12.67 -18.15 -3.11
N LEU C 69 13.88 -18.20 -2.58
CA LEU C 69 14.18 -17.44 -1.36
C LEU C 69 14.20 -15.92 -1.61
N PRO C 70 13.71 -15.14 -0.64
CA PRO C 70 13.91 -13.70 -0.69
C PRO C 70 15.40 -13.39 -0.67
N ASN C 71 15.76 -12.20 -1.15
CA ASN C 71 17.14 -11.87 -1.52
C ASN C 71 18.19 -11.98 -0.41
N ASP C 72 17.86 -11.50 0.79
CA ASP C 72 18.81 -11.54 1.89
C ASP C 72 18.46 -12.66 2.86
N TYR C 73 17.80 -13.72 2.37
CA TYR C 73 17.37 -14.86 3.19
C TYR C 73 18.05 -16.17 2.81
N THR C 74 18.22 -17.03 3.81
CA THR C 74 18.76 -18.36 3.55
C THR C 74 17.78 -19.39 4.12
N ALA C 75 18.15 -20.66 4.05
CA ALA C 75 17.32 -21.75 4.57
C ALA C 75 18.22 -22.81 5.19
N VAL C 76 18.04 -23.05 6.49
CA VAL C 76 18.89 -23.98 7.24
C VAL C 76 18.07 -25.11 7.85
N VAL C 77 18.65 -26.31 7.87
CA VAL C 77 17.99 -27.47 8.41
C VAL C 77 17.96 -27.33 9.91
N VAL C 78 16.77 -27.52 10.51
CA VAL C 78 16.62 -27.45 11.95
C VAL C 78 16.20 -28.78 12.58
N GLU C 79 15.63 -29.67 11.77
CA GLU C 79 15.24 -31.00 12.21
C GLU C 79 15.30 -31.94 11.00
N THR C 80 15.73 -33.16 11.26
CA THR C 80 15.82 -34.16 10.21
C THR C 80 15.61 -35.54 10.82
N LEU C 81 14.71 -36.31 10.21
CA LEU C 81 14.39 -37.65 10.63
C LEU C 81 14.60 -38.56 9.46
N ALA C 82 15.38 -39.63 9.63
CA ALA C 82 15.69 -40.51 8.50
C ALA C 82 15.71 -42.00 8.86
N ARG C 83 15.37 -42.82 7.88
CA ARG C 83 15.46 -44.30 7.96
CA ARG C 83 15.47 -44.28 7.99
C ARG C 83 16.40 -44.78 6.87
N HIS C 84 17.42 -45.53 7.25
CA HIS C 84 18.38 -46.07 6.30
C HIS C 84 18.11 -47.57 6.29
N VAL C 85 17.39 -48.00 5.25
CA VAL C 85 16.82 -49.34 5.18
C VAL C 85 17.69 -50.36 4.43
N LYS C 86 18.49 -49.92 3.47
CA LYS C 86 19.33 -50.83 2.71
C LYS C 86 20.73 -50.22 2.53
N ALA C 87 21.74 -51.09 2.62
CA ALA C 87 23.11 -50.71 2.38
C ALA C 87 23.32 -50.49 0.87
N VAL C 88 24.14 -49.50 0.54
CA VAL C 88 24.51 -49.20 -0.83
C VAL C 88 26.01 -48.88 -0.85
N PRO C 89 26.79 -49.49 -1.79
CA PRO C 89 28.23 -49.19 -1.83
C PRO C 89 28.49 -47.88 -2.57
N THR C 90 29.63 -47.24 -2.31
CA THR C 90 30.00 -46.04 -3.04
C THR C 90 30.26 -46.39 -4.53
N GLY C 91 30.25 -45.39 -5.39
CA GLY C 91 30.36 -45.59 -6.84
C GLY C 91 29.06 -46.01 -7.50
N THR C 92 27.96 -45.80 -6.80
CA THR C 92 26.61 -45.99 -7.31
C THR C 92 26.03 -44.61 -7.55
N ARG C 93 25.34 -44.44 -8.68
CA ARG C 93 24.46 -43.28 -8.90
C ARG C 93 23.12 -43.62 -8.28
N VAL C 94 22.58 -42.68 -7.50
CA VAL C 94 21.26 -42.80 -6.89
C VAL C 94 20.37 -41.64 -7.34
N ALA C 95 19.06 -41.91 -7.41
CA ALA C 95 18.08 -40.87 -7.66
C ALA C 95 17.65 -40.36 -6.30
N VAL C 96 17.94 -39.08 -6.04
CA VAL C 96 17.54 -38.43 -4.80
C VAL C 96 16.38 -37.47 -5.08
N GLY C 97 15.19 -37.80 -4.57
CA GLY C 97 14.00 -36.97 -4.77
C GLY C 97 13.59 -36.28 -3.48
N VAL C 98 13.22 -35.00 -3.57
CA VAL C 98 12.63 -34.27 -2.45
C VAL C 98 11.37 -33.53 -2.87
N ARG C 99 10.42 -33.44 -1.94
CA ARG C 99 9.21 -32.66 -2.17
CA ARG C 99 9.14 -32.76 -2.14
C ARG C 99 8.80 -31.91 -0.92
N VAL C 100 8.23 -30.73 -1.13
CA VAL C 100 7.74 -29.90 -0.04
C VAL C 100 6.37 -30.45 0.29
N VAL C 101 6.25 -31.02 1.48
CA VAL C 101 4.97 -31.59 1.91
C VAL C 101 4.17 -30.69 2.86
N GLY C 102 4.79 -29.66 3.42
CA GLY C 102 4.08 -28.71 4.26
C GLY C 102 4.88 -27.49 4.56
N VAL C 103 4.18 -26.40 4.86
CA VAL C 103 4.81 -25.14 5.27
C VAL C 103 4.01 -24.56 6.45
N VAL C 104 4.72 -24.14 7.49
CA VAL C 104 4.12 -23.47 8.64
C VAL C 104 5.02 -22.27 8.93
N GLY C 105 4.53 -21.09 8.61
CA GLY C 105 5.30 -19.88 8.77
C GLY C 105 6.54 -20.02 7.92
N ASN C 106 7.69 -19.85 8.56
CA ASN C 106 8.98 -19.87 7.87
C ASN C 106 9.63 -21.27 7.90
N ARG C 107 8.86 -22.28 8.31
CA ARG C 107 9.35 -23.65 8.42
C ARG C 107 8.80 -24.50 7.28
N VAL C 108 9.71 -25.12 6.53
CA VAL C 108 9.37 -25.89 5.36
C VAL C 108 9.69 -27.38 5.59
N LYS C 109 8.68 -28.23 5.50
CA LYS C 109 8.83 -29.67 5.68
C LYS C 109 9.04 -30.33 4.31
N PHE C 110 10.15 -31.07 4.20
CA PHE C 110 10.40 -31.93 3.07
C PHE C 110 10.24 -33.40 3.41
N ARG C 111 9.89 -34.17 2.39
CA ARG C 111 10.15 -35.58 2.34
C ARG C 111 11.21 -35.84 1.30
N GLY C 112 12.10 -36.77 1.61
CA GLY C 112 13.20 -37.13 0.76
C GLY C 112 13.33 -38.64 0.61
N ILE C 113 13.80 -39.07 -0.56
CA ILE C 113 14.02 -40.48 -0.77
C ILE C 113 15.25 -40.68 -1.62
N VAL C 114 15.98 -41.74 -1.32
CA VAL C 114 17.14 -42.10 -2.11
C VAL C 114 16.89 -43.45 -2.72
N MSE C 115 16.89 -43.53 -4.04
CA MSE C 115 16.63 -44.77 -4.76
C MSE C 115 17.89 -45.20 -5.51
O MSE C 115 18.56 -44.36 -6.13
CB MSE C 115 15.50 -44.56 -5.77
CG MSE C 115 14.17 -44.10 -5.18
SE MSE C 115 13.25 -45.50 -4.15
CE MSE C 115 13.20 -46.98 -5.54
N SER C 116 18.23 -46.48 -5.43
CA SER C 116 19.24 -47.08 -6.30
C SER C 116 18.50 -47.93 -7.32
N GLY C 117 18.25 -47.36 -8.51
CA GLY C 117 17.28 -47.96 -9.41
C GLY C 117 15.95 -48.15 -8.71
N ASP C 118 15.55 -49.41 -8.50
CA ASP C 118 14.24 -49.80 -7.94
C ASP C 118 14.28 -50.08 -6.42
N GLU C 119 15.47 -49.96 -5.83
CA GLU C 119 15.63 -50.22 -4.39
C GLU C 119 15.60 -48.93 -3.60
N LYS C 120 14.71 -48.85 -2.62
CA LYS C 120 14.75 -47.75 -1.66
C LYS C 120 15.95 -47.93 -0.74
N ILE C 121 16.76 -46.90 -0.64
CA ILE C 121 17.94 -46.89 0.24
C ILE C 121 17.65 -46.18 1.56
N LEU C 122 17.10 -44.99 1.43
CA LEU C 122 16.90 -44.11 2.60
C LEU C 122 15.70 -43.24 2.34
N GLU C 123 14.91 -43.06 3.40
CA GLU C 123 13.84 -42.04 3.40
C GLU C 123 13.97 -41.10 4.57
N ALA C 124 13.48 -39.88 4.37
CA ALA C 124 13.71 -38.79 5.32
C ALA C 124 12.52 -37.85 5.34
N GLU C 125 12.33 -37.22 6.48
CA GLU C 125 11.33 -36.17 6.70
C GLU C 125 12.08 -35.09 7.48
N PHE C 126 12.22 -33.91 6.88
CA PHE C 126 13.08 -32.86 7.47
C PHE C 126 12.57 -31.45 7.23
N VAL C 127 13.05 -30.53 8.06
CA VAL C 127 12.54 -29.16 8.17
C VAL C 127 13.70 -28.17 7.95
N ARG C 128 13.47 -27.21 7.04
CA ARG C 128 14.31 -26.04 6.90
C ARG C 128 13.58 -24.81 7.45
N ALA C 129 14.36 -23.93 8.07
CA ALA C 129 13.90 -22.62 8.55
C ALA C 129 14.44 -21.54 7.60
N ILE C 130 13.55 -20.72 7.03
CA ILE C 130 13.88 -19.63 6.13
C ILE C 130 14.14 -18.39 6.99
N VAL C 131 15.38 -17.91 6.97
CA VAL C 131 15.82 -16.90 7.93
CA VAL C 131 15.81 -16.87 7.92
C VAL C 131 16.71 -15.85 7.27
N PRO C 132 16.65 -14.60 7.75
CA PRO C 132 17.59 -13.64 7.16
C PRO C 132 19.04 -14.02 7.46
N ARG C 133 19.89 -13.90 6.46
CA ARG C 133 21.30 -14.18 6.62
C ARG C 133 21.87 -13.35 7.75
N GLU C 134 21.46 -12.08 7.78
CA GLU C 134 21.85 -11.16 8.84
C GLU C 134 21.56 -11.69 10.25
N LYS C 135 20.37 -12.25 10.44
CA LYS C 135 19.99 -12.79 11.74
C LYS C 135 20.95 -13.92 12.10
N LEU C 136 21.25 -14.77 11.12
CA LEU C 136 22.11 -15.92 11.34
C LEU C 136 23.52 -15.46 11.70
N ARG C 137 23.99 -14.37 11.10
CA ARG C 137 25.29 -13.79 11.43
CA ARG C 137 25.31 -13.81 11.44
C ARG C 137 25.35 -13.32 12.88
N ARG C 138 24.37 -12.49 13.25
CA ARG C 138 24.27 -11.99 14.62
C ARG C 138 24.29 -13.11 15.64
N LEU C 139 23.43 -14.11 15.47
CA LEU C 139 23.40 -15.26 16.38
C LEU C 139 24.77 -15.96 16.49
N ALA C 140 25.31 -16.45 15.38
CA ALA C 140 26.55 -17.26 15.42
C ALA C 140 27.81 -16.45 15.77
N LEU C 141 27.75 -15.12 15.74
CA LEU C 141 28.88 -14.29 16.18
C LEU C 141 28.73 -13.86 17.64
N GLU C 142 27.64 -13.16 17.95
CA GLU C 142 27.35 -12.74 19.33
C GLU C 142 26.83 -13.91 20.16
N MSE D 13 21.90 -66.46 18.77
CA MSE D 13 21.08 -65.24 18.96
C MSE D 13 21.39 -64.61 20.32
O MSE D 13 21.18 -65.22 21.36
CB MSE D 13 19.59 -65.58 18.88
CG MSE D 13 18.70 -64.40 18.45
SE MSE D 13 18.43 -64.29 16.49
CE MSE D 13 20.22 -64.98 15.81
N MSE D 14 21.88 -63.37 20.31
CA MSE D 14 22.40 -62.75 21.53
C MSE D 14 21.48 -61.76 22.19
O MSE D 14 20.59 -61.17 21.54
CB MSE D 14 23.69 -62.01 21.23
CG MSE D 14 24.76 -62.82 20.56
SE MSE D 14 26.42 -61.95 21.02
CE MSE D 14 27.31 -63.49 22.08
N ASP D 15 21.72 -61.54 23.48
CA ASP D 15 20.98 -60.58 24.26
C ASP D 15 21.85 -59.36 24.57
N PHE D 16 21.41 -58.19 24.11
CA PHE D 16 22.18 -56.95 24.24
C PHE D 16 21.57 -55.98 25.22
N ASP D 17 20.64 -56.47 26.02
CA ASP D 17 19.93 -55.62 26.94
C ASP D 17 20.88 -54.97 27.95
N PHE D 18 22.03 -55.60 28.20
CA PHE D 18 23.01 -55.04 29.15
C PHE D 18 23.51 -53.65 28.70
N LEU D 19 23.36 -53.34 27.41
CA LEU D 19 23.82 -52.06 26.88
C LEU D 19 23.03 -50.90 27.47
N GLU D 20 21.81 -51.20 27.90
CA GLU D 20 20.92 -50.14 28.37
C GLU D 20 21.60 -49.39 29.49
N GLY D 21 21.69 -48.07 29.35
CA GLY D 21 22.30 -47.26 30.41
C GLY D 21 23.77 -46.93 30.16
N LYS D 22 24.42 -47.60 29.22
CA LYS D 22 25.80 -47.29 28.91
CA LYS D 22 25.81 -47.30 28.89
C LYS D 22 25.87 -45.93 28.23
N ARG D 23 26.91 -45.17 28.54
CA ARG D 23 27.08 -43.88 27.94
C ARG D 23 28.55 -43.58 27.69
N LEU D 24 28.79 -42.61 26.83
CA LEU D 24 30.13 -42.21 26.46
C LEU D 24 30.09 -40.76 26.01
N THR D 25 31.10 -40.01 26.40
CA THR D 25 31.22 -38.62 25.98
CA THR D 25 31.25 -38.61 26.05
C THR D 25 32.62 -38.39 25.40
N GLU D 26 32.69 -37.51 24.40
CA GLU D 26 33.93 -37.16 23.75
C GLU D 26 33.97 -35.70 23.40
N ASP D 27 35.15 -35.11 23.54
CA ASP D 27 35.41 -33.75 23.15
C ASP D 27 35.90 -33.78 21.73
N VAL D 28 35.14 -33.17 20.82
CA VAL D 28 35.40 -33.29 19.39
C VAL D 28 35.67 -31.92 18.75
N ALA D 29 36.69 -31.84 17.91
CA ALA D 29 37.02 -30.63 17.18
C ALA D 29 36.18 -30.63 15.92
N LEU D 30 35.49 -29.53 15.63
CA LEU D 30 34.74 -29.42 14.41
C LEU D 30 35.65 -28.84 13.34
N ASP D 31 35.94 -29.61 12.30
CA ASP D 31 36.95 -29.23 11.30
C ASP D 31 36.32 -28.75 9.99
N GLU D 32 37.16 -28.40 9.02
CA GLU D 32 36.67 -27.77 7.82
C GLU D 32 36.04 -28.76 6.83
N THR D 33 36.19 -30.05 7.07
CA THR D 33 35.47 -31.08 6.31
C THR D 33 33.97 -31.15 6.70
N MSE D 34 33.60 -30.44 7.76
CA MSE D 34 32.24 -30.49 8.32
C MSE D 34 31.43 -29.20 8.05
O MSE D 34 30.35 -29.00 8.64
CB MSE D 34 32.38 -30.68 9.82
CG MSE D 34 33.11 -31.93 10.20
SE MSE D 34 33.10 -32.13 12.10
CE MSE D 34 34.21 -33.77 12.35
N VAL D 35 31.98 -28.35 7.19
CA VAL D 35 31.43 -27.03 6.95
CA VAL D 35 31.42 -27.03 6.95
C VAL D 35 30.17 -27.08 6.10
N TRP D 36 29.19 -26.24 6.45
CA TRP D 36 28.00 -26.02 5.65
C TRP D 36 28.38 -25.10 4.49
N ASN D 37 28.24 -25.61 3.27
CA ASN D 37 28.59 -24.86 2.06
C ASN D 37 27.47 -24.76 1.02
N GLU D 38 26.22 -24.94 1.41
CA GLU D 38 25.14 -24.87 0.41
C GLU D 38 24.93 -23.41 -0.07
N ASP D 39 25.06 -22.45 0.83
CA ASP D 39 24.79 -21.05 0.54
C ASP D 39 26.10 -20.29 0.40
N ILE D 40 26.41 -19.89 -0.83
CA ILE D 40 27.69 -19.21 -1.12
C ILE D 40 27.89 -17.99 -0.26
N GLU D 41 26.80 -17.26 -0.03
CA GLU D 41 26.85 -16.03 0.76
C GLU D 41 27.24 -16.25 2.23
N MSE D 42 27.18 -17.48 2.74
CA MSE D 42 27.43 -17.75 4.17
C MSE D 42 28.72 -18.51 4.43
O MSE D 42 29.04 -18.84 5.58
CB MSE D 42 26.28 -18.56 4.77
CG MSE D 42 24.89 -17.95 4.63
SE MSE D 42 24.36 -16.88 6.20
CE MSE D 42 25.40 -15.39 5.83
N LEU D 43 29.49 -18.78 3.37
CA LEU D 43 30.70 -19.57 3.47
C LEU D 43 31.68 -19.00 4.48
N ASP D 44 31.72 -17.69 4.59
CA ASP D 44 32.63 -17.03 5.52
C ASP D 44 32.28 -17.26 7.01
N LEU D 45 31.05 -17.64 7.33
CA LEU D 45 30.68 -18.01 8.70
C LEU D 45 31.19 -19.37 9.11
N HIS D 46 31.48 -20.20 8.12
CA HIS D 46 31.83 -21.60 8.28
C HIS D 46 31.07 -22.34 9.41
N LEU D 47 29.75 -22.27 9.31
CA LEU D 47 28.88 -22.97 10.22
C LEU D 47 29.02 -24.47 10.01
N VAL D 48 28.91 -25.25 11.08
CA VAL D 48 28.96 -26.70 10.93
C VAL D 48 27.64 -27.21 10.34
N ALA D 49 27.75 -28.17 9.41
CA ALA D 49 26.59 -28.79 8.76
C ALA D 49 25.87 -29.77 9.67
N THR D 50 24.55 -29.87 9.54
CA THR D 50 23.75 -30.81 10.34
C THR D 50 24.22 -32.27 10.16
N SER D 51 24.37 -32.68 8.91
CA SER D 51 24.77 -34.05 8.60
C SER D 51 26.13 -34.38 9.16
N ALA D 52 27.04 -33.39 9.16
CA ALA D 52 28.35 -33.57 9.74
C ALA D 52 28.22 -33.83 11.24
N LEU D 53 27.38 -33.06 11.93
CA LEU D 53 27.16 -33.29 13.36
C LEU D 53 26.52 -34.65 13.64
N ILE D 54 25.65 -35.09 12.73
CA ILE D 54 25.01 -36.39 12.90
C ILE D 54 26.10 -37.45 12.83
N GLY D 55 27.01 -37.32 11.87
CA GLY D 55 28.10 -38.27 11.76
C GLY D 55 29.01 -38.31 12.97
N VAL D 56 29.31 -37.15 13.55
CA VAL D 56 30.10 -37.08 14.76
C VAL D 56 29.37 -37.83 15.91
N VAL D 57 28.09 -37.53 16.09
CA VAL D 57 27.35 -38.23 17.15
C VAL D 57 27.33 -39.75 16.88
N HIS D 58 27.09 -40.16 15.66
CA HIS D 58 27.10 -41.58 15.34
C HIS D 58 28.43 -42.22 15.68
N ARG D 59 29.53 -41.56 15.32
CA ARG D 59 30.86 -42.09 15.62
CA ARG D 59 30.85 -42.09 15.61
C ARG D 59 31.04 -42.37 17.10
N VAL D 60 30.61 -41.45 17.95
CA VAL D 60 30.78 -41.68 19.39
C VAL D 60 30.00 -42.92 19.80
N SER D 61 28.84 -43.14 19.22
CA SER D 61 28.07 -44.33 19.59
C SER D 61 28.74 -45.62 19.09
N TYR D 62 29.48 -45.57 17.98
CA TYR D 62 30.19 -46.73 17.48
C TYR D 62 31.30 -47.10 18.49
N GLU D 63 31.98 -46.10 18.99
CA GLU D 63 33.06 -46.29 19.92
C GLU D 63 32.53 -46.84 21.23
N LEU D 64 31.35 -46.38 21.63
CA LEU D 64 30.68 -46.99 22.80
C LEU D 64 30.46 -48.47 22.55
N LEU D 65 29.82 -48.81 21.44
CA LEU D 65 29.50 -50.20 21.17
C LEU D 65 30.73 -51.09 21.08
N SER D 66 31.82 -50.57 20.54
CA SER D 66 33.02 -51.39 20.36
C SER D 66 33.73 -51.75 21.68
N ARG D 67 33.36 -51.05 22.77
CA ARG D 67 33.79 -51.45 24.11
C ARG D 67 33.14 -52.76 24.59
N TYR D 68 31.97 -53.10 24.05
CA TYR D 68 31.15 -54.22 24.57
C TYR D 68 30.84 -55.35 23.58
N LEU D 69 30.89 -55.07 22.27
CA LEU D 69 30.50 -56.06 21.29
C LEU D 69 31.55 -57.19 21.17
N PRO D 70 31.11 -58.41 20.88
CA PRO D 70 32.08 -59.43 20.47
C PRO D 70 32.81 -59.01 19.20
N ASN D 71 34.04 -59.46 19.06
CA ASN D 71 34.89 -58.94 17.97
C ASN D 71 34.43 -59.36 16.56
N ASP D 72 33.44 -60.25 16.45
CA ASP D 72 32.89 -60.61 15.15
C ASP D 72 31.62 -59.81 14.77
N TYR D 73 31.18 -58.93 15.68
CA TYR D 73 30.03 -58.06 15.42
C TYR D 73 30.44 -56.65 15.02
N THR D 74 29.56 -56.01 14.25
CA THR D 74 29.63 -54.57 14.01
C THR D 74 28.22 -54.01 14.30
N ALA D 75 28.04 -52.72 14.02
CA ALA D 75 26.74 -52.07 14.25
C ALA D 75 26.57 -50.97 13.23
N VAL D 76 25.39 -50.89 12.63
CA VAL D 76 25.11 -49.91 11.59
C VAL D 76 23.87 -49.11 11.96
N VAL D 77 23.85 -47.82 11.61
CA VAL D 77 22.69 -46.97 11.86
C VAL D 77 21.56 -47.29 10.86
N VAL D 78 20.36 -47.49 11.39
CA VAL D 78 19.18 -47.80 10.61
C VAL D 78 18.12 -46.69 10.65
N GLU D 79 18.27 -45.77 11.60
CA GLU D 79 17.33 -44.70 11.81
C GLU D 79 18.02 -43.61 12.65
N THR D 80 17.82 -42.35 12.29
CA THR D 80 18.45 -41.25 12.99
C THR D 80 17.56 -39.98 12.93
N LEU D 81 17.48 -39.29 14.06
CA LEU D 81 16.64 -38.13 14.24
C LEU D 81 17.52 -37.11 14.92
N ALA D 82 17.48 -35.87 14.43
CA ALA D 82 18.23 -34.78 15.03
C ALA D 82 17.49 -33.45 15.00
N ARG D 83 17.74 -32.60 16.01
CA ARG D 83 17.26 -31.23 15.98
C ARG D 83 18.48 -30.37 16.15
N HIS D 84 18.68 -29.50 15.16
CA HIS D 84 19.85 -28.62 15.13
C HIS D 84 19.39 -27.26 15.58
N VAL D 85 19.57 -26.97 16.84
CA VAL D 85 18.84 -25.89 17.49
C VAL D 85 19.63 -24.59 17.60
N LYS D 86 20.96 -24.65 17.41
CA LYS D 86 21.80 -23.47 17.37
C LYS D 86 22.94 -23.65 16.36
N ALA D 87 23.18 -22.62 15.57
CA ALA D 87 24.30 -22.58 14.65
C ALA D 87 25.59 -22.39 15.45
N VAL D 88 26.66 -23.07 15.02
CA VAL D 88 27.99 -22.92 15.60
C VAL D 88 29.06 -23.09 14.51
N PRO D 89 30.10 -22.23 14.52
CA PRO D 89 31.19 -22.36 13.56
C PRO D 89 32.09 -23.57 13.72
N THR D 90 32.65 -24.03 12.61
CA THR D 90 33.77 -24.95 12.66
C THR D 90 34.95 -24.23 13.33
N GLY D 91 35.94 -24.99 13.77
CA GLY D 91 37.06 -24.44 14.53
C GLY D 91 36.77 -24.38 16.01
N THR D 92 35.65 -24.98 16.41
CA THR D 92 35.14 -24.99 17.77
C THR D 92 35.29 -26.41 18.26
N ARG D 93 35.40 -26.55 19.58
CA ARG D 93 35.33 -27.86 20.19
C ARG D 93 33.98 -28.03 20.88
N VAL D 94 33.41 -29.21 20.72
CA VAL D 94 32.10 -29.53 21.30
C VAL D 94 32.26 -30.76 22.16
N ALA D 95 31.44 -30.83 23.22
CA ALA D 95 31.28 -32.02 24.04
C ALA D 95 30.11 -32.79 23.42
N VAL D 96 30.32 -34.07 23.12
CA VAL D 96 29.38 -34.93 22.42
C VAL D 96 29.12 -36.09 23.37
N GLY D 97 27.88 -36.21 23.85
CA GLY D 97 27.50 -37.33 24.73
C GLY D 97 26.46 -38.22 24.09
N VAL D 98 26.62 -39.53 24.26
CA VAL D 98 25.63 -40.49 23.83
C VAL D 98 25.29 -41.45 24.98
N ARG D 99 24.06 -41.94 24.99
CA ARG D 99 23.65 -42.91 25.97
CA ARG D 99 23.65 -42.91 25.97
C ARG D 99 22.66 -43.87 25.36
N VAL D 100 22.74 -45.14 25.75
CA VAL D 100 21.81 -46.15 25.29
C VAL D 100 20.56 -46.05 26.14
N VAL D 101 19.42 -45.78 25.53
CA VAL D 101 18.18 -45.62 26.32
C VAL D 101 17.21 -46.79 26.18
N GLY D 102 17.51 -47.71 25.27
CA GLY D 102 16.62 -48.86 25.05
C GLY D 102 17.22 -49.86 24.07
N VAL D 103 16.83 -51.13 24.23
CA VAL D 103 17.25 -52.22 23.37
C VAL D 103 16.05 -53.12 23.10
N VAL D 104 15.88 -53.50 21.84
CA VAL D 104 14.95 -54.54 21.49
C VAL D 104 15.68 -55.46 20.51
N GLY D 105 15.96 -56.68 20.94
CA GLY D 105 16.68 -57.64 20.08
C GLY D 105 18.04 -57.07 19.74
N ASN D 106 18.34 -56.89 18.45
CA ASN D 106 19.66 -56.40 18.03
C ASN D 106 19.61 -54.90 17.69
N ARG D 107 18.50 -54.25 18.06
CA ARG D 107 18.32 -52.81 17.85
C ARG D 107 18.56 -52.03 19.13
N VAL D 108 19.52 -51.14 19.07
CA VAL D 108 19.95 -50.34 20.20
C VAL D 108 19.66 -48.88 19.94
N LYS D 109 18.80 -48.31 20.78
CA LYS D 109 18.36 -46.94 20.68
C LYS D 109 19.23 -46.06 21.57
N PHE D 110 19.80 -45.04 20.97
CA PHE D 110 20.62 -44.03 21.63
C PHE D 110 19.97 -42.68 21.64
N ARG D 111 20.29 -41.86 22.65
CA ARG D 111 20.09 -40.42 22.57
C ARG D 111 21.45 -39.77 22.69
N GLY D 112 21.61 -38.66 21.99
CA GLY D 112 22.83 -37.88 22.03
C GLY D 112 22.62 -36.37 22.09
N ILE D 113 23.71 -35.67 22.39
CA ILE D 113 23.69 -34.26 22.61
C ILE D 113 25.05 -33.73 22.18
N VAL D 114 25.05 -32.59 21.47
CA VAL D 114 26.27 -31.84 21.16
C VAL D 114 26.14 -30.49 21.90
N MSE D 115 27.05 -30.27 22.86
CA MSE D 115 27.13 -29.02 23.63
C MSE D 115 28.34 -28.17 23.22
O MSE D 115 29.44 -28.71 23.02
CB MSE D 115 27.29 -29.33 25.12
CG MSE D 115 26.22 -30.25 25.68
SE MSE D 115 24.51 -29.33 25.78
CE MSE D 115 25.00 -27.99 27.21
N SER D 116 28.14 -26.86 23.15
CA SER D 116 29.21 -25.88 23.00
C SER D 116 29.19 -25.04 24.24
N GLY D 117 30.11 -25.34 25.14
CA GLY D 117 30.02 -24.86 26.51
C GLY D 117 28.70 -25.28 27.14
N ASP D 118 27.92 -24.28 27.54
CA ASP D 118 26.66 -24.48 28.24
CA ASP D 118 26.66 -24.48 28.23
C ASP D 118 25.45 -24.45 27.28
N GLU D 119 25.72 -24.31 25.99
CA GLU D 119 24.64 -24.21 24.98
C GLU D 119 24.51 -25.50 24.18
N LYS D 120 23.29 -26.00 24.08
CA LYS D 120 23.00 -27.18 23.27
C LYS D 120 23.09 -26.74 21.82
N ILE D 121 23.90 -27.44 21.03
CA ILE D 121 23.94 -27.24 19.59
C ILE D 121 22.94 -28.16 18.86
N LEU D 122 22.90 -29.42 19.28
CA LEU D 122 22.11 -30.44 18.59
C LEU D 122 21.73 -31.56 19.55
N GLU D 123 20.50 -32.04 19.41
CA GLU D 123 20.04 -33.20 20.12
C GLU D 123 19.77 -34.28 19.07
N ALA D 124 19.98 -35.53 19.44
CA ALA D 124 19.88 -36.65 18.52
C ALA D 124 19.22 -37.83 19.20
N GLU D 125 18.61 -38.68 18.37
CA GLU D 125 18.05 -39.97 18.78
C GLU D 125 18.27 -40.88 17.58
N PHE D 126 18.78 -42.08 17.82
CA PHE D 126 19.02 -42.99 16.70
C PHE D 126 19.14 -44.42 17.08
N VAL D 127 18.96 -45.28 16.09
CA VAL D 127 19.02 -46.72 16.32
C VAL D 127 20.16 -47.33 15.51
N ARG D 128 20.94 -48.18 16.15
CA ARG D 128 21.94 -49.03 15.50
C ARG D 128 21.50 -50.49 15.54
N ALA D 129 21.61 -51.18 14.40
CA ALA D 129 21.38 -52.63 14.36
C ALA D 129 22.72 -53.33 14.52
N ILE D 130 22.84 -54.21 15.50
CA ILE D 130 24.04 -54.99 15.76
C ILE D 130 24.00 -56.21 14.88
N VAL D 131 25.03 -56.41 14.07
CA VAL D 131 25.03 -57.47 13.06
CA VAL D 131 25.02 -57.52 13.13
C VAL D 131 26.40 -58.15 12.95
N PRO D 132 26.43 -59.48 12.70
CA PRO D 132 27.71 -60.10 12.36
C PRO D 132 28.31 -59.42 11.13
N ARG D 133 29.60 -59.13 11.19
CA ARG D 133 30.32 -58.54 10.06
C ARG D 133 30.18 -59.38 8.79
N GLU D 134 30.17 -60.70 8.96
CA GLU D 134 29.93 -61.63 7.86
C GLU D 134 28.57 -61.50 7.20
N LYS D 135 27.55 -61.15 7.97
CA LYS D 135 26.23 -60.87 7.38
C LYS D 135 26.37 -59.73 6.37
N LEU D 136 27.08 -58.71 6.78
CA LEU D 136 27.16 -57.46 6.03
C LEU D 136 27.94 -57.69 4.76
N ARG D 137 29.04 -58.44 4.87
CA ARG D 137 29.81 -58.88 3.72
C ARG D 137 28.95 -59.69 2.76
N ARG D 138 28.26 -60.70 3.29
CA ARG D 138 27.35 -61.54 2.47
C ARG D 138 26.34 -60.68 1.70
N LEU D 139 25.64 -59.78 2.38
CA LEU D 139 24.79 -58.80 1.71
C LEU D 139 25.57 -58.05 0.63
N ALA D 140 26.46 -57.14 1.05
CA ALA D 140 27.28 -56.35 0.10
C ALA D 140 27.70 -57.16 -1.13
N LEU D 141 28.12 -58.40 -0.93
CA LEU D 141 28.42 -59.30 -2.05
C LEU D 141 27.13 -59.85 -2.69
N GLU D 142 26.22 -58.94 -3.06
CA GLU D 142 24.94 -59.29 -3.69
C GLU D 142 24.35 -58.08 -4.40
N HIS E 12 2.24 11.88 -8.74
CA HIS E 12 1.11 11.63 -7.80
C HIS E 12 0.02 12.70 -7.92
N MSE E 13 -1.24 12.29 -7.87
CA MSE E 13 -2.41 13.19 -7.90
C MSE E 13 -2.81 13.57 -6.47
O MSE E 13 -2.61 12.78 -5.55
CB MSE E 13 -3.60 12.51 -8.60
CG MSE E 13 -3.46 12.33 -10.12
SE MSE E 13 -4.38 10.72 -10.84
CE MSE E 13 -3.10 9.35 -10.30
N MSE E 14 -3.39 14.76 -6.29
CA MSE E 14 -3.69 15.29 -4.94
C MSE E 14 -4.97 16.10 -4.81
O MSE E 14 -5.41 16.73 -5.78
CB MSE E 14 -2.55 16.19 -4.49
CG MSE E 14 -1.34 15.45 -4.05
SE MSE E 14 -0.07 16.69 -3.33
CE MSE E 14 1.28 15.32 -2.61
N ASP E 15 -5.52 16.11 -3.61
CA ASP E 15 -6.74 16.86 -3.30
C ASP E 15 -6.38 18.10 -2.47
N PHE E 16 -6.79 19.27 -2.97
CA PHE E 16 -6.49 20.56 -2.33
C PHE E 16 -7.70 21.24 -1.73
N ASP E 17 -8.79 20.50 -1.52
CA ASP E 17 -10.04 21.09 -1.04
C ASP E 17 -9.89 21.72 0.34
N PHE E 18 -8.94 21.22 1.13
CA PHE E 18 -8.61 21.75 2.46
C PHE E 18 -8.15 23.22 2.41
N LEU E 19 -7.70 23.67 1.24
CA LEU E 19 -7.37 25.07 1.07
C LEU E 19 -8.59 25.97 1.26
N GLU E 20 -9.79 25.41 1.34
CA GLU E 20 -11.02 26.22 1.32
C GLU E 20 -11.23 26.97 2.63
N GLY E 21 -11.51 28.26 2.54
CA GLY E 21 -11.77 29.09 3.72
C GLY E 21 -10.52 29.70 4.35
N LYS E 22 -9.34 29.22 3.97
CA LYS E 22 -8.08 29.74 4.49
C LYS E 22 -7.96 31.21 4.13
N ARG E 23 -7.55 32.03 5.08
CA ARG E 23 -7.40 33.47 4.86
C ARG E 23 -6.05 33.96 5.36
N LEU E 24 -5.51 34.98 4.70
CA LEU E 24 -4.32 35.68 5.18
C LEU E 24 -4.45 37.17 4.90
N THR E 25 -4.12 37.97 5.93
CA THR E 25 -4.04 39.42 5.83
C THR E 25 -2.60 39.86 6.12
N GLU E 26 -2.12 40.82 5.31
CA GLU E 26 -0.78 41.37 5.44
CA GLU E 26 -0.78 41.37 5.44
C GLU E 26 -0.80 42.87 5.17
N ASP E 27 -0.15 43.65 6.05
CA ASP E 27 -0.04 45.11 5.88
C ASP E 27 1.18 45.45 5.02
N VAL E 28 0.91 46.01 3.83
CA VAL E 28 1.94 46.23 2.80
C VAL E 28 2.25 47.73 2.60
N ALA E 29 3.54 48.05 2.46
CA ALA E 29 3.96 49.40 2.10
C ALA E 29 3.77 49.63 0.61
N LEU E 30 3.11 50.73 0.24
CA LEU E 30 3.02 51.08 -1.17
C LEU E 30 4.17 52.01 -1.53
N ASP E 31 5.16 51.47 -2.25
CA ASP E 31 6.44 52.16 -2.45
C ASP E 31 6.62 52.72 -3.85
N GLU E 32 7.76 53.37 -4.08
CA GLU E 32 8.05 54.08 -5.33
C GLU E 32 8.05 53.16 -6.54
N THR E 33 8.34 51.88 -6.32
CA THR E 33 8.30 50.88 -7.40
C THR E 33 6.88 50.65 -7.93
N MSE E 34 5.87 51.02 -7.14
CA MSE E 34 4.47 50.72 -7.46
C MSE E 34 3.68 51.89 -8.03
O MSE E 34 2.46 51.82 -8.17
CB MSE E 34 3.76 50.23 -6.19
CG MSE E 34 4.30 48.93 -5.62
SE MSE E 34 3.39 48.51 -3.94
CE MSE E 34 4.79 47.30 -3.13
N VAL E 35 4.38 52.97 -8.39
CA VAL E 35 3.74 54.23 -8.77
C VAL E 35 3.14 54.18 -10.17
N TRP E 36 2.03 54.90 -10.33
CA TRP E 36 1.40 55.05 -11.63
C TRP E 36 2.19 56.10 -12.42
N ASN E 37 2.87 55.66 -13.49
CA ASN E 37 3.73 56.55 -14.24
C ASN E 37 3.43 56.64 -15.75
N GLU E 38 2.23 56.23 -16.16
CA GLU E 38 1.85 56.32 -17.59
C GLU E 38 1.82 57.74 -18.09
N ASP E 39 1.47 58.68 -17.21
CA ASP E 39 1.19 60.08 -17.56
C ASP E 39 2.18 61.02 -16.85
N ILE E 40 3.09 61.62 -17.63
CA ILE E 40 4.16 62.52 -17.12
C ILE E 40 3.59 63.54 -16.15
N GLU E 41 2.61 64.31 -16.62
CA GLU E 41 1.92 65.33 -15.84
C GLU E 41 1.33 64.89 -14.48
N MSE E 42 1.11 63.60 -14.28
CA MSE E 42 0.48 63.11 -13.05
C MSE E 42 1.47 62.39 -12.13
O MSE E 42 1.09 61.95 -11.04
CB MSE E 42 -0.65 62.14 -13.42
CG MSE E 42 -1.80 62.77 -14.19
SE MSE E 42 -3.09 63.76 -13.07
CE MSE E 42 -2.36 65.57 -13.29
N LEU E 43 2.75 62.28 -12.53
CA LEU E 43 3.76 61.60 -11.71
C LEU E 43 3.78 62.07 -10.27
N ASP E 44 3.48 63.35 -10.07
CA ASP E 44 3.64 63.97 -8.75
C ASP E 44 2.51 63.64 -7.78
N LEU E 45 1.40 63.11 -8.28
CA LEU E 45 0.39 62.55 -7.39
C LEU E 45 0.89 61.24 -6.80
N HIS E 46 1.91 60.65 -7.45
CA HIS E 46 2.41 59.31 -7.16
C HIS E 46 1.33 58.30 -6.72
N LEU E 47 0.27 58.21 -7.52
CA LEU E 47 -0.80 57.22 -7.31
C LEU E 47 -0.26 55.80 -7.51
N VAL E 48 -0.76 54.87 -6.71
CA VAL E 48 -0.39 53.46 -6.85
C VAL E 48 -1.09 52.88 -8.10
N ALA E 49 -0.32 52.14 -8.91
CA ALA E 49 -0.82 51.57 -10.15
C ALA E 49 -1.72 50.37 -9.91
N THR E 50 -2.66 50.13 -10.82
CA THR E 50 -3.60 49.02 -10.69
C THR E 50 -2.84 47.68 -10.70
N SER E 51 -1.98 47.51 -11.70
CA SER E 51 -1.16 46.31 -11.85
C SER E 51 -0.32 46.07 -10.60
N ALA E 52 0.24 47.13 -10.03
CA ALA E 52 1.09 46.98 -8.85
C ALA E 52 0.27 46.42 -7.69
N LEU E 53 -0.95 46.91 -7.50
CA LEU E 53 -1.82 46.40 -6.44
C LEU E 53 -2.21 44.95 -6.70
N ILE E 54 -2.53 44.65 -7.95
CA ILE E 54 -2.82 43.28 -8.35
C ILE E 54 -1.66 42.38 -7.94
N GLY E 55 -0.45 42.81 -8.25
CA GLY E 55 0.73 42.05 -7.90
C GLY E 55 0.82 41.88 -6.41
N VAL E 56 0.44 42.92 -5.67
CA VAL E 56 0.48 42.88 -4.22
C VAL E 56 -0.49 41.84 -3.70
N VAL E 57 -1.74 41.89 -4.16
CA VAL E 57 -2.74 40.90 -3.75
C VAL E 57 -2.30 39.46 -4.12
N HIS E 58 -1.79 39.27 -5.33
CA HIS E 58 -1.24 37.97 -5.73
C HIS E 58 -0.17 37.44 -4.80
N ARG E 59 0.80 38.30 -4.43
CA ARG E 59 1.87 37.88 -3.52
C ARG E 59 1.25 37.27 -2.28
N VAL E 60 0.31 37.99 -1.66
CA VAL E 60 -0.28 37.51 -0.41
C VAL E 60 -0.89 36.12 -0.56
N SER E 61 -1.54 35.86 -1.68
CA SER E 61 -2.10 34.52 -1.94
C SER E 61 -1.00 33.46 -2.04
N TYR E 62 0.17 33.81 -2.58
CA TYR E 62 1.25 32.87 -2.68
C TYR E 62 1.83 32.60 -1.31
N GLU E 63 1.94 33.63 -0.47
CA GLU E 63 2.39 33.41 0.90
C GLU E 63 1.45 32.41 1.60
N LEU E 64 0.14 32.60 1.41
CA LEU E 64 -0.84 31.71 2.02
C LEU E 64 -0.65 30.28 1.52
N LEU E 65 -0.46 30.11 0.21
CA LEU E 65 -0.34 28.77 -0.38
C LEU E 65 0.97 28.09 0.03
N SER E 66 2.07 28.84 0.06
CA SER E 66 3.38 28.29 0.41
C SER E 66 3.30 27.49 1.71
N ARG E 67 2.47 27.95 2.63
CA ARG E 67 2.30 27.32 3.92
C ARG E 67 1.74 25.90 3.85
N TYR E 68 0.96 25.59 2.81
CA TYR E 68 0.24 24.32 2.72
C TYR E 68 0.62 23.40 1.56
N LEU E 69 1.31 23.92 0.55
CA LEU E 69 1.70 23.08 -0.59
C LEU E 69 2.84 22.12 -0.22
N PRO E 70 2.96 21.00 -0.96
CA PRO E 70 4.18 20.20 -0.82
C PRO E 70 5.40 20.97 -1.28
N ASN E 71 6.58 20.50 -0.93
CA ASN E 71 7.81 21.21 -1.25
C ASN E 71 8.16 21.15 -2.73
N ASP E 72 7.57 20.19 -3.44
CA ASP E 72 7.79 20.07 -4.87
C ASP E 72 6.81 20.93 -5.67
N TYR E 73 5.80 21.49 -5.01
CA TYR E 73 4.74 22.25 -5.70
C TYR E 73 4.90 23.77 -5.61
N THR E 74 4.41 24.45 -6.64
CA THR E 74 4.27 25.90 -6.64
C THR E 74 2.91 26.26 -7.22
N ALA E 75 2.56 27.55 -7.23
CA ALA E 75 1.25 28.02 -7.68
C ALA E 75 1.38 29.25 -8.56
N VAL E 76 0.82 29.19 -9.76
CA VAL E 76 0.84 30.32 -10.67
C VAL E 76 -0.57 30.84 -10.86
N VAL E 77 -0.71 32.11 -11.23
CA VAL E 77 -2.00 32.74 -11.52
C VAL E 77 -2.36 32.52 -12.98
N VAL E 78 -3.56 32.00 -13.21
CA VAL E 78 -4.03 31.78 -14.55
C VAL E 78 -5.15 32.77 -14.92
N GLU E 79 -5.77 33.39 -13.91
CA GLU E 79 -6.94 34.25 -14.12
C GLU E 79 -7.06 35.25 -12.97
N THR E 80 -7.31 36.50 -13.31
CA THR E 80 -7.45 37.54 -12.28
C THR E 80 -8.42 38.62 -12.74
N LEU E 81 -9.20 39.12 -11.79
CA LEU E 81 -10.19 40.16 -12.03
C LEU E 81 -10.04 41.16 -10.90
N ALA E 82 -9.97 42.44 -11.25
CA ALA E 82 -9.87 43.51 -10.26
C ALA E 82 -10.74 44.70 -10.62
N ARG E 83 -11.24 45.33 -9.57
CA ARG E 83 -11.91 46.60 -9.64
C ARG E 83 -11.09 47.57 -8.79
N HIS E 84 -10.57 48.62 -9.40
CA HIS E 84 -9.84 49.66 -8.69
C HIS E 84 -10.76 50.86 -8.47
N VAL E 85 -11.32 50.94 -7.25
CA VAL E 85 -12.48 51.83 -6.99
C VAL E 85 -12.10 53.16 -6.33
N LYS E 86 -10.91 53.24 -5.73
CA LYS E 86 -10.42 54.48 -5.10
C LYS E 86 -8.93 54.69 -5.35
N ALA E 87 -8.52 55.91 -5.70
CA ALA E 87 -7.11 56.19 -5.88
C ALA E 87 -6.44 56.42 -4.53
N VAL E 88 -5.23 55.89 -4.39
CA VAL E 88 -4.38 56.20 -3.26
C VAL E 88 -2.95 56.44 -3.76
N PRO E 89 -2.27 57.46 -3.17
CA PRO E 89 -0.84 57.65 -3.36
C PRO E 89 0.04 56.63 -2.66
N THR E 90 1.19 56.37 -3.29
CA THR E 90 2.21 55.53 -2.72
C THR E 90 2.81 56.27 -1.54
N GLY E 91 3.55 55.54 -0.72
CA GLY E 91 4.07 56.12 0.51
C GLY E 91 3.03 56.07 1.60
N THR E 92 2.01 55.25 1.41
CA THR E 92 1.15 54.85 2.51
C THR E 92 1.09 53.33 2.57
N ARG E 93 0.43 52.82 3.59
CA ARG E 93 0.35 51.40 3.87
C ARG E 93 -1.11 50.96 3.76
N VAL E 94 -1.32 49.71 3.39
CA VAL E 94 -2.65 49.17 3.15
C VAL E 94 -2.79 47.78 3.79
N ALA E 95 -4.01 47.45 4.22
CA ALA E 95 -4.34 46.10 4.64
C ALA E 95 -4.76 45.26 3.41
N VAL E 96 -3.98 44.22 3.10
CA VAL E 96 -4.28 43.36 1.96
C VAL E 96 -4.71 41.98 2.47
N GLY E 97 -5.97 41.62 2.22
CA GLY E 97 -6.55 40.36 2.67
C GLY E 97 -6.92 39.45 1.51
N VAL E 98 -6.64 38.16 1.67
CA VAL E 98 -7.04 37.18 0.66
C VAL E 98 -7.66 36.02 1.38
N ARG E 99 -8.59 35.33 0.72
CA ARG E 99 -9.10 34.07 1.22
C ARG E 99 -9.50 33.15 0.09
N VAL E 100 -9.44 31.84 0.38
CA VAL E 100 -9.79 30.85 -0.59
C VAL E 100 -11.30 30.63 -0.56
N VAL E 101 -11.96 30.93 -1.66
CA VAL E 101 -13.41 30.78 -1.75
C VAL E 101 -13.85 29.54 -2.55
N GLY E 102 -12.91 28.82 -3.17
CA GLY E 102 -13.30 27.61 -3.89
C GLY E 102 -12.10 26.86 -4.43
N VAL E 103 -12.23 25.53 -4.52
CA VAL E 103 -11.21 24.67 -5.12
C VAL E 103 -11.82 23.63 -6.04
N VAL E 104 -11.28 23.50 -7.24
CA VAL E 104 -11.74 22.49 -8.20
C VAL E 104 -10.48 21.92 -8.83
N GLY E 105 -10.13 20.69 -8.49
CA GLY E 105 -8.89 20.08 -8.95
C GLY E 105 -7.72 20.87 -8.37
N ASN E 106 -6.84 21.33 -9.26
CA ASN E 106 -5.71 22.16 -8.87
C ASN E 106 -5.98 23.67 -9.07
N ARG E 107 -7.22 24.03 -9.38
CA ARG E 107 -7.59 25.44 -9.51
C ARG E 107 -8.12 25.95 -8.18
N VAL E 108 -7.50 27.03 -7.70
CA VAL E 108 -7.83 27.61 -6.40
C VAL E 108 -8.27 29.07 -6.56
N LYS E 109 -9.53 29.32 -6.21
CA LYS E 109 -10.15 30.63 -6.38
C LYS E 109 -9.98 31.44 -5.11
N PHE E 110 -9.48 32.66 -5.26
CA PHE E 110 -9.33 33.61 -4.15
C PHE E 110 -10.20 34.83 -4.37
N ARG E 111 -10.74 35.36 -3.26
CA ARG E 111 -11.15 36.77 -3.17
C ARG E 111 -10.09 37.61 -2.45
N GLY E 112 -9.91 38.84 -2.90
CA GLY E 112 -8.90 39.73 -2.34
C GLY E 112 -9.39 41.16 -2.18
N ILE E 113 -8.82 41.86 -1.21
CA ILE E 113 -9.28 43.21 -0.88
C ILE E 113 -8.11 44.01 -0.36
N VAL E 114 -8.02 45.27 -0.79
CA VAL E 114 -6.97 46.17 -0.37
C VAL E 114 -7.64 47.34 0.28
N MSE E 115 -7.46 47.47 1.59
CA MSE E 115 -8.05 48.55 2.38
C MSE E 115 -7.03 49.62 2.67
O MSE E 115 -5.86 49.34 2.89
CB MSE E 115 -8.57 48.03 3.73
CG MSE E 115 -9.67 46.97 3.66
SE MSE E 115 -11.39 47.65 2.99
CE MSE E 115 -12.66 46.63 4.17
N SER E 116 -7.49 50.87 2.67
CA SER E 116 -6.68 51.99 3.15
C SER E 116 -7.46 52.67 4.25
N GLY E 117 -7.20 52.26 5.49
CA GLY E 117 -8.02 52.69 6.62
C GLY E 117 -9.35 51.98 6.58
N ASP E 118 -10.44 52.74 6.53
CA ASP E 118 -11.77 52.18 6.37
C ASP E 118 -12.20 52.27 4.90
N GLU E 119 -11.30 52.71 4.02
CA GLU E 119 -11.56 52.81 2.57
C GLU E 119 -11.20 51.54 1.83
N LYS E 120 -12.12 51.03 1.02
CA LYS E 120 -11.83 49.98 0.04
C LYS E 120 -11.14 50.61 -1.17
N ILE E 121 -9.88 50.26 -1.42
CA ILE E 121 -9.14 50.76 -2.58
C ILE E 121 -9.39 49.86 -3.81
N LEU E 122 -9.34 48.56 -3.62
CA LEU E 122 -9.41 47.61 -4.75
C LEU E 122 -9.91 46.29 -4.25
N GLU E 123 -10.78 45.66 -5.03
CA GLU E 123 -11.20 44.28 -4.73
C GLU E 123 -10.89 43.37 -5.91
N ALA E 124 -10.46 42.14 -5.62
CA ALA E 124 -10.01 41.23 -6.64
C ALA E 124 -10.60 39.85 -6.48
N GLU E 125 -10.67 39.14 -7.60
CA GLU E 125 -11.07 37.75 -7.65
C GLU E 125 -10.11 37.11 -8.65
N PHE E 126 -9.50 36.00 -8.28
CA PHE E 126 -8.42 35.43 -9.10
C PHE E 126 -8.14 33.96 -8.81
N VAL E 127 -7.55 33.27 -9.78
CA VAL E 127 -7.38 31.82 -9.71
C VAL E 127 -5.93 31.45 -9.86
N ARG E 128 -5.49 30.54 -9.01
CA ARG E 128 -4.17 29.96 -9.11
C ARG E 128 -4.25 28.49 -9.45
N ALA E 129 -3.37 28.03 -10.33
CA ALA E 129 -3.21 26.61 -10.57
C ALA E 129 -2.01 26.12 -9.76
N ILE E 130 -2.20 25.05 -9.01
CA ILE E 130 -1.11 24.41 -8.27
C ILE E 130 -0.44 23.38 -9.18
N VAL E 131 0.88 23.54 -9.38
CA VAL E 131 1.66 22.69 -10.29
C VAL E 131 3.01 22.31 -9.69
N PRO E 132 3.50 21.10 -9.99
CA PRO E 132 4.87 20.78 -9.58
C PRO E 132 5.89 21.67 -10.30
N ARG E 133 6.89 22.15 -9.56
CA ARG E 133 7.89 23.05 -10.09
C ARG E 133 8.58 22.51 -11.36
N GLU E 134 8.88 21.21 -11.38
CA GLU E 134 9.55 20.57 -12.54
C GLU E 134 8.69 20.60 -13.81
N LYS E 135 7.37 20.43 -13.68
CA LYS E 135 6.44 20.58 -14.79
C LYS E 135 6.56 21.99 -15.37
N LEU E 136 6.56 22.97 -14.47
CA LEU E 136 6.68 24.37 -14.85
C LEU E 136 8.02 24.64 -15.55
N ARG E 137 9.06 23.93 -15.13
CA ARG E 137 10.38 24.05 -15.75
CA ARG E 137 10.38 24.05 -15.76
C ARG E 137 10.35 23.46 -17.16
N ARG E 138 9.91 22.20 -17.27
CA ARG E 138 9.79 21.50 -18.57
C ARG E 138 8.89 22.24 -19.58
N LEU E 139 7.79 22.84 -19.09
CA LEU E 139 6.92 23.66 -19.94
C LEU E 139 7.71 24.79 -20.57
N ALA E 140 8.22 25.70 -19.73
CA ALA E 140 9.01 26.84 -20.20
C ALA E 140 10.49 26.48 -20.43
N LEU E 141 10.75 25.25 -20.86
CA LEU E 141 12.05 24.86 -21.40
C LEU E 141 11.84 24.00 -22.66
N GLU E 142 10.83 24.36 -23.45
CA GLU E 142 10.51 23.66 -24.71
C GLU E 142 11.14 24.37 -25.91
N HIS F 10 -10.43 73.94 -19.80
CA HIS F 10 -10.50 74.28 -21.25
C HIS F 10 -11.63 73.52 -21.97
N HIS F 11 -11.54 72.18 -22.04
CA HIS F 11 -12.51 71.38 -22.83
C HIS F 11 -13.56 70.66 -22.00
N HIS F 12 -14.82 71.09 -22.10
CA HIS F 12 -15.89 70.42 -21.37
C HIS F 12 -16.55 69.31 -22.23
N MSE F 13 -16.01 68.09 -22.11
CA MSE F 13 -16.43 67.00 -22.96
C MSE F 13 -17.69 66.31 -22.44
O MSE F 13 -17.76 65.94 -21.27
CB MSE F 13 -15.31 65.98 -23.06
CG MSE F 13 -13.99 66.53 -23.55
SE MSE F 13 -14.17 67.35 -25.34
CE MSE F 13 -15.08 65.89 -26.28
N MSE F 14 -18.67 66.10 -23.33
CA MSE F 14 -19.90 65.37 -23.02
C MSE F 14 -20.02 64.06 -23.82
O MSE F 14 -21.06 63.39 -23.77
CB MSE F 14 -21.11 66.21 -23.36
CG MSE F 14 -21.05 67.66 -22.93
SE MSE F 14 -21.52 67.84 -21.04
CE MSE F 14 -23.41 67.38 -20.95
N ASP F 15 -19.00 63.71 -24.59
CA ASP F 15 -19.05 62.51 -25.40
C ASP F 15 -17.63 62.14 -25.78
N PHE F 16 -17.32 60.84 -25.73
CA PHE F 16 -16.01 60.34 -26.14
C PHE F 16 -16.04 59.31 -27.27
N ASP F 17 -17.12 59.33 -28.08
CA ASP F 17 -17.34 58.37 -29.19
C ASP F 17 -16.20 58.40 -30.20
N PHE F 18 -15.49 59.52 -30.29
CA PHE F 18 -14.35 59.59 -31.20
C PHE F 18 -13.24 58.58 -30.85
N LEU F 19 -13.30 57.98 -29.66
CA LEU F 19 -12.32 56.96 -29.27
C LEU F 19 -12.70 55.58 -29.77
N GLU F 20 -13.96 55.41 -30.18
CA GLU F 20 -14.45 54.09 -30.56
C GLU F 20 -13.76 53.63 -31.82
N GLY F 21 -13.35 52.36 -31.79
CA GLY F 21 -12.71 51.72 -32.94
C GLY F 21 -11.20 51.88 -33.01
N LYS F 22 -10.61 52.70 -32.15
CA LYS F 22 -9.16 52.86 -32.17
C LYS F 22 -8.46 51.60 -31.68
N ARG F 23 -7.30 51.34 -32.26
CA ARG F 23 -6.44 50.24 -31.81
C ARG F 23 -4.98 50.64 -31.93
N LEU F 24 -4.14 49.98 -31.14
CA LEU F 24 -2.69 50.18 -31.19
C LEU F 24 -2.01 48.88 -30.81
N THR F 25 -0.94 48.58 -31.55
CA THR F 25 -0.08 47.43 -31.26
C THR F 25 1.37 47.90 -31.16
N GLU F 26 2.05 47.44 -30.12
CA GLU F 26 3.45 47.76 -29.91
C GLU F 26 4.20 46.50 -29.54
N ASP F 27 5.43 46.40 -29.99
CA ASP F 27 6.30 45.34 -29.51
C ASP F 27 6.98 45.88 -28.25
N VAL F 28 6.97 45.09 -27.18
CA VAL F 28 7.50 45.52 -25.89
C VAL F 28 8.56 44.54 -25.41
N ALA F 29 9.68 45.08 -24.91
CA ALA F 29 10.72 44.25 -24.30
C ALA F 29 10.31 43.96 -22.85
N LEU F 30 10.17 42.68 -22.51
CA LEU F 30 9.84 42.29 -21.16
C LEU F 30 11.12 42.25 -20.35
N ASP F 31 11.34 43.27 -19.51
CA ASP F 31 12.61 43.38 -18.81
C ASP F 31 12.60 42.64 -17.46
N GLU F 32 13.73 42.69 -16.76
CA GLU F 32 13.91 41.97 -15.51
C GLU F 32 13.17 42.65 -14.35
N THR F 33 12.70 43.89 -14.55
CA THR F 33 11.87 44.55 -13.54
C THR F 33 10.46 43.98 -13.52
N MSE F 34 10.19 43.05 -14.45
CA MSE F 34 8.88 42.43 -14.59
C MSE F 34 8.89 40.99 -14.17
O MSE F 34 8.00 40.23 -14.52
CB MSE F 34 8.47 42.52 -16.05
CG MSE F 34 8.07 43.90 -16.48
SE MSE F 34 7.86 43.97 -18.39
CE MSE F 34 7.66 45.93 -18.62
N VAL F 35 9.90 40.58 -13.41
CA VAL F 35 10.10 39.17 -13.16
C VAL F 35 9.18 38.65 -12.04
N TRP F 36 8.75 37.40 -12.17
CA TRP F 36 8.03 36.70 -11.12
C TRP F 36 9.00 36.28 -9.99
N ASN F 37 8.78 36.85 -8.80
CA ASN F 37 9.71 36.67 -7.68
C ASN F 37 9.06 36.16 -6.40
N GLU F 38 7.83 35.67 -6.49
CA GLU F 38 7.14 35.13 -5.33
C GLU F 38 7.83 33.86 -4.82
N ASP F 39 8.30 33.04 -5.75
CA ASP F 39 8.93 31.77 -5.44
C ASP F 39 10.43 31.87 -5.70
N ILE F 40 11.23 31.47 -4.73
CA ILE F 40 12.68 31.62 -4.82
C ILE F 40 13.34 30.47 -5.61
N GLU F 41 12.83 29.26 -5.45
CA GLU F 41 13.33 28.12 -6.22
C GLU F 41 13.04 28.26 -7.72
N MSE F 42 12.19 29.22 -8.10
CA MSE F 42 11.80 29.44 -9.49
C MSE F 42 12.43 30.67 -10.15
O MSE F 42 12.20 30.94 -11.33
CB MSE F 42 10.27 29.57 -9.57
CG MSE F 42 9.52 28.34 -9.09
SE MSE F 42 9.19 27.03 -10.51
CE MSE F 42 10.99 26.56 -10.98
N LEU F 43 13.24 31.42 -9.39
CA LEU F 43 13.77 32.70 -9.86
C LEU F 43 14.67 32.57 -11.10
N ASP F 44 15.26 31.40 -11.29
CA ASP F 44 16.20 31.18 -12.40
C ASP F 44 15.52 30.96 -13.74
N LEU F 45 14.21 30.68 -13.73
CA LEU F 45 13.42 30.60 -14.96
C LEU F 45 13.13 32.00 -15.52
N HIS F 46 13.29 33.01 -14.67
CA HIS F 46 12.92 34.40 -14.98
C HIS F 46 11.68 34.52 -15.89
N LEU F 47 10.58 33.93 -15.40
CA LEU F 47 9.28 34.06 -16.06
C LEU F 47 8.71 35.44 -15.73
N VAL F 48 7.86 35.96 -16.62
CA VAL F 48 7.27 37.28 -16.43
C VAL F 48 6.04 37.16 -15.55
N ALA F 49 5.90 38.08 -14.61
CA ALA F 49 4.80 38.07 -13.66
C ALA F 49 3.52 38.44 -14.39
N THR F 50 2.40 37.89 -13.94
CA THR F 50 1.06 38.21 -14.46
C THR F 50 0.78 39.69 -14.34
N SER F 51 1.04 40.24 -13.17
CA SER F 51 0.76 41.66 -12.91
C SER F 51 1.59 42.59 -13.82
N ALA F 52 2.83 42.20 -14.09
CA ALA F 52 3.67 42.97 -15.00
C ALA F 52 3.10 42.95 -16.44
N LEU F 53 2.57 41.81 -16.88
CA LEU F 53 1.95 41.73 -18.19
C LEU F 53 0.70 42.60 -18.27
N ILE F 54 -0.07 42.67 -17.17
CA ILE F 54 -1.25 43.48 -17.11
C ILE F 54 -0.87 44.96 -17.26
N GLY F 55 0.20 45.36 -16.57
CA GLY F 55 0.70 46.71 -16.66
C GLY F 55 1.22 47.03 -18.06
N VAL F 56 1.89 46.06 -18.69
CA VAL F 56 2.31 46.22 -20.08
C VAL F 56 1.12 46.54 -20.98
N VAL F 57 0.07 45.74 -20.88
CA VAL F 57 -1.15 45.94 -21.67
C VAL F 57 -1.85 47.28 -21.38
N HIS F 58 -1.94 47.65 -20.12
CA HIS F 58 -2.57 48.91 -19.77
C HIS F 58 -1.80 50.05 -20.37
N ARG F 59 -0.48 49.96 -20.30
CA ARG F 59 0.35 51.05 -20.76
C ARG F 59 0.09 51.33 -22.21
N VAL F 60 -0.08 50.28 -23.00
CA VAL F 60 -0.33 50.48 -24.42
C VAL F 60 -1.65 51.23 -24.61
N SER F 61 -2.60 50.96 -23.75
CA SER F 61 -3.90 51.59 -23.82
C SER F 61 -3.81 53.07 -23.49
N TYR F 62 -2.95 53.45 -22.55
CA TYR F 62 -2.73 54.88 -22.28
C TYR F 62 -2.04 55.57 -23.46
N GLU F 63 -1.11 54.89 -24.12
CA GLU F 63 -0.40 55.50 -25.23
C GLU F 63 -1.37 55.81 -26.36
N LEU F 64 -2.30 54.90 -26.62
CA LEU F 64 -3.41 55.11 -27.55
C LEU F 64 -4.27 56.30 -27.12
N LEU F 65 -4.78 56.24 -25.89
CA LEU F 65 -5.70 57.26 -25.42
C LEU F 65 -5.08 58.64 -25.47
N SER F 66 -3.77 58.72 -25.26
CA SER F 66 -3.10 60.01 -25.11
C SER F 66 -2.96 60.74 -26.44
N ARG F 67 -3.07 60.00 -27.54
CA ARG F 67 -3.08 60.60 -28.88
C ARG F 67 -4.36 61.38 -29.13
N TYR F 68 -5.45 61.00 -28.45
CA TYR F 68 -6.77 61.50 -28.80
C TYR F 68 -7.48 62.26 -27.70
N LEU F 69 -7.15 62.05 -26.43
CA LEU F 69 -7.80 62.78 -25.35
C LEU F 69 -7.41 64.26 -25.38
N PRO F 70 -8.38 65.17 -25.19
CA PRO F 70 -8.09 66.58 -24.94
C PRO F 70 -7.11 66.73 -23.79
N ASN F 71 -6.30 67.77 -23.85
CA ASN F 71 -5.14 67.93 -22.95
C ASN F 71 -5.45 68.12 -21.48
N ASP F 72 -6.68 68.48 -21.15
CA ASP F 72 -7.07 68.56 -19.75
C ASP F 72 -7.61 67.23 -19.15
N TYR F 73 -7.68 66.17 -19.96
CA TYR F 73 -8.17 64.88 -19.49
C TYR F 73 -7.07 63.84 -19.37
N THR F 74 -7.30 62.93 -18.43
CA THR F 74 -6.52 61.69 -18.33
C THR F 74 -7.49 60.53 -18.23
N ALA F 75 -6.95 59.33 -18.05
CA ALA F 75 -7.76 58.10 -17.94
C ALA F 75 -7.01 57.10 -17.07
N VAL F 76 -7.72 56.50 -16.15
CA VAL F 76 -7.16 55.62 -15.15
C VAL F 76 -7.96 54.32 -15.17
N VAL F 77 -7.28 53.22 -14.92
CA VAL F 77 -7.96 51.92 -14.92
C VAL F 77 -8.87 51.80 -13.70
N VAL F 78 -10.12 51.41 -13.91
CA VAL F 78 -11.04 51.11 -12.83
C VAL F 78 -11.48 49.65 -12.78
N GLU F 79 -11.29 48.93 -13.87
CA GLU F 79 -11.60 47.50 -13.88
C GLU F 79 -10.71 46.74 -14.86
N THR F 80 -10.24 45.56 -14.45
CA THR F 80 -9.39 44.75 -15.30
C THR F 80 -9.55 43.22 -15.05
N LEU F 81 -9.48 42.47 -16.14
CA LEU F 81 -9.74 41.06 -16.16
C LEU F 81 -8.69 40.50 -17.10
N ALA F 82 -8.04 39.42 -16.69
CA ALA F 82 -6.99 38.86 -17.50
C ALA F 82 -6.92 37.36 -17.30
N ARG F 83 -6.62 36.65 -18.40
CA ARG F 83 -6.23 35.25 -18.37
C ARG F 83 -4.79 35.14 -18.83
N HIS F 84 -3.96 34.48 -18.01
CA HIS F 84 -2.54 34.25 -18.29
C HIS F 84 -2.35 32.79 -18.71
N VAL F 85 -2.26 32.55 -20.01
CA VAL F 85 -2.45 31.21 -20.56
C VAL F 85 -1.15 30.44 -20.81
N LYS F 86 -0.07 31.16 -21.09
CA LYS F 86 1.26 30.57 -21.27
C LYS F 86 2.31 31.35 -20.48
N ALA F 87 3.31 30.62 -19.97
CA ALA F 87 4.49 31.22 -19.34
C ALA F 87 5.44 31.82 -20.39
N VAL F 88 6.11 32.91 -20.04
CA VAL F 88 6.99 33.64 -20.96
C VAL F 88 8.18 34.19 -20.17
N PRO F 89 9.41 33.94 -20.66
CA PRO F 89 10.56 34.43 -19.91
C PRO F 89 10.81 35.90 -20.15
N THR F 90 11.40 36.57 -19.15
CA THR F 90 11.88 37.93 -19.32
C THR F 90 13.00 37.92 -20.35
N GLY F 91 13.19 39.03 -21.05
CA GLY F 91 14.14 39.09 -22.17
C GLY F 91 13.44 38.89 -23.51
N THR F 92 12.20 38.45 -23.48
CA THR F 92 11.42 38.28 -24.69
C THR F 92 10.82 39.63 -25.12
N ARG F 93 10.64 39.76 -26.44
CA ARG F 93 9.98 40.88 -27.07
C ARG F 93 8.59 40.38 -27.52
N VAL F 94 7.54 41.00 -26.98
CA VAL F 94 6.16 40.54 -27.23
C VAL F 94 5.40 41.57 -28.04
N ALA F 95 4.51 41.10 -28.91
CA ALA F 95 3.59 41.99 -29.59
C ALA F 95 2.41 42.20 -28.65
N VAL F 96 2.07 43.47 -28.41
CA VAL F 96 1.00 43.81 -27.48
C VAL F 96 -0.03 44.70 -28.17
N GLY F 97 -1.27 44.21 -28.23
CA GLY F 97 -2.32 44.86 -28.99
C GLY F 97 -3.44 45.25 -28.07
N VAL F 98 -3.99 46.44 -28.26
CA VAL F 98 -5.19 46.85 -27.56
C VAL F 98 -6.15 47.47 -28.55
N ARG F 99 -7.45 47.35 -28.27
CA ARG F 99 -8.46 48.04 -29.04
C ARG F 99 -9.65 48.49 -28.19
N VAL F 100 -10.21 49.64 -28.56
CA VAL F 100 -11.37 50.16 -27.89
C VAL F 100 -12.57 49.39 -28.39
N VAL F 101 -13.28 48.75 -27.46
CA VAL F 101 -14.43 47.97 -27.84
C VAL F 101 -15.70 48.78 -27.67
N GLY F 102 -15.74 49.73 -26.75
CA GLY F 102 -16.83 50.70 -26.73
C GLY F 102 -16.60 51.77 -25.70
N VAL F 103 -17.49 52.77 -25.75
CA VAL F 103 -17.45 53.92 -24.86
C VAL F 103 -18.87 54.06 -24.34
N VAL F 104 -19.02 54.09 -23.02
CA VAL F 104 -20.31 54.36 -22.35
C VAL F 104 -20.06 55.47 -21.35
N GLY F 105 -20.60 56.66 -21.58
CA GLY F 105 -20.29 57.80 -20.70
C GLY F 105 -18.78 58.04 -20.66
N ASN F 106 -18.21 58.23 -19.47
CA ASN F 106 -16.77 58.37 -19.34
C ASN F 106 -15.98 57.08 -19.15
N ARG F 107 -16.57 55.94 -19.55
CA ARG F 107 -15.93 54.61 -19.50
C ARG F 107 -15.56 54.14 -20.87
N VAL F 108 -14.27 53.87 -21.09
CA VAL F 108 -13.79 53.22 -22.31
C VAL F 108 -13.42 51.80 -21.96
N LYS F 109 -14.07 50.86 -22.66
CA LYS F 109 -13.79 49.43 -22.57
C LYS F 109 -12.75 49.02 -23.64
N PHE F 110 -11.72 48.26 -23.20
CA PHE F 110 -10.66 47.76 -24.06
C PHE F 110 -10.60 46.26 -24.08
N ARG F 111 -10.13 45.68 -25.19
CA ARG F 111 -9.60 44.34 -25.17
C ARG F 111 -8.11 44.42 -25.49
N GLY F 112 -7.34 43.49 -24.92
CA GLY F 112 -5.91 43.51 -25.05
C GLY F 112 -5.41 42.09 -25.15
N ILE F 113 -4.32 41.91 -25.92
CA ILE F 113 -3.74 40.61 -26.18
C ILE F 113 -2.20 40.75 -26.14
N VAL F 114 -1.53 39.78 -25.51
CA VAL F 114 -0.08 39.65 -25.57
C VAL F 114 0.30 38.38 -26.32
N MSE F 115 1.10 38.54 -27.37
CA MSE F 115 1.61 37.43 -28.19
C MSE F 115 3.13 37.39 -28.09
O MSE F 115 3.80 38.42 -28.18
CB MSE F 115 1.27 37.67 -29.67
CG MSE F 115 -0.17 37.95 -29.96
SE MSE F 115 -1.23 36.36 -29.78
CE MSE F 115 -0.52 35.26 -31.32
N SER F 116 3.68 36.19 -27.90
CA SER F 116 5.09 35.90 -28.11
C SER F 116 5.20 35.15 -29.43
N GLY F 117 5.49 35.88 -30.50
CA GLY F 117 5.38 35.35 -31.84
C GLY F 117 3.96 34.85 -32.07
N ASP F 118 3.85 33.57 -32.42
CA ASP F 118 2.58 32.94 -32.71
C ASP F 118 1.85 32.44 -31.45
N GLU F 119 2.49 32.54 -30.29
CA GLU F 119 1.89 32.06 -29.02
C GLU F 119 1.16 33.15 -28.25
N LYS F 120 -0.12 32.90 -27.94
CA LYS F 120 -0.89 33.75 -27.05
C LYS F 120 -0.45 33.54 -25.61
N ILE F 121 0.00 34.62 -24.96
CA ILE F 121 0.46 34.58 -23.57
C ILE F 121 -0.66 35.01 -22.61
N LEU F 122 -1.32 36.11 -22.94
CA LEU F 122 -2.34 36.73 -22.09
C LEU F 122 -3.38 37.43 -22.94
N GLU F 123 -4.62 37.39 -22.47
CA GLU F 123 -5.69 38.22 -23.01
C GLU F 123 -6.34 38.94 -21.84
N ALA F 124 -6.83 40.14 -22.11
CA ALA F 124 -7.36 41.01 -21.08
C ALA F 124 -8.59 41.72 -21.59
N GLU F 125 -9.42 42.14 -20.66
CA GLU F 125 -10.55 43.02 -20.94
C GLU F 125 -10.54 44.02 -19.80
N PHE F 126 -10.54 45.31 -20.10
CA PHE F 126 -10.43 46.31 -19.06
C PHE F 126 -11.10 47.62 -19.40
N VAL F 127 -11.26 48.43 -18.38
CA VAL F 127 -12.02 49.65 -18.47
C VAL F 127 -11.21 50.76 -17.82
N ARG F 128 -11.10 51.88 -18.51
CA ARG F 128 -10.60 53.12 -17.94
C ARG F 128 -11.74 54.14 -17.76
N ALA F 129 -11.63 54.93 -16.69
CA ALA F 129 -12.48 56.12 -16.47
C ALA F 129 -11.73 57.35 -16.98
N ILE F 130 -12.36 58.08 -17.90
CA ILE F 130 -11.84 59.34 -18.39
C ILE F 130 -12.30 60.47 -17.49
N VAL F 131 -11.31 61.20 -16.99
CA VAL F 131 -11.51 62.12 -15.87
C VAL F 131 -10.63 63.33 -16.09
N PRO F 132 -11.13 64.54 -15.77
CA PRO F 132 -10.27 65.73 -15.79
C PRO F 132 -9.14 65.57 -14.82
N ARG F 133 -7.94 65.96 -15.23
CA ARG F 133 -6.75 65.82 -14.38
C ARG F 133 -6.98 66.59 -13.10
N GLU F 134 -7.55 67.79 -13.22
CA GLU F 134 -7.86 68.62 -12.06
C GLU F 134 -8.74 67.87 -11.07
N LYS F 135 -9.73 67.14 -11.57
CA LYS F 135 -10.65 66.39 -10.72
C LYS F 135 -9.94 65.28 -9.95
N LEU F 136 -9.09 64.55 -10.65
CA LEU F 136 -8.27 63.51 -10.04
C LEU F 136 -7.30 64.08 -8.99
N ARG F 137 -6.71 65.24 -9.29
CA ARG F 137 -5.91 65.93 -8.29
C ARG F 137 -6.73 66.23 -7.04
N ARG F 138 -7.91 66.82 -7.21
CA ARG F 138 -8.77 67.14 -6.06
C ARG F 138 -9.11 65.92 -5.21
N LEU F 139 -9.34 64.77 -5.86
CA LEU F 139 -9.63 63.54 -5.13
C LEU F 139 -8.39 63.11 -4.33
N ALA F 140 -7.24 63.12 -4.98
CA ALA F 140 -5.98 62.77 -4.34
C ALA F 140 -5.67 63.64 -3.12
N LEU F 141 -5.84 64.96 -3.24
CA LEU F 141 -5.55 65.87 -2.13
CA LEU F 141 -5.57 65.88 -2.14
C LEU F 141 -6.56 65.68 -0.99
N GLU F 142 -7.83 65.43 -1.33
CA GLU F 142 -8.86 65.21 -0.33
C GLU F 142 -8.50 64.01 0.53
N LYS F 143 -8.12 62.91 -0.13
CA LYS F 143 -7.70 61.67 0.57
C LYS F 143 -6.45 61.89 1.45
N ALA F 144 -5.51 62.71 0.97
CA ALA F 144 -4.31 63.03 1.74
C ALA F 144 -4.62 63.85 3.00
N GLU F 145 -5.72 64.60 3.00
CA GLU F 145 -6.13 65.39 4.17
C GLU F 145 -6.64 64.51 5.31
N HIS G 12 -15.51 36.40 -25.84
CA HIS G 12 -15.86 36.66 -24.42
C HIS G 12 -14.94 35.85 -23.50
N MSE G 13 -14.97 36.20 -22.21
CA MSE G 13 -14.03 35.67 -21.21
C MSE G 13 -14.77 35.53 -19.88
O MSE G 13 -14.73 36.43 -19.03
CB MSE G 13 -12.84 36.61 -21.11
CG MSE G 13 -11.67 36.12 -20.29
SE MSE G 13 -10.27 37.49 -20.30
CE MSE G 13 -10.64 38.39 -22.04
N MSE G 14 -15.40 34.38 -19.70
CA MSE G 14 -16.72 34.32 -19.08
C MSE G 14 -16.82 33.77 -17.65
O MSE G 14 -15.89 33.15 -17.14
CB MSE G 14 -17.59 33.46 -19.99
CG MSE G 14 -19.02 33.87 -20.06
SE MSE G 14 -19.89 32.65 -21.25
CE MSE G 14 -21.73 32.66 -20.41
N ASP G 15 -17.96 34.02 -17.01
CA ASP G 15 -18.23 33.58 -15.63
C ASP G 15 -19.34 32.54 -15.54
N PHE G 16 -18.99 31.36 -15.05
CA PHE G 16 -19.94 30.24 -14.99
C PHE G 16 -20.48 29.93 -13.58
N ASP G 17 -20.33 30.86 -12.65
CA ASP G 17 -20.63 30.56 -11.23
C ASP G 17 -22.13 30.37 -10.95
N PHE G 18 -22.99 30.87 -11.83
CA PHE G 18 -24.43 30.65 -11.72
C PHE G 18 -24.82 29.14 -11.74
N LEU G 19 -23.93 28.27 -12.25
CA LEU G 19 -24.20 26.83 -12.31
C LEU G 19 -24.22 26.18 -10.92
N GLU G 20 -23.60 26.82 -9.93
CA GLU G 20 -23.49 26.23 -8.58
C GLU G 20 -24.87 25.90 -8.04
N GLY G 21 -25.07 24.65 -7.61
CA GLY G 21 -26.34 24.24 -6.99
C GLY G 21 -27.33 23.57 -7.93
N LYS G 22 -27.17 23.73 -9.24
CA LYS G 22 -28.05 23.05 -10.19
C LYS G 22 -27.95 21.54 -9.97
N ARG G 23 -29.05 20.85 -10.20
CA ARG G 23 -29.09 19.42 -10.04
C ARG G 23 -29.97 18.78 -11.13
N LEU G 24 -29.68 17.52 -11.48
CA LEU G 24 -30.48 16.77 -12.42
C LEU G 24 -30.43 15.30 -12.03
N THR G 25 -31.58 14.63 -12.11
CA THR G 25 -31.70 13.20 -11.85
C THR G 25 -32.40 12.53 -13.06
N GLU G 26 -31.92 11.36 -13.46
CA GLU G 26 -32.48 10.64 -14.59
C GLU G 26 -32.63 9.17 -14.25
N ASP G 27 -33.72 8.60 -14.73
CA ASP G 27 -33.96 7.17 -14.68
C ASP G 27 -33.24 6.54 -15.88
N VAL G 28 -32.28 5.63 -15.62
CA VAL G 28 -31.47 5.02 -16.69
C VAL G 28 -31.49 3.47 -16.71
N ALA G 29 -31.77 2.90 -17.88
CA ALA G 29 -31.62 1.47 -18.11
C ALA G 29 -30.16 1.07 -18.28
N LEU G 30 -29.68 0.14 -17.47
CA LEU G 30 -28.36 -0.43 -17.67
C LEU G 30 -28.50 -1.59 -18.64
N ASP G 31 -27.92 -1.44 -19.83
CA ASP G 31 -28.11 -2.40 -20.91
C ASP G 31 -26.87 -3.29 -21.09
N GLU G 32 -26.95 -4.18 -22.07
CA GLU G 32 -25.92 -5.20 -22.31
C GLU G 32 -24.61 -4.64 -22.91
N THR G 33 -24.67 -3.43 -23.47
CA THR G 33 -23.46 -2.72 -23.91
C THR G 33 -22.59 -2.29 -22.72
N MSE G 34 -23.15 -2.31 -21.52
CA MSE G 34 -22.43 -1.87 -20.33
C MSE G 34 -21.89 -3.04 -19.46
O MSE G 34 -21.48 -2.84 -18.31
CB MSE G 34 -23.34 -1.01 -19.49
CG MSE G 34 -23.95 0.15 -20.24
SE MSE G 34 -25.14 1.10 -19.06
CE MSE G 34 -25.95 2.47 -20.27
N VAL G 35 -21.92 -4.25 -20.01
CA VAL G 35 -21.64 -5.44 -19.23
C VAL G 35 -20.14 -5.51 -18.91
N TRP G 36 -19.83 -5.97 -17.70
CA TRP G 36 -18.48 -6.32 -17.30
C TRP G 36 -18.05 -7.58 -18.05
N ASN G 37 -17.00 -7.46 -18.86
CA ASN G 37 -16.55 -8.59 -19.68
C ASN G 37 -15.07 -8.89 -19.58
N GLU G 38 -14.38 -8.27 -18.63
CA GLU G 38 -12.96 -8.58 -18.42
C GLU G 38 -12.73 -10.07 -18.25
N ASP G 39 -13.68 -10.75 -17.60
CA ASP G 39 -13.56 -12.17 -17.25
C ASP G 39 -14.62 -13.00 -17.97
N ILE G 40 -14.16 -13.99 -18.71
CA ILE G 40 -15.01 -14.79 -19.60
C ILE G 40 -15.89 -15.73 -18.76
N GLU G 41 -15.34 -16.24 -17.67
CA GLU G 41 -16.04 -17.13 -16.75
C GLU G 41 -17.13 -16.42 -15.93
N MSE G 42 -17.22 -15.10 -16.03
CA MSE G 42 -18.17 -14.32 -15.23
C MSE G 42 -19.24 -13.57 -16.03
O MSE G 42 -20.12 -12.94 -15.44
CB MSE G 42 -17.39 -13.32 -14.38
CG MSE G 42 -16.41 -13.93 -13.38
SE MSE G 42 -17.14 -14.16 -11.59
CE MSE G 42 -18.47 -15.47 -11.95
N LEU G 43 -19.16 -13.66 -17.36
CA LEU G 43 -20.14 -13.01 -18.26
C LEU G 43 -21.60 -13.33 -17.94
N ASP G 44 -21.85 -14.54 -17.46
CA ASP G 44 -23.21 -14.98 -17.12
C ASP G 44 -23.83 -14.29 -15.88
N LEU G 45 -23.02 -13.59 -15.09
CA LEU G 45 -23.56 -12.74 -14.03
C LEU G 45 -24.14 -11.44 -14.58
N HIS G 46 -23.81 -11.13 -15.83
CA HIS G 46 -24.19 -9.88 -16.50
CA HIS G 46 -24.27 -9.91 -16.48
C HIS G 46 -24.20 -8.69 -15.53
N LEU G 47 -23.07 -8.49 -14.89
CA LEU G 47 -22.87 -7.34 -14.03
C LEU G 47 -22.43 -6.16 -14.87
N VAL G 48 -22.76 -4.96 -14.39
CA VAL G 48 -22.43 -3.73 -15.09
CA VAL G 48 -22.43 -3.73 -15.10
C VAL G 48 -21.01 -3.31 -14.73
N ALA G 49 -20.23 -2.90 -15.74
CA ALA G 49 -18.84 -2.50 -15.55
C ALA G 49 -18.74 -1.16 -14.79
N THR G 50 -17.69 -1.01 -13.99
CA THR G 50 -17.44 0.23 -13.27
C THR G 50 -17.34 1.40 -14.25
N SER G 51 -16.63 1.20 -15.36
CA SER G 51 -16.46 2.27 -16.34
C SER G 51 -17.74 2.61 -17.03
N ALA G 52 -18.61 1.62 -17.23
CA ALA G 52 -19.91 1.88 -17.81
C ALA G 52 -20.70 2.83 -16.91
N LEU G 53 -20.70 2.57 -15.61
CA LEU G 53 -21.43 3.40 -14.65
C LEU G 53 -20.90 4.83 -14.57
N ILE G 54 -19.58 4.95 -14.69
CA ILE G 54 -18.96 6.27 -14.76
C ILE G 54 -19.43 7.01 -16.01
N GLY G 55 -19.55 6.30 -17.12
CA GLY G 55 -20.05 6.95 -18.35
C GLY G 55 -21.43 7.54 -18.11
N VAL G 56 -22.25 6.77 -17.41
CA VAL G 56 -23.66 7.06 -17.21
C VAL G 56 -23.78 8.33 -16.35
N VAL G 57 -22.99 8.39 -15.28
CA VAL G 57 -23.05 9.51 -14.37
C VAL G 57 -22.54 10.75 -15.09
N HIS G 58 -21.44 10.57 -15.82
CA HIS G 58 -20.93 11.66 -16.61
C HIS G 58 -21.99 12.23 -17.55
N ARG G 59 -22.71 11.33 -18.22
CA ARG G 59 -23.66 11.75 -19.27
CA ARG G 59 -23.67 11.71 -19.27
C ARG G 59 -24.71 12.70 -18.73
N VAL G 60 -25.24 12.39 -17.54
CA VAL G 60 -26.25 13.23 -16.91
C VAL G 60 -25.67 14.62 -16.66
N SER G 61 -24.40 14.71 -16.28
CA SER G 61 -23.76 16.02 -16.07
C SER G 61 -23.73 16.83 -17.38
N TYR G 62 -23.53 16.15 -18.49
CA TYR G 62 -23.50 16.85 -19.76
C TYR G 62 -24.90 17.38 -20.07
N GLU G 63 -25.92 16.56 -19.86
CA GLU G 63 -27.29 16.95 -20.15
C GLU G 63 -27.67 18.16 -19.30
N LEU G 64 -27.32 18.12 -18.02
CA LEU G 64 -27.54 19.30 -17.16
C LEU G 64 -26.83 20.52 -17.76
N LEU G 65 -25.51 20.44 -17.97
CA LEU G 65 -24.76 21.60 -18.47
C LEU G 65 -25.32 22.13 -19.78
N SER G 66 -25.66 21.25 -20.72
CA SER G 66 -26.11 21.68 -22.05
C SER G 66 -27.37 22.53 -22.00
N ARG G 67 -28.17 22.36 -20.95
CA ARG G 67 -29.35 23.20 -20.73
C ARG G 67 -29.01 24.63 -20.33
N TYR G 68 -27.75 24.91 -19.98
CA TYR G 68 -27.38 26.22 -19.45
C TYR G 68 -26.17 26.85 -20.10
N LEU G 69 -25.41 26.10 -20.89
CA LEU G 69 -24.24 26.66 -21.56
C LEU G 69 -24.68 27.45 -22.76
N PRO G 70 -23.91 28.48 -23.14
CA PRO G 70 -24.17 29.09 -24.44
C PRO G 70 -23.95 28.06 -25.54
N ASN G 71 -24.58 28.29 -26.67
CA ASN G 71 -24.71 27.30 -27.75
C ASN G 71 -23.42 26.98 -28.52
N ASP G 72 -22.37 27.75 -28.23
CA ASP G 72 -21.07 27.60 -28.88
C ASP G 72 -20.07 26.86 -27.97
N TYR G 73 -20.46 26.62 -26.72
CA TYR G 73 -19.61 25.97 -25.73
C TYR G 73 -19.98 24.51 -25.55
N THR G 74 -18.96 23.67 -25.33
CA THR G 74 -19.18 22.30 -24.88
C THR G 74 -18.52 22.15 -23.50
N ALA G 75 -18.51 20.92 -22.99
CA ALA G 75 -17.88 20.63 -21.69
C ALA G 75 -17.34 19.21 -21.73
N VAL G 76 -16.09 19.04 -21.34
CA VAL G 76 -15.47 17.72 -21.35
C VAL G 76 -14.95 17.37 -19.96
N VAL G 77 -14.97 16.08 -19.63
CA VAL G 77 -14.44 15.61 -18.34
C VAL G 77 -12.91 15.64 -18.32
N VAL G 78 -12.36 16.24 -17.26
CA VAL G 78 -10.91 16.32 -17.09
C VAL G 78 -10.41 15.54 -15.89
N GLU G 79 -11.31 15.25 -14.96
CA GLU G 79 -10.97 14.56 -13.75
C GLU G 79 -12.21 13.92 -13.18
N THR G 80 -12.05 12.72 -12.63
CA THR G 80 -13.17 11.97 -12.09
C THR G 80 -12.66 10.98 -11.04
N LEU G 81 -13.54 10.74 -10.06
CA LEU G 81 -13.24 9.91 -8.92
C LEU G 81 -14.52 9.13 -8.66
N ALA G 82 -14.45 7.80 -8.57
CA ALA G 82 -15.67 7.02 -8.29
C ALA G 82 -15.40 5.88 -7.33
N ARG G 83 -16.38 5.64 -6.45
CA ARG G 83 -16.38 4.45 -5.59
C ARG G 83 -17.56 3.58 -6.01
N HIS G 84 -17.27 2.34 -6.34
CA HIS G 84 -18.25 1.37 -6.77
C HIS G 84 -18.51 0.44 -5.59
N VAL G 85 -19.64 0.69 -4.92
CA VAL G 85 -19.94 0.08 -3.64
C VAL G 85 -20.72 -1.25 -3.71
N LYS G 86 -21.60 -1.40 -4.69
CA LYS G 86 -22.40 -2.63 -4.82
C LYS G 86 -22.54 -3.02 -6.27
N ALA G 87 -22.45 -4.33 -6.54
CA ALA G 87 -22.66 -4.84 -7.89
C ALA G 87 -24.10 -4.64 -8.34
N VAL G 88 -24.31 -4.54 -9.64
CA VAL G 88 -25.66 -4.46 -10.15
C VAL G 88 -25.71 -5.16 -11.50
N PRO G 89 -26.81 -5.90 -11.79
CA PRO G 89 -26.89 -6.58 -13.09
C PRO G 89 -27.40 -5.68 -14.19
N THR G 90 -26.92 -5.92 -15.41
CA THR G 90 -27.55 -5.31 -16.58
C THR G 90 -29.01 -5.78 -16.62
N GLY G 91 -29.82 -5.06 -17.39
CA GLY G 91 -31.26 -5.30 -17.41
C GLY G 91 -31.91 -4.69 -16.18
N THR G 92 -31.22 -3.72 -15.58
CA THR G 92 -31.68 -3.03 -14.37
C THR G 92 -31.85 -1.55 -14.66
N ARG G 93 -32.78 -0.93 -13.97
CA ARG G 93 -33.03 0.49 -14.06
C ARG G 93 -32.39 1.11 -12.83
N VAL G 94 -31.86 2.33 -12.95
CA VAL G 94 -31.28 3.04 -11.79
C VAL G 94 -31.60 4.54 -11.79
N ALA G 95 -31.59 5.13 -10.61
CA ALA G 95 -31.74 6.57 -10.46
C ALA G 95 -30.38 7.21 -10.36
N VAL G 96 -30.05 8.06 -11.33
CA VAL G 96 -28.74 8.68 -11.45
C VAL G 96 -28.89 10.16 -11.20
N GLY G 97 -28.23 10.66 -10.16
CA GLY G 97 -28.32 12.06 -9.80
C GLY G 97 -26.95 12.73 -9.85
N VAL G 98 -26.94 13.96 -10.35
CA VAL G 98 -25.74 14.81 -10.37
C VAL G 98 -26.06 16.20 -9.83
N ARG G 99 -25.06 16.85 -9.23
CA ARG G 99 -25.23 18.23 -8.81
CA ARG G 99 -25.22 18.20 -8.69
C ARG G 99 -23.92 19.00 -8.84
N VAL G 100 -24.02 20.25 -9.28
CA VAL G 100 -22.85 21.13 -9.35
C VAL G 100 -22.54 21.63 -7.94
N VAL G 101 -21.38 21.27 -7.42
CA VAL G 101 -20.99 21.63 -6.05
C VAL G 101 -19.97 22.79 -6.00
N GLY G 102 -19.40 23.17 -7.13
CA GLY G 102 -18.37 24.23 -7.16
C GLY G 102 -17.96 24.61 -8.57
N VAL G 103 -17.66 25.90 -8.77
CA VAL G 103 -17.16 26.39 -10.05
C VAL G 103 -15.91 27.22 -9.80
N VAL G 104 -14.85 26.98 -10.56
CA VAL G 104 -13.68 27.87 -10.57
C VAL G 104 -13.24 28.09 -12.01
N GLY G 105 -13.35 29.32 -12.48
CA GLY G 105 -13.19 29.62 -13.89
C GLY G 105 -14.12 28.75 -14.72
N ASN G 106 -13.53 28.02 -15.66
CA ASN G 106 -14.24 27.14 -16.59
C ASN G 106 -14.28 25.69 -16.11
N ARG G 107 -13.84 25.45 -14.87
CA ARG G 107 -13.92 24.14 -14.25
C ARG G 107 -15.15 24.02 -13.35
N VAL G 108 -15.98 23.02 -13.61
CA VAL G 108 -17.21 22.76 -12.85
C VAL G 108 -17.15 21.38 -12.16
N LYS G 109 -17.27 21.42 -10.84
CA LYS G 109 -17.24 20.21 -10.02
C LYS G 109 -18.66 19.63 -9.79
N PHE G 110 -18.79 18.33 -10.01
CA PHE G 110 -20.04 17.60 -9.77
C PHE G 110 -19.89 16.52 -8.73
N ARG G 111 -20.92 16.33 -7.91
CA ARG G 111 -21.07 15.08 -7.18
CA ARG G 111 -21.10 15.09 -7.16
C ARG G 111 -22.17 14.31 -7.88
N GLY G 112 -22.01 13.00 -7.98
CA GLY G 112 -22.98 12.12 -8.61
C GLY G 112 -23.21 10.82 -7.85
N ILE G 113 -24.41 10.26 -7.98
CA ILE G 113 -24.79 9.04 -7.27
C ILE G 113 -25.60 8.17 -8.20
N VAL G 114 -25.40 6.86 -8.12
CA VAL G 114 -26.25 5.91 -8.82
C VAL G 114 -26.91 5.05 -7.76
N MSE G 115 -28.25 5.01 -7.80
CA MSE G 115 -29.09 4.31 -6.82
C MSE G 115 -29.91 3.23 -7.50
O MSE G 115 -30.54 3.50 -8.51
CB MSE G 115 -30.10 5.28 -6.20
CG MSE G 115 -29.50 6.45 -5.45
SE MSE G 115 -28.67 5.91 -3.78
CE MSE G 115 -30.24 5.31 -2.80
N SER G 116 -29.89 2.01 -6.99
CA SER G 116 -30.83 0.97 -7.42
C SER G 116 -31.88 0.82 -6.33
N GLY G 117 -32.96 1.60 -6.45
CA GLY G 117 -33.97 1.69 -5.41
C GLY G 117 -33.42 2.41 -4.21
N ASP G 118 -33.35 1.72 -3.08
CA ASP G 118 -32.73 2.25 -1.85
C ASP G 118 -31.23 1.91 -1.74
N GLU G 119 -30.67 1.22 -2.75
CA GLU G 119 -29.29 0.74 -2.68
C GLU G 119 -28.35 1.68 -3.43
N LYS G 120 -27.40 2.27 -2.71
CA LYS G 120 -26.31 3.01 -3.36
C LYS G 120 -25.44 2.04 -4.18
N ILE G 121 -25.28 2.31 -5.46
CA ILE G 121 -24.44 1.48 -6.33
C ILE G 121 -23.08 2.11 -6.51
N LEU G 122 -23.06 3.41 -6.78
CA LEU G 122 -21.81 4.10 -7.11
C LEU G 122 -21.96 5.55 -6.72
N GLU G 123 -20.91 6.12 -6.14
CA GLU G 123 -20.84 7.57 -5.98
C GLU G 123 -19.61 8.15 -6.66
N ALA G 124 -19.75 9.38 -7.13
CA ALA G 124 -18.70 10.02 -7.88
C ALA G 124 -18.57 11.48 -7.59
N GLU G 125 -17.38 11.97 -7.88
CA GLU G 125 -17.08 13.37 -7.85
C GLU G 125 -16.16 13.62 -9.05
N PHE G 126 -16.53 14.58 -9.89
CA PHE G 126 -15.76 14.81 -11.09
C PHE G 126 -15.84 16.24 -11.59
N VAL G 127 -14.96 16.54 -12.54
CA VAL G 127 -14.77 17.91 -13.01
C VAL G 127 -14.88 17.96 -14.54
N ARG G 128 -15.69 18.89 -15.02
CA ARG G 128 -15.74 19.24 -16.42
C ARG G 128 -15.10 20.59 -16.68
N ALA G 129 -14.53 20.73 -17.87
CA ALA G 129 -13.97 21.98 -18.36
C ALA G 129 -14.89 22.48 -19.47
N ILE G 130 -15.40 23.70 -19.30
CA ILE G 130 -16.27 24.35 -20.27
C ILE G 130 -15.36 25.06 -21.26
N VAL G 131 -15.53 24.72 -22.52
CA VAL G 131 -14.62 25.12 -23.57
C VAL G 131 -15.45 25.37 -24.83
N PRO G 132 -15.11 26.42 -25.61
CA PRO G 132 -15.74 26.58 -26.92
C PRO G 132 -15.50 25.35 -27.81
N ARG G 133 -16.50 24.97 -28.60
CA ARG G 133 -16.33 23.83 -29.50
C ARG G 133 -15.19 24.08 -30.50
N GLU G 134 -15.11 25.30 -31.03
CA GLU G 134 -14.03 25.68 -31.95
CA GLU G 134 -14.04 25.60 -31.98
C GLU G 134 -12.65 25.38 -31.36
N LYS G 135 -12.49 25.69 -30.07
CA LYS G 135 -11.20 25.51 -29.41
C LYS G 135 -10.83 24.03 -29.36
N LEU G 136 -11.80 23.21 -29.02
CA LEU G 136 -11.60 21.76 -29.01
C LEU G 136 -11.30 21.28 -30.42
N ARG G 137 -12.07 21.77 -31.39
CA ARG G 137 -11.83 21.40 -32.78
CA ARG G 137 -11.84 21.42 -32.80
C ARG G 137 -10.40 21.77 -33.21
N ARG G 138 -10.03 23.04 -33.04
CA ARG G 138 -8.67 23.50 -33.37
C ARG G 138 -7.57 22.62 -32.79
N LEU G 139 -7.60 22.37 -31.49
CA LEU G 139 -6.69 21.41 -30.85
C LEU G 139 -6.64 20.10 -31.63
N ALA G 140 -7.81 19.59 -31.99
CA ALA G 140 -7.94 18.30 -32.67
C ALA G 140 -7.19 18.27 -33.99
N LEU G 141 -7.20 19.41 -34.70
CA LEU G 141 -6.44 19.58 -35.95
C LEU G 141 -4.93 19.33 -35.78
N GLU G 142 -4.41 19.62 -34.59
CA GLU G 142 -2.98 19.45 -34.28
C GLU G 142 -2.52 18.00 -34.49
N HIS H 12 -5.05 -21.62 2.42
CA HIS H 12 -6.40 -21.28 1.89
C HIS H 12 -6.77 -19.81 2.13
N MSE H 13 -6.00 -19.10 2.97
CA MSE H 13 -6.19 -17.66 3.22
C MSE H 13 -5.03 -16.88 2.60
O MSE H 13 -4.00 -16.62 3.25
CB MSE H 13 -6.24 -17.36 4.73
CG MSE H 13 -7.40 -17.94 5.53
SE MSE H 13 -7.41 -17.24 7.40
CE MSE H 13 -7.70 -15.59 6.95
N MSE H 14 -5.19 -16.48 1.35
CA MSE H 14 -4.10 -15.96 0.55
C MSE H 14 -3.53 -14.62 1.02
O MSE H 14 -4.24 -13.73 1.42
CB MSE H 14 -4.58 -15.75 -0.88
CG MSE H 14 -4.77 -17.02 -1.67
SE MSE H 14 -3.74 -16.80 -3.30
CE MSE H 14 -1.95 -17.43 -2.63
N ASP H 15 -2.21 -14.51 0.95
CA ASP H 15 -1.51 -13.24 1.08
C ASP H 15 -1.24 -12.75 -0.34
N PHE H 16 -1.51 -11.47 -0.59
CA PHE H 16 -1.37 -10.95 -1.93
C PHE H 16 -0.26 -9.93 -2.05
N ASP H 17 0.55 -9.81 -1.01
CA ASP H 17 1.58 -8.77 -0.97
C ASP H 17 2.61 -8.99 -2.08
N PHE H 18 2.73 -10.22 -2.55
CA PHE H 18 3.63 -10.49 -3.64
C PHE H 18 3.24 -9.75 -4.93
N LEU H 19 2.05 -9.15 -4.98
CA LEU H 19 1.66 -8.39 -6.17
C LEU H 19 2.40 -7.06 -6.30
N GLU H 20 2.96 -6.56 -5.19
CA GLU H 20 3.56 -5.22 -5.18
C GLU H 20 4.70 -5.12 -6.19
N GLY H 21 4.67 -4.09 -7.02
CA GLY H 21 5.71 -3.86 -8.01
C GLY H 21 5.52 -4.55 -9.34
N LYS H 22 4.48 -5.39 -9.45
CA LYS H 22 4.12 -5.99 -10.71
C LYS H 22 3.53 -4.95 -11.67
N ARG H 23 4.06 -4.89 -12.89
CA ARG H 23 3.63 -3.94 -13.92
C ARG H 23 3.34 -4.63 -15.25
N LEU H 24 2.56 -3.97 -16.09
CA LEU H 24 2.24 -4.48 -17.43
C LEU H 24 1.96 -3.33 -18.37
N THR H 25 2.55 -3.34 -19.56
CA THR H 25 2.17 -2.40 -20.60
C THR H 25 1.66 -3.15 -21.83
N GLU H 26 0.55 -2.67 -22.39
CA GLU H 26 -0.02 -3.24 -23.61
C GLU H 26 -0.35 -2.09 -24.55
N ASP H 27 -0.07 -2.28 -25.82
CA ASP H 27 -0.57 -1.37 -26.83
C ASP H 27 -2.03 -1.73 -27.06
N VAL H 28 -2.91 -0.73 -27.05
CA VAL H 28 -4.34 -0.95 -27.24
C VAL H 28 -4.87 -0.03 -28.33
N ALA H 29 -5.67 -0.58 -29.25
CA ALA H 29 -6.29 0.23 -30.31
C ALA H 29 -7.59 0.83 -29.79
N LEU H 30 -7.75 2.14 -29.94
CA LEU H 30 -8.94 2.83 -29.45
C LEU H 30 -9.99 2.80 -30.54
N ASP H 31 -10.98 1.94 -30.37
CA ASP H 31 -11.96 1.68 -31.42
C ASP H 31 -13.19 2.59 -31.26
N GLU H 32 -14.10 2.49 -32.22
CA GLU H 32 -15.24 3.38 -32.33
C GLU H 32 -16.33 3.13 -31.29
N THR H 33 -16.30 1.96 -30.65
CA THR H 33 -17.22 1.71 -29.55
C THR H 33 -16.84 2.54 -28.32
N MSE H 34 -15.71 3.25 -28.39
CA MSE H 34 -15.19 4.03 -27.26
C MSE H 34 -15.34 5.55 -27.43
O MSE H 34 -14.81 6.31 -26.64
CB MSE H 34 -13.71 3.73 -27.06
CG MSE H 34 -13.39 2.29 -26.90
SE MSE H 34 -11.49 2.04 -26.57
CE MSE H 34 -11.38 0.00 -26.55
N VAL H 35 -16.07 5.96 -28.47
CA VAL H 35 -16.13 7.36 -28.84
C VAL H 35 -16.92 8.20 -27.84
N TRP H 36 -16.49 9.45 -27.67
CA TRP H 36 -17.27 10.45 -26.99
C TRP H 36 -18.44 10.83 -27.87
N ASN H 37 -19.65 10.63 -27.38
CA ASN H 37 -20.85 10.96 -28.14
C ASN H 37 -21.93 11.74 -27.40
N GLU H 38 -21.60 12.32 -26.24
CA GLU H 38 -22.54 13.18 -25.49
C GLU H 38 -22.98 14.38 -26.31
N ASP H 39 -22.09 14.90 -27.15
CA ASP H 39 -22.32 16.14 -27.85
C ASP H 39 -22.40 15.94 -29.38
N ILE H 40 -23.62 15.98 -29.90
CA ILE H 40 -23.95 15.89 -31.34
C ILE H 40 -22.98 16.62 -32.28
N GLU H 41 -22.57 17.82 -31.89
CA GLU H 41 -21.80 18.68 -32.74
C GLU H 41 -20.34 18.31 -32.79
N MSE H 42 -19.91 17.41 -31.91
CA MSE H 42 -18.50 17.00 -31.85
C MSE H 42 -18.24 15.61 -32.41
O MSE H 42 -17.11 15.15 -32.40
CB MSE H 42 -18.03 17.01 -30.38
CG MSE H 42 -18.10 18.37 -29.68
SE MSE H 42 -16.76 19.66 -30.32
CE MSE H 42 -17.74 20.35 -31.70
N LEU H 43 -19.27 14.92 -32.88
CA LEU H 43 -19.11 13.52 -33.26
C LEU H 43 -18.00 13.29 -34.29
N ASP H 44 -17.85 14.21 -35.23
CA ASP H 44 -16.85 14.05 -36.29
C ASP H 44 -15.39 14.09 -35.82
N LEU H 45 -15.12 14.66 -34.65
CA LEU H 45 -13.78 14.59 -34.06
C LEU H 45 -13.43 13.18 -33.58
N HIS H 46 -14.46 12.37 -33.36
CA HIS H 46 -14.39 11.07 -32.66
C HIS H 46 -13.30 10.92 -31.60
N LEU H 47 -13.35 11.85 -30.65
CA LEU H 47 -12.54 11.79 -29.46
C LEU H 47 -12.95 10.59 -28.64
N VAL H 48 -11.98 9.96 -27.98
CA VAL H 48 -12.24 8.84 -27.07
C VAL H 48 -12.81 9.38 -25.74
N ALA H 49 -13.83 8.69 -25.23
CA ALA H 49 -14.48 9.06 -23.98
C ALA H 49 -13.60 8.75 -22.75
N THR H 50 -13.69 9.62 -21.74
CA THR H 50 -12.96 9.45 -20.49
C THR H 50 -13.26 8.06 -19.91
N SER H 51 -14.55 7.72 -19.86
CA SER H 51 -15.00 6.47 -19.25
C SER H 51 -14.51 5.25 -20.03
N ALA H 52 -14.38 5.41 -21.34
CA ALA H 52 -13.81 4.38 -22.19
C ALA H 52 -12.34 4.13 -21.85
N LEU H 53 -11.56 5.19 -21.68
CA LEU H 53 -10.13 5.03 -21.38
C LEU H 53 -9.93 4.43 -20.00
N ILE H 54 -10.76 4.82 -19.05
CA ILE H 54 -10.75 4.23 -17.73
C ILE H 54 -10.98 2.71 -17.84
N GLY H 55 -11.98 2.30 -18.61
CA GLY H 55 -12.20 0.88 -18.89
C GLY H 55 -10.99 0.16 -19.45
N VAL H 56 -10.34 0.81 -20.40
CA VAL H 56 -9.15 0.27 -21.03
C VAL H 56 -8.08 0.02 -19.97
N VAL H 57 -7.88 0.99 -19.07
CA VAL H 57 -6.84 0.89 -18.07
C VAL H 57 -7.16 -0.22 -17.08
N HIS H 58 -8.42 -0.27 -16.65
CA HIS H 58 -8.87 -1.33 -15.78
C HIS H 58 -8.56 -2.68 -16.39
N ARG H 59 -8.83 -2.83 -17.69
CA ARG H 59 -8.67 -4.11 -18.33
C ARG H 59 -7.24 -4.60 -18.27
N VAL H 60 -6.28 -3.72 -18.53
CA VAL H 60 -4.87 -4.12 -18.50
C VAL H 60 -4.55 -4.67 -17.09
N SER H 61 -5.09 -4.02 -16.07
CA SER H 61 -4.88 -4.49 -14.69
C SER H 61 -5.49 -5.88 -14.47
N TYR H 62 -6.67 -6.12 -15.05
CA TYR H 62 -7.24 -7.45 -14.94
C TYR H 62 -6.29 -8.49 -15.58
N GLU H 63 -5.84 -8.20 -16.79
CA GLU H 63 -4.88 -9.06 -17.46
C GLU H 63 -3.69 -9.37 -16.55
N LEU H 64 -3.13 -8.34 -15.91
CA LEU H 64 -1.97 -8.52 -15.03
C LEU H 64 -2.32 -9.42 -13.86
N LEU H 65 -3.42 -9.12 -13.18
CA LEU H 65 -3.85 -9.93 -12.02
C LEU H 65 -4.13 -11.39 -12.39
N SER H 66 -4.74 -11.61 -13.54
CA SER H 66 -5.18 -12.97 -13.93
C SER H 66 -4.01 -13.94 -14.10
N ARG H 67 -2.82 -13.40 -14.35
CA ARG H 67 -1.57 -14.18 -14.37
C ARG H 67 -1.20 -14.76 -13.01
N TYR H 68 -1.40 -13.98 -11.96
CA TYR H 68 -0.94 -14.39 -10.61
C TYR H 68 -2.04 -14.89 -9.69
N LEU H 69 -3.30 -14.65 -10.01
CA LEU H 69 -4.37 -15.05 -9.10
C LEU H 69 -4.59 -16.53 -9.26
N PRO H 70 -5.07 -17.19 -8.18
CA PRO H 70 -5.44 -18.59 -8.36
C PRO H 70 -6.64 -18.66 -9.27
N ASN H 71 -6.87 -19.85 -9.83
CA ASN H 71 -7.87 -20.04 -10.87
C ASN H 71 -9.31 -19.82 -10.39
N ASP H 72 -9.53 -19.81 -9.07
CA ASP H 72 -10.89 -19.65 -8.51
C ASP H 72 -11.17 -18.22 -8.02
N TYR H 73 -10.20 -17.33 -8.18
CA TYR H 73 -10.35 -15.94 -7.75
C TYR H 73 -10.56 -15.01 -8.91
N THR H 74 -11.17 -13.87 -8.59
CA THR H 74 -11.28 -12.80 -9.53
C THR H 74 -10.98 -11.47 -8.81
N ALA H 75 -11.25 -10.37 -9.48
CA ALA H 75 -10.87 -9.06 -9.01
C ALA H 75 -11.81 -8.05 -9.65
N VAL H 76 -12.43 -7.22 -8.83
CA VAL H 76 -13.38 -6.22 -9.27
C VAL H 76 -12.90 -4.87 -8.79
N VAL H 77 -13.23 -3.80 -9.51
CA VAL H 77 -12.79 -2.45 -9.16
C VAL H 77 -13.76 -1.90 -8.12
N VAL H 78 -13.23 -1.26 -7.10
CA VAL H 78 -14.02 -0.68 -6.04
C VAL H 78 -13.83 0.84 -5.93
N GLU H 79 -12.73 1.34 -6.48
CA GLU H 79 -12.44 2.74 -6.42
C GLU H 79 -11.53 3.11 -7.59
N THR H 80 -11.83 4.22 -8.26
CA THR H 80 -11.03 4.64 -9.40
C THR H 80 -10.98 6.15 -9.50
N LEU H 81 -9.80 6.67 -9.83
CA LEU H 81 -9.53 8.07 -9.98
C LEU H 81 -8.74 8.28 -11.27
N ALA H 82 -9.11 9.27 -12.07
CA ALA H 82 -8.42 9.52 -13.34
C ALA H 82 -8.35 11.01 -13.69
N ARG H 83 -7.25 11.43 -14.32
CA ARG H 83 -7.13 12.74 -14.94
C ARG H 83 -6.98 12.54 -16.44
N HIS H 84 -7.85 13.20 -17.22
CA HIS H 84 -7.85 13.13 -18.66
C HIS H 84 -7.29 14.46 -19.17
N VAL H 85 -6.01 14.45 -19.49
CA VAL H 85 -5.28 15.71 -19.68
C VAL H 85 -5.18 16.15 -21.15
N LYS H 86 -5.47 15.25 -22.08
CA LYS H 86 -5.30 15.49 -23.49
C LYS H 86 -6.34 14.69 -24.26
N ALA H 87 -6.95 15.32 -25.26
CA ALA H 87 -7.86 14.62 -26.19
C ALA H 87 -7.07 13.72 -27.16
N VAL H 88 -7.66 12.56 -27.49
CA VAL H 88 -7.10 11.69 -28.53
C VAL H 88 -8.24 11.01 -29.29
N PRO H 89 -8.11 10.91 -30.64
CA PRO H 89 -9.21 10.38 -31.42
C PRO H 89 -9.14 8.87 -31.49
N THR H 90 -10.28 8.26 -31.79
CA THR H 90 -10.35 6.83 -31.97
C THR H 90 -9.63 6.47 -33.27
N GLY H 91 -9.21 5.22 -33.39
CA GLY H 91 -8.36 4.80 -34.52
C GLY H 91 -6.89 5.03 -34.22
N THR H 92 -6.63 5.51 -32.99
CA THR H 92 -5.29 5.70 -32.47
C THR H 92 -4.91 4.43 -31.70
N ARG H 93 -3.62 4.14 -31.69
CA ARG H 93 -3.06 3.08 -30.89
C ARG H 93 -2.38 3.77 -29.72
N VAL H 94 -2.57 3.26 -28.50
CA VAL H 94 -2.01 3.86 -27.28
C VAL H 94 -1.32 2.84 -26.41
N ALA H 95 -0.27 3.26 -25.70
CA ALA H 95 0.48 2.39 -24.82
C ALA H 95 -0.09 2.57 -23.41
N VAL H 96 -0.66 1.50 -22.86
CA VAL H 96 -1.37 1.55 -21.61
C VAL H 96 -0.55 0.80 -20.57
N GLY H 97 -0.14 1.47 -19.49
CA GLY H 97 0.71 0.86 -18.46
C GLY H 97 0.02 0.81 -17.11
N VAL H 98 0.17 -0.31 -16.40
CA VAL H 98 -0.32 -0.41 -15.03
C VAL H 98 0.74 -1.00 -14.13
N ARG H 99 0.75 -0.54 -12.88
CA ARG H 99 1.77 -0.94 -11.91
C ARG H 99 1.10 -1.06 -10.54
N VAL H 100 1.35 -2.18 -9.84
CA VAL H 100 0.83 -2.35 -8.49
C VAL H 100 1.69 -1.51 -7.54
N VAL H 101 1.08 -0.53 -6.88
CA VAL H 101 1.79 0.34 -5.98
C VAL H 101 1.48 0.05 -4.50
N GLY H 102 0.58 -0.87 -4.23
CA GLY H 102 0.36 -1.25 -2.85
C GLY H 102 -0.70 -2.31 -2.69
N VAL H 103 -0.61 -3.06 -1.59
CA VAL H 103 -1.57 -4.11 -1.29
C VAL H 103 -1.87 -4.03 0.19
N VAL H 104 -3.16 -3.95 0.52
CA VAL H 104 -3.61 -4.10 1.91
C VAL H 104 -4.78 -5.10 1.94
N GLY H 105 -4.56 -6.23 2.61
CA GLY H 105 -5.53 -7.32 2.60
C GLY H 105 -5.74 -7.81 1.17
N ASN H 106 -6.99 -7.84 0.73
CA ASN H 106 -7.32 -8.19 -0.65
C ASN H 106 -7.49 -6.97 -1.55
N ARG H 107 -7.08 -5.79 -1.08
CA ARG H 107 -7.16 -4.57 -1.88
C ARG H 107 -5.81 -4.28 -2.53
N VAL H 108 -5.82 -4.24 -3.87
CA VAL H 108 -4.65 -4.00 -4.68
C VAL H 108 -4.76 -2.64 -5.34
N LYS H 109 -3.81 -1.76 -5.04
CA LYS H 109 -3.81 -0.43 -5.59
C LYS H 109 -2.90 -0.33 -6.82
N PHE H 110 -3.45 0.24 -7.90
CA PHE H 110 -2.74 0.42 -9.16
C PHE H 110 -2.57 1.86 -9.54
N ARG H 111 -1.51 2.12 -10.27
CA ARG H 111 -1.34 3.35 -11.00
C ARG H 111 -1.33 3.00 -12.46
N GLY H 112 -1.96 3.84 -13.27
CA GLY H 112 -2.03 3.59 -14.69
C GLY H 112 -1.76 4.83 -15.52
N ILE H 113 -1.36 4.62 -16.76
CA ILE H 113 -1.05 5.71 -17.64
C ILE H 113 -1.38 5.30 -19.08
N VAL H 114 -1.95 6.23 -19.83
CA VAL H 114 -2.19 6.05 -21.25
C VAL H 114 -1.32 7.05 -22.02
N MSE H 115 -0.39 6.53 -22.81
CA MSE H 115 0.48 7.34 -23.67
C MSE H 115 0.11 7.18 -25.15
O MSE H 115 -0.07 6.05 -25.64
CB MSE H 115 1.94 6.91 -23.50
CG MSE H 115 2.48 6.98 -22.08
SE MSE H 115 2.61 8.83 -21.38
CE MSE H 115 4.29 9.48 -22.32
N SER H 116 -0.02 8.32 -25.84
CA SER H 116 -0.09 8.35 -27.30
C SER H 116 1.24 8.93 -27.76
N GLY H 117 2.14 8.03 -28.16
CA GLY H 117 3.54 8.36 -28.37
C GLY H 117 4.17 8.78 -27.05
N ASP H 118 4.60 10.04 -27.00
CA ASP H 118 5.18 10.64 -25.81
C ASP H 118 4.26 11.66 -25.15
N GLU H 119 3.03 11.79 -25.65
CA GLU H 119 2.01 12.61 -25.01
C GLU H 119 1.22 11.74 -24.04
N LYS H 120 1.17 12.17 -22.78
CA LYS H 120 0.30 11.58 -21.78
C LYS H 120 -1.13 11.96 -22.08
N ILE H 121 -2.01 10.97 -22.16
CA ILE H 121 -3.42 11.20 -22.41
C ILE H 121 -4.21 11.21 -21.11
N LEU H 122 -4.02 10.17 -20.31
CA LEU H 122 -4.70 10.01 -19.05
C LEU H 122 -3.79 9.30 -18.03
N GLU H 123 -3.98 9.66 -16.77
CA GLU H 123 -3.38 8.97 -15.66
C GLU H 123 -4.46 8.63 -14.66
N ALA H 124 -4.17 7.59 -13.89
CA ALA H 124 -5.19 6.94 -13.10
C ALA H 124 -4.57 6.28 -11.88
N GLU H 125 -5.38 6.19 -10.83
CA GLU H 125 -5.03 5.48 -9.62
C GLU H 125 -6.36 4.79 -9.25
N PHE H 126 -6.32 3.47 -9.03
CA PHE H 126 -7.54 2.70 -8.78
C PHE H 126 -7.27 1.49 -7.92
N VAL H 127 -8.34 0.97 -7.32
CA VAL H 127 -8.28 -0.12 -6.36
C VAL H 127 -9.17 -1.27 -6.82
N ARG H 128 -8.57 -2.46 -6.87
CA ARG H 128 -9.30 -3.70 -7.06
C ARG H 128 -9.35 -4.50 -5.78
N ALA H 129 -10.50 -5.15 -5.55
CA ALA H 129 -10.66 -6.12 -4.49
C ALA H 129 -10.59 -7.50 -5.09
N ILE H 130 -9.69 -8.32 -4.58
CA ILE H 130 -9.56 -9.70 -4.99
C ILE H 130 -10.55 -10.55 -4.22
N VAL H 131 -11.33 -11.32 -4.96
CA VAL H 131 -12.50 -12.04 -4.42
C VAL H 131 -12.67 -13.40 -5.12
N PRO H 132 -13.09 -14.44 -4.38
CA PRO H 132 -13.41 -15.69 -5.06
C PRO H 132 -14.56 -15.50 -6.05
N ARG H 133 -14.45 -16.12 -7.22
CA ARG H 133 -15.55 -16.10 -8.18
C ARG H 133 -16.87 -16.53 -7.51
N GLU H 134 -16.81 -17.60 -6.72
CA GLU H 134 -17.97 -18.13 -6.00
C GLU H 134 -18.65 -17.11 -5.09
N LYS H 135 -17.86 -16.22 -4.48
CA LYS H 135 -18.40 -15.18 -3.60
C LYS H 135 -19.17 -14.15 -4.40
N LEU H 136 -18.67 -13.87 -5.60
CA LEU H 136 -19.27 -12.85 -6.47
C LEU H 136 -20.57 -13.35 -7.06
N ARG H 137 -20.66 -14.66 -7.29
CA ARG H 137 -21.90 -15.28 -7.73
C ARG H 137 -22.95 -15.22 -6.63
N ARG H 138 -22.55 -15.52 -5.40
CA ARG H 138 -23.47 -15.45 -4.26
C ARG H 138 -23.97 -14.02 -4.05
N LEU H 139 -23.04 -13.07 -4.05
CA LEU H 139 -23.41 -11.65 -3.92
C LEU H 139 -24.41 -11.27 -5.02
N ALA H 140 -24.01 -11.49 -6.27
CA ALA H 140 -24.83 -11.13 -7.45
C ALA H 140 -26.24 -11.73 -7.43
N LEU H 141 -26.36 -12.98 -7.00
CA LEU H 141 -27.64 -13.67 -6.95
C LEU H 141 -28.45 -13.34 -5.69
N GLU H 142 -27.85 -12.60 -4.74
CA GLU H 142 -28.56 -12.16 -3.53
C GLU H 142 -29.52 -11.01 -3.85
C8 MLC I . 11.13 -29.13 19.63
N9 MLC I . 10.81 -29.75 20.82
C4 MLC I . 10.47 -30.99 20.61
C5 MLC I . 10.58 -31.17 19.15
N7 MLC I . 10.96 -30.00 18.60
N3 MLC I . 10.08 -32.02 21.40
C2 MLC I . 9.81 -33.21 20.84
N1 MLC I . 9.88 -33.44 19.52
C6 MLC I . 10.27 -32.50 18.64
N6 MLC I . 10.32 -32.71 17.31
C1' MLC I . 10.90 -29.12 22.15
C2' MLC I . 12.33 -29.16 22.71
O2' MLC I . 12.30 -29.87 23.94
C3' MLC I . 12.64 -27.80 23.26
O3' MLC I . 13.87 -27.14 23.07
C4' MLC I . 11.42 -26.95 22.84
O4' MLC I . 10.57 -27.77 22.06
C5' MLC I . 11.60 -25.60 22.18
O5' MLC I . 11.80 -25.70 20.80
P1 MLC I . 11.34 -24.54 19.82
O11 MLC I . 9.86 -24.71 19.73
O12 MLC I . 12.18 -24.73 18.58
O6 MLC I . 11.82 -23.27 20.70
P2 MLC I . 11.78 -21.74 20.20
O21 MLC I . 11.29 -21.75 18.79
O22 MLC I . 13.04 -21.07 20.61
O7 MLC I . 10.66 -21.09 21.15
CPB MLC I . 9.29 -21.44 21.08
CPA MLC I . 8.56 -20.76 22.23
CP7 MLC I . 8.58 -19.23 22.15
CP9 MLC I . 9.26 -21.16 23.52
CP8 MLC I . 7.14 -21.32 22.18
OP3 MLC I . 8.31 -18.84 20.80
CP6 MLC I . 7.60 -18.54 23.10
OP2 MLC I . 7.66 -18.63 24.29
NP2 MLC I . 6.63 -17.84 22.53
CP5 MLC I . 5.51 -17.26 23.21
CP4 MLC I . 4.40 -18.30 23.27
CP3 MLC I . 3.36 -17.86 24.27
OP1 MLC I . 3.74 -17.40 25.32
NP1 MLC I . 2.08 -17.99 23.94
CP2 MLC I . 1.00 -17.60 24.86
CP1 MLC I . 0.23 -18.77 25.46
S MLC I . -0.88 -19.62 24.40
P3 MLC I . 15.47 -27.46 22.96
O31 MLC I . 15.69 -26.36 21.91
O32 MLC I . 15.70 -28.83 22.47
O33 MLC I . 16.13 -27.15 24.26
CM1 MLC I . -2.28 -18.57 24.37
CM2 MLC I . -3.71 -18.71 23.74
CM3 MLC I . -4.46 -17.35 23.43
OM2 MLC I . -2.16 -17.49 24.99
OM3 MLC I . -4.14 -16.64 22.41
OM4 MLC I . -5.40 -16.80 24.05
C8 MLC J . -15.47 2.78 2.07
N9 MLC J . -16.01 3.64 2.97
C4 MLC J . -15.45 4.85 2.83
C5 MLC J . -14.47 4.69 1.74
N7 MLC J . -14.53 3.41 1.32
N3 MLC J . -15.58 6.07 3.42
C2 MLC J . -14.83 7.12 3.04
N1 MLC J . -13.91 7.03 2.04
C6 MLC J . -13.67 5.89 1.37
N6 MLC J . -12.75 5.81 0.38
C1' MLC J . -17.08 3.27 3.94
C2' MLC J . -18.49 3.40 3.39
O2' MLC J . -19.29 4.39 4.04
C3' MLC J . -19.16 2.06 3.62
O3' MLC J . -19.44 1.47 2.37
C4' MLC J . -18.16 1.25 4.43
O4' MLC J . -16.91 1.88 4.24
C5' MLC J . -18.03 -0.22 4.08
O5' MLC J . -17.04 -0.35 3.06
P1 MLC J . -16.14 -1.67 2.96
O11 MLC J . -15.18 -1.58 4.12
O12 MLC J . -15.58 -1.73 1.55
O6 MLC J . -17.22 -2.86 3.18
P2 MLC J . -16.85 -4.40 3.52
O21 MLC J . -15.39 -4.61 3.21
O22 MLC J . -17.88 -5.29 2.88
O7 MLC J . -17.08 -4.56 5.11
CPB MLC J . -16.30 -3.82 6.05
CPA MLC J . -16.80 -4.11 7.44
CP7 MLC J . -16.82 -5.62 7.74
CP9 MLC J . -18.21 -3.55 7.58
CP8 MLC J . -15.84 -3.35 8.36
OP3 MLC J . -15.61 -6.20 7.28
CP6 MLC J . -17.05 -5.95 9.21
OP2 MLC J . -18.06 -5.55 9.76
NP2 MLC J . -16.11 -6.66 9.85
CP5 MLC J . -16.17 -6.99 11.25
CP4 MLC J . -15.30 -6.01 11.99
CP3 MLC J . -15.44 -6.07 13.49
OP1 MLC J . -16.55 -6.23 14.01
NP1 MLC J . -14.31 -5.89 14.19
CP2 MLC J . -14.24 -5.84 15.64
CP1 MLC J . -14.12 -4.41 16.16
S MLC J . -12.48 -3.77 16.32
P3 MLC J . -20.84 1.69 1.59
O31 MLC J . -20.64 0.70 0.47
O32 MLC J . -20.82 3.16 1.23
O33 MLC J . -21.94 1.25 2.55
CM1 MLC J . -11.70 -4.63 17.62
CM2 MLC J . -10.30 -4.43 18.26
CM3 MLC J . -9.76 -5.68 19.10
OM2 MLC J . -12.36 -5.51 18.14
OM3 MLC J . -9.30 -6.71 18.58
OM4 MLC J . -9.75 -5.75 20.35
C8 MLC K . 10.44 -15.77 11.05
N9 MLC K . 11.13 -14.89 10.32
C4 MLC K . 10.43 -14.54 9.26
C5 MLC K . 9.19 -15.31 9.36
N7 MLC K . 9.26 -16.03 10.49
N3 MLC K . 10.64 -13.71 8.19
C2 MLC K . 9.69 -13.56 7.22
N1 MLC K . 8.51 -14.22 7.26
C6 MLC K . 8.19 -15.07 8.28
N6 MLC K . 7.02 -15.73 8.31
C1' MLC K . 12.51 -14.39 10.59
C2' MLC K . 12.70 -13.29 11.61
O2' MLC K . 13.41 -12.21 11.01
C3' MLC K . 13.63 -13.82 12.67
O3' MLC K . 12.99 -13.90 13.94
C4' MLC K . 14.10 -15.15 12.12
O4' MLC K . 13.22 -15.53 11.07
C5' MLC K . 14.21 -16.27 13.15
O5' MLC K . 12.92 -16.81 13.34
P1 MLC K . 12.71 -18.27 13.94
O11 MLC K . 13.02 -19.32 12.92
O12 MLC K . 11.31 -18.23 14.52
O6 MLC K . 13.91 -18.22 15.00
P2 MLC K . 14.42 -19.38 15.96
O21 MLC K . 13.46 -20.52 15.94
O22 MLC K . 14.80 -18.74 17.25
O7 MLC K . 15.83 -19.86 15.36
CPB MLC K . 15.93 -20.74 14.25
CPA MLC K . 17.39 -20.87 13.83
CP7 MLC K . 18.18 -21.73 14.81
CP9 MLC K . 18.03 -19.50 13.77
CP8 MLC K . 17.38 -21.48 12.43
OP3 MLC K . 17.36 -22.83 15.18
CP6 MLC K . 19.49 -22.24 14.26
OP2 MLC K . 20.43 -21.47 14.10
NP2 MLC K . 19.56 -23.54 13.98
CP5 MLC K . 20.77 -24.15 13.47
CP4 MLC K . 20.66 -24.48 11.99
CP3 MLC K . 22.02 -24.78 11.38
OP1 MLC K . 23.00 -24.10 11.67
NP1 MLC K . 22.05 -25.77 10.49
CP2 MLC K . 23.19 -26.11 9.65
CP1 MLC K . 23.13 -25.41 8.28
S MLC K . 22.19 -26.29 7.04
P3 MLC K . 12.92 -12.67 14.98
O31 MLC K . 12.61 -13.43 16.23
O32 MLC K . 11.79 -11.80 14.48
O33 MLC K . 14.27 -12.00 14.89
CM1 MLC K . 23.02 -27.78 6.73
CM2 MLC K . 22.81 -28.92 5.67
CM3 MLC K . 23.38 -30.38 5.95
OM2 MLC K . 23.98 -27.96 7.46
OM3 MLC K . 22.78 -31.22 6.67
OM4 MLC K . 24.45 -30.88 5.49
CL CL L . 14.78 -41.81 26.91
C8 MLC M . 19.37 -60.37 14.32
N9 MLC M . 20.68 -60.73 14.29
C4 MLC M . 21.11 -60.96 15.54
C5 MLC M . 19.93 -60.74 16.41
N7 MLC M . 18.91 -60.38 15.60
N3 MLC M . 22.29 -61.33 16.10
C2 MLC M . 22.40 -61.49 17.43
N1 MLC M . 21.36 -61.31 18.29
C6 MLC M . 20.12 -60.93 17.87
N6 MLC M . 19.08 -60.74 18.73
C1' MLC M . 21.55 -60.84 13.07
C2' MLC M . 21.05 -61.91 12.11
O2' MLC M . 21.74 -63.16 12.29
C3' MLC M . 21.30 -61.34 10.72
O3' MLC M . 20.24 -61.60 9.80
C4' MLC M . 21.52 -59.84 10.94
O4' MLC M . 21.56 -59.61 12.35
C5' MLC M . 20.45 -58.98 10.30
O5' MLC M . 19.23 -59.14 11.01
P1 MLC M . 18.14 -57.96 10.96
O11 MLC M . 18.83 -56.76 11.60
O12 MLC M . 16.83 -58.50 11.53
O6 MLC M . 18.04 -57.75 9.36
P2 MLC M . 17.16 -56.64 8.60
O21 MLC M . 16.20 -55.95 9.56
O22 MLC M . 16.59 -57.30 7.35
O7 MLC M . 18.22 -55.55 8.05
CPB MLC M . 19.11 -54.84 8.90
CPA MLC M . 20.16 -54.14 8.09
CP7 MLC M . 19.58 -53.16 7.04
CP9 MLC M . 21.00 -55.21 7.40
CP8 MLC M . 21.03 -53.41 9.09
OP3 MLC M . 18.57 -52.38 7.66
CP6 MLC M . 20.64 -52.25 6.43
OP2 MLC M . 21.60 -52.74 5.90
NP2 MLC M . 20.51 -50.92 6.50
CP5 MLC M . 21.51 -50.00 5.96
CP4 MLC M . 22.56 -49.75 7.01
CP3 MLC M . 23.75 -48.94 6.52
OP1 MLC M . 24.28 -49.22 5.45
NP1 MLC M . 24.15 -47.98 7.36
CP2 MLC M . 25.32 -47.11 7.18
CP1 MLC M . 26.49 -47.58 8.06
S MLC M . 26.63 -46.80 9.66
P3 MLC M . 19.93 -63.05 9.17
O31 MLC M . 19.12 -62.71 7.94
O32 MLC M . 19.16 -63.76 10.27
O33 MLC M . 21.29 -63.65 8.88
CM1 MLC M . 27.02 -45.16 9.39
CM2 MLC M . 27.39 -44.06 10.44
CM3 MLC M . 27.29 -42.57 9.93
OM2 MLC M . 27.08 -44.83 8.24
OM3 MLC M . 26.18 -41.98 9.85
OM4 MLC M . 28.25 -41.85 9.54
C8 MLC N . -3.01 18.84 -12.28
N9 MLC N . -1.83 18.67 -11.66
C4 MLC N . -2.06 18.19 -10.43
C5 MLC N . -3.52 18.06 -10.32
N7 MLC N . -4.03 18.48 -11.48
N3 MLC N . -1.30 17.84 -9.35
C2 MLC N . -1.87 17.37 -8.22
N1 MLC N . -3.20 17.23 -8.06
C6 MLC N . -4.08 17.55 -9.06
N6 MLC N . -5.42 17.41 -8.93
C1' MLC N . -0.51 18.99 -12.25
C2' MLC N . -0.08 17.98 -13.31
O2' MLC N . 0.80 17.00 -12.77
C3' MLC N . 0.64 18.81 -14.36
O3' MLC N . 0.53 18.40 -15.74
C4' MLC N . 0.11 20.24 -14.15
O4' MLC N . -0.62 20.25 -12.93
C5' MLC N . -0.76 20.79 -15.28
O5' MLC N . -2.13 20.88 -14.88
P1 MLC N . -3.11 22.02 -15.47
O11 MLC N . -3.09 23.20 -14.53
O12 MLC N . -4.44 21.40 -15.87
O6 MLC N . -2.35 22.42 -16.84
P2 MLC N . -2.87 23.58 -17.83
O21 MLC N . -4.26 24.01 -17.40
O22 MLC N . -2.63 23.10 -19.23
O7 MLC N . -1.83 24.78 -17.56
CPB MLC N . -1.72 25.48 -16.33
CPA MLC N . -0.49 26.38 -16.35
CP7 MLC N . -0.61 27.46 -17.44
CP9 MLC N . 0.72 25.49 -16.57
CP8 MLC N . -0.37 27.05 -14.99
OP3 MLC N . -1.86 28.14 -17.25
CP6 MLC N . 0.55 28.44 -17.45
OP2 MLC N . 1.71 28.02 -17.56
NP2 MLC N . 0.27 29.73 -17.30
CP5 MLC N . 1.28 30.76 -17.09
CP4 MLC N . 1.26 31.12 -15.60
CP3 MLC N . 2.35 32.11 -15.20
OP1 MLC N . 3.43 32.13 -15.78
NP1 MLC N . 2.01 32.91 -14.15
CP2 MLC N . 2.90 33.91 -13.58
CP1 MLC N . 3.38 33.53 -12.18
S MLC N . 2.35 34.07 -10.84
P3 MLC N . -0.08 17.05 -16.40
O31 MLC N . -1.51 17.44 -16.67
O32 MLC N . 0.13 15.93 -15.41
O33 MLC N . 0.74 16.89 -17.66
CM1 MLC N . 2.53 35.75 -10.78
CM2 MLC N . 1.92 36.59 -9.68
CM3 MLC N . 1.85 38.10 -10.00
OM2 MLC N . 3.20 36.29 -11.64
OM3 MLC N . 0.86 38.57 -10.59
OM4 MLC N . 2.78 38.85 -9.67
CL CL O . -6.42 43.19 -29.89
C8 MLC P . -18.14 61.64 -15.07
N9 MLC P . -17.27 62.48 -15.67
C4 MLC P . -17.61 62.63 -16.94
C5 MLC P . -18.81 61.81 -17.12
N7 MLC P . -19.09 61.24 -15.94
N3 MLC P . -17.14 63.33 -17.99
C2 MLC P . -17.74 63.27 -19.19
N1 MLC P . -18.84 62.52 -19.43
C6 MLC P . -19.42 61.79 -18.46
N6 MLC P . -20.52 61.05 -18.64
C1' MLC P . -16.11 63.13 -15.05
C2' MLC P . -16.53 64.29 -14.18
O2' MLC P . -15.87 65.42 -14.75
C3' MLC P . -15.98 64.02 -12.80
O3' MLC P . -16.97 63.94 -11.79
C4' MLC P . -15.21 62.71 -12.91
O4' MLC P . -15.39 62.21 -14.23
C5' MLC P . -15.57 61.63 -11.88
O5' MLC P . -16.84 61.05 -12.13
P1 MLC P . -17.05 59.45 -12.14
O11 MLC P . -16.13 58.86 -13.17
O12 MLC P . -18.55 59.20 -12.23
O6 MLC P . -16.61 59.04 -10.62
P2 MLC P . -16.64 57.60 -9.85
O21 MLC P . -17.12 56.47 -10.72
O22 MLC P . -17.29 57.73 -8.49
O7 MLC P . -15.08 57.36 -9.60
CPB MLC P . -14.17 57.25 -10.68
CPA MLC P . -12.74 57.26 -10.18
CP7 MLC P . -12.45 56.19 -9.12
CP9 MLC P . -12.47 58.66 -9.62
CP8 MLC P . -11.85 57.00 -11.40
OP3 MLC P . -12.97 54.95 -9.57
CP6 MLC P . -10.98 56.01 -8.88
OP2 MLC P . -10.30 56.96 -8.58
NP2 MLC P . -10.46 54.79 -9.03
CP5 MLC P . -9.06 54.45 -8.92
CP4 MLC P . -8.37 54.55 -10.26
CP3 MLC P . -6.86 54.46 -10.15
OP1 MLC P . -6.26 55.08 -9.27
NP1 MLC P . -6.22 53.74 -11.08
CP2 MLC P . -4.79 53.58 -11.17
CP1 MLC P . -4.17 54.53 -12.18
S MLC P . -4.11 53.82 -13.79
P3 MLC P . -17.75 65.20 -11.15
O31 MLC P . -18.96 64.45 -10.66
O32 MLC P . -18.02 66.18 -12.26
O33 MLC P . -16.90 65.74 -10.03
CM1 MLC P . -2.97 52.54 -13.77
CM2 MLC P . -2.46 51.71 -14.95
CM3 MLC P . -1.50 50.54 -14.55
OM2 MLC P . -2.46 52.26 -12.71
OM3 MLC P . -1.91 49.40 -14.14
OM4 MLC P . -0.26 50.70 -14.63
C8 MLC Q . -10.72 29.00 -20.60
N9 MLC Q . -11.56 29.08 -21.65
C4 MLC Q . -12.60 29.84 -21.32
C5 MLC Q . -12.35 30.27 -19.93
N7 MLC Q . -11.18 29.72 -19.55
N3 MLC Q . -13.72 30.26 -21.94
C2 MLC Q . -14.61 31.08 -21.31
N1 MLC Q . -14.45 31.51 -20.03
C6 MLC Q . -13.36 31.16 -19.31
N6 MLC Q . -13.20 31.59 -18.04
C1' MLC Q . -11.38 28.39 -22.93
C2' MLC Q . -10.39 29.06 -23.86
O2' MLC Q . -11.04 29.46 -25.07
C3' MLC Q . -9.37 28.00 -24.22
O3' MLC Q . -8.08 28.40 -23.76
C4' MLC Q . -9.86 26.71 -23.55
O4' MLC Q . -10.87 27.08 -22.63
C5' MLC Q . -8.79 25.91 -22.83
O5' MLC Q . -8.77 26.36 -21.49
P1 MLC Q . -8.26 25.47 -20.26
O11 MLC Q . -9.39 24.58 -19.77
O12 MLC Q . -7.57 26.40 -19.30
O6 MLC Q . -7.16 24.62 -21.10
P2 MLC Q . -6.35 23.32 -20.54
O21 MLC Q . -6.62 23.19 -19.06
O22 MLC Q . -4.92 23.39 -21.02
O7 MLC Q . -7.06 22.14 -21.37
CPB MLC Q . -8.40 21.76 -21.11
CPA MLC Q . -8.81 20.60 -22.02
CP7 MLC Q . -7.78 19.44 -21.98
CP9 MLC Q . -8.93 21.16 -23.42
CP8 MLC Q . -10.18 20.14 -21.53
OP3 MLC Q . -7.44 19.11 -20.63
CP6 MLC Q . -8.31 18.21 -22.65
OP2 MLC Q . -8.31 18.17 -23.86
NP2 MLC Q . -8.77 17.19 -21.90
CP5 MLC Q . -9.29 15.97 -22.51
CP4 MLC Q . -10.77 15.85 -22.19
CP3 MLC Q . -11.50 14.81 -23.01
OP1 MLC Q . -11.16 14.64 -24.17
NP1 MLC Q . -12.54 14.19 -22.43
CP2 MLC Q . -13.40 13.22 -23.11
CP1 MLC Q . -14.78 13.80 -23.48
S MLC Q . -15.95 13.82 -22.14
P3 MLC Q . -7.13 29.38 -24.62
O31 MLC Q . -5.82 29.15 -23.92
O32 MLC Q . -7.72 30.75 -24.47
O33 MLC Q . -7.21 28.83 -26.03
CM1 MLC Q . -16.48 12.22 -21.91
CM2 MLC Q . -17.60 11.61 -21.02
CM3 MLC Q . -17.35 10.13 -20.55
OM2 MLC Q . -15.89 11.43 -22.61
OM3 MLC Q . -16.64 9.91 -19.57
OM4 MLC Q . -17.82 9.07 -21.08
C8 MLC R . -11.12 -10.89 1.44
N9 MLC R . -11.17 -11.96 0.62
C4 MLC R . -9.95 -12.53 0.59
C5 MLC R . -9.11 -11.73 1.50
N7 MLC R . -9.89 -10.74 1.98
N3 MLC R . -9.40 -13.60 -0.03
C2 MLC R . -8.11 -13.94 0.17
N1 MLC R . -7.28 -13.23 0.97
C6 MLC R . -7.69 -12.14 1.66
N6 MLC R . -6.86 -11.44 2.49
C1' MLC R . -12.36 -12.41 -0.15
C2' MLC R . -13.36 -13.19 0.71
O2' MLC R . -13.45 -14.55 0.29
C3' MLC R . -14.71 -12.51 0.56
O3' MLC R . -15.21 -12.08 1.84
C4' MLC R . -14.47 -11.36 -0.43
O4' MLC R . -13.06 -11.28 -0.68
C5' MLC R . -15.02 -9.99 0.00
O5' MLC R . -14.08 -9.23 0.76
P1 MLC R . -14.10 -7.61 0.77
O11 MLC R . -13.10 -7.10 -0.24
O12 MLC R . -14.07 -7.07 2.19
O6 MLC R . -15.60 -7.47 0.19
P2 MLC R . -16.69 -6.29 0.40
O21 MLC R . -15.98 -5.01 0.78
O22 MLC R . -17.84 -6.87 1.20
O7 MLC R . -17.21 -6.08 -1.12
CPB MLC R . -16.23 -5.84 -2.14
CPA MLC R . -16.88 -5.98 -3.49
CP7 MLC R . -17.87 -4.84 -3.72
CP9 MLC R . -17.56 -7.35 -3.57
CP8 MLC R . -15.75 -5.94 -4.51
OP3 MLC R . -17.23 -3.59 -3.43
CP6 MLC R . -18.44 -4.84 -5.13
OP2 MLC R . -19.23 -5.73 -5.44
NP2 MLC R . -18.07 -3.86 -5.98
CP5 MLC R . -18.70 -3.63 -7.28
CP4 MLC R . -18.63 -4.78 -8.29
CP3 MLC R . -17.90 -4.36 -9.54
OP1 MLC R . -16.95 -3.58 -9.46
NP1 MLC R . -18.29 -4.89 -10.72
CP2 MLC R . -17.60 -4.49 -11.97
CP1 MLC R . -16.28 -5.22 -12.17
S MLC R . -14.82 -4.24 -12.48
P3 MLC R . -16.03 -13.03 2.87
O31 MLC R . -16.93 -12.06 3.61
O32 MLC R . -14.96 -13.66 3.74
O33 MLC R . -16.75 -14.04 2.02
CM1 MLC R . -15.09 -3.47 -13.96
CM2 MLC R . -13.96 -2.96 -14.87
CM3 MLC R . -14.34 -1.85 -15.87
OM2 MLC R . -16.25 -3.35 -14.28
OM3 MLC R . -14.47 -0.68 -15.48
OM4 MLC R . -14.53 -2.09 -17.10
#